data_1WJ2
#
_entry.id   1WJ2
#
loop_
_entity.id
_entity.type
_entity.pdbx_description
1 polymer 'Probable WRKY transcription factor 4'
2 non-polymer 'ZINC ION'
#
_entity_poly.entity_id   1
_entity_poly.type   'polypeptide(L)'
_entity_poly.pdbx_seq_one_letter_code
;GSSGSSGVQTTSEVDLLDDGYRWRKYGQKVVKGNPYPRSYYKCTTPGCGVRKHVERAATDPKAVVTTYEGKHNHDLPA
;
_entity_poly.pdbx_strand_id   A
#
# COMPACT_ATOMS: atom_id res chain seq x y z
N VAL A 8 -16.95 1.26 24.49
CA VAL A 8 -17.28 1.61 23.08
C VAL A 8 -16.19 2.46 22.45
N GLN A 9 -15.59 1.94 21.39
CA GLN A 9 -14.51 2.64 20.69
C GLN A 9 -14.52 2.31 19.20
N THR A 10 -15.44 2.93 18.47
CA THR A 10 -15.55 2.70 17.03
C THR A 10 -15.70 4.02 16.27
N THR A 11 -15.13 5.09 16.83
CA THR A 11 -15.22 6.40 16.21
C THR A 11 -13.89 7.16 16.35
N SER A 12 -12.79 6.44 16.22
CA SER A 12 -11.47 7.04 16.33
C SER A 12 -10.73 7.00 15.00
N GLU A 13 -10.36 8.18 14.51
CA GLU A 13 -9.65 8.29 13.23
C GLU A 13 -8.14 8.16 13.43
N VAL A 14 -7.53 7.22 12.72
CA VAL A 14 -6.10 7.00 12.81
C VAL A 14 -5.33 7.86 11.80
N ASP A 15 -4.02 7.74 11.82
CA ASP A 15 -3.17 8.51 10.91
C ASP A 15 -2.32 7.58 10.04
N LEU A 16 -2.43 7.76 8.73
CA LEU A 16 -1.67 6.94 7.78
C LEU A 16 -0.21 7.37 7.72
N LEU A 17 0.68 6.43 7.99
CA LEU A 17 2.12 6.71 7.97
C LEU A 17 2.57 7.12 6.57
N ASP A 18 2.56 8.42 6.31
CA ASP A 18 2.97 8.95 5.01
C ASP A 18 4.42 8.58 4.72
N ASP A 19 4.72 8.36 3.44
CA ASP A 19 6.07 8.00 3.02
C ASP A 19 6.40 8.60 1.66
N GLY A 20 5.81 9.77 1.38
CA GLY A 20 6.05 10.43 0.11
C GLY A 20 4.77 10.80 -0.61
N TYR A 21 4.04 9.79 -1.08
CA TYR A 21 2.80 10.01 -1.78
C TYR A 21 1.60 9.76 -0.87
N ARG A 22 0.52 10.51 -1.09
CA ARG A 22 -0.68 10.37 -0.28
C ARG A 22 -1.51 9.17 -0.74
N TRP A 23 -1.36 8.05 -0.05
CA TRP A 23 -2.10 6.84 -0.39
C TRP A 23 -3.32 6.68 0.50
N ARG A 24 -4.38 6.09 -0.06
CA ARG A 24 -5.62 5.88 0.68
C ARG A 24 -6.04 4.42 0.61
N LYS A 25 -6.54 3.89 1.74
CA LYS A 25 -6.98 2.51 1.80
C LYS A 25 -8.44 2.38 1.39
N TYR A 26 -8.70 1.51 0.42
CA TYR A 26 -10.06 1.29 -0.06
C TYR A 26 -10.55 -0.10 0.31
N GLY A 27 -9.65 -1.07 0.31
CA GLY A 27 -10.01 -2.43 0.65
C GLY A 27 -8.80 -3.33 0.83
N GLN A 28 -8.92 -4.32 1.71
CA GLN A 28 -7.83 -5.25 1.98
C GLN A 28 -8.29 -6.70 1.76
N LYS A 29 -7.34 -7.60 1.65
CA LYS A 29 -7.64 -9.02 1.44
C LYS A 29 -6.86 -9.89 2.42
N VAL A 30 -7.49 -10.97 2.87
CA VAL A 30 -6.86 -11.89 3.81
C VAL A 30 -6.64 -13.25 3.18
N VAL A 31 -5.62 -13.96 3.64
CA VAL A 31 -5.31 -15.29 3.12
C VAL A 31 -4.92 -16.24 4.24
N LYS A 32 -5.54 -17.42 4.25
CA LYS A 32 -5.26 -18.42 5.27
C LYS A 32 -3.84 -18.96 5.13
N GLY A 33 -3.37 -19.05 3.89
CA GLY A 33 -2.03 -19.56 3.65
C GLY A 33 -0.95 -18.55 4.01
N ASN A 34 -1.35 -17.30 4.22
CA ASN A 34 -0.40 -16.25 4.57
C ASN A 34 -0.69 -15.71 5.97
N PRO A 35 0.36 -15.52 6.79
CA PRO A 35 0.22 -15.00 8.15
C PRO A 35 -0.08 -13.51 8.18
N TYR A 36 0.37 -12.81 7.14
CA TYR A 36 0.16 -11.36 7.06
C TYR A 36 -0.96 -11.04 6.06
N PRO A 37 -1.80 -10.04 6.37
CA PRO A 37 -2.89 -9.64 5.49
C PRO A 37 -2.43 -8.81 4.30
N ARG A 38 -3.31 -8.64 3.32
CA ARG A 38 -2.98 -7.88 2.12
C ARG A 38 -3.66 -6.51 2.15
N SER A 39 -2.86 -5.46 2.25
CA SER A 39 -3.38 -4.10 2.28
C SER A 39 -3.20 -3.41 0.93
N TYR A 40 -4.29 -2.89 0.39
CA TYR A 40 -4.25 -2.20 -0.90
C TYR A 40 -4.53 -0.71 -0.73
N TYR A 41 -3.72 0.11 -1.39
CA TYR A 41 -3.88 1.56 -1.32
C TYR A 41 -3.93 2.18 -2.71
N LYS A 42 -3.96 3.51 -2.77
CA LYS A 42 -4.00 4.22 -4.03
C LYS A 42 -3.73 5.71 -3.84
N CYS A 43 -2.78 6.24 -4.61
CA CYS A 43 -2.44 7.65 -4.52
C CYS A 43 -3.61 8.53 -4.94
N THR A 44 -4.33 9.04 -3.95
CA THR A 44 -5.49 9.90 -4.22
C THR A 44 -5.11 11.37 -4.17
N THR A 45 -4.33 11.81 -5.16
CA THR A 45 -3.90 13.20 -5.23
C THR A 45 -4.76 13.98 -6.22
N PRO A 46 -4.71 15.33 -6.16
CA PRO A 46 -5.49 16.19 -7.06
C PRO A 46 -5.25 15.84 -8.53
N GLY A 47 -6.09 14.95 -9.06
CA GLY A 47 -5.96 14.55 -10.45
C GLY A 47 -5.24 13.23 -10.60
N CYS A 48 -4.37 12.91 -9.64
CA CYS A 48 -3.61 11.66 -9.68
C CYS A 48 -4.44 10.51 -9.10
N GLY A 49 -4.58 9.44 -9.88
CA GLY A 49 -5.34 8.29 -9.43
C GLY A 49 -4.57 7.00 -9.58
N VAL A 50 -3.45 6.88 -8.86
CA VAL A 50 -2.63 5.69 -8.92
C VAL A 50 -3.07 4.66 -7.88
N ARG A 51 -2.96 3.38 -8.22
CA ARG A 51 -3.35 2.31 -7.32
C ARG A 51 -2.20 1.33 -7.12
N LYS A 52 -1.81 1.13 -5.86
CA LYS A 52 -0.72 0.21 -5.55
C LYS A 52 -1.21 -0.92 -4.65
N HIS A 53 -0.57 -2.08 -4.76
CA HIS A 53 -0.93 -3.25 -3.97
C HIS A 53 0.24 -3.69 -3.10
N VAL A 54 -0.01 -3.78 -1.79
CA VAL A 54 1.02 -4.19 -0.84
C VAL A 54 0.81 -5.63 -0.40
N GLU A 55 1.52 -6.56 -1.04
CA GLU A 55 1.41 -7.98 -0.71
C GLU A 55 2.74 -8.53 -0.21
N ARG A 56 2.67 -9.50 0.70
CA ARG A 56 3.88 -10.11 1.24
C ARG A 56 3.95 -11.59 0.89
N ALA A 57 5.01 -11.98 0.21
CA ALA A 57 5.20 -13.37 -0.19
C ALA A 57 5.58 -14.24 1.01
N ALA A 58 4.67 -15.12 1.40
CA ALA A 58 4.89 -16.02 2.52
C ALA A 58 5.76 -17.20 2.12
N THR A 59 5.38 -17.88 1.05
CA THR A 59 6.12 -19.03 0.56
C THR A 59 7.58 -18.68 0.32
N ASP A 60 7.83 -17.43 -0.04
CA ASP A 60 9.19 -16.96 -0.31
C ASP A 60 9.82 -16.42 0.98
N PRO A 61 11.17 -16.37 1.03
CA PRO A 61 11.88 -15.87 2.20
C PRO A 61 11.67 -14.38 2.43
N LYS A 62 10.43 -14.01 2.74
CA LYS A 62 10.07 -12.61 2.98
C LYS A 62 10.24 -11.79 1.71
N ALA A 63 9.27 -11.91 0.80
CA ALA A 63 9.31 -11.17 -0.45
C ALA A 63 8.21 -10.11 -0.51
N VAL A 64 8.61 -8.85 -0.54
CA VAL A 64 7.67 -7.74 -0.59
C VAL A 64 7.34 -7.37 -2.04
N VAL A 65 6.30 -7.98 -2.58
CA VAL A 65 5.89 -7.70 -3.95
C VAL A 65 4.88 -6.55 -4.00
N THR A 66 5.29 -5.45 -4.62
CA THR A 66 4.43 -4.28 -4.75
C THR A 66 4.19 -3.92 -6.21
N THR A 67 2.93 -3.81 -6.58
CA THR A 67 2.55 -3.47 -7.95
C THR A 67 1.99 -2.06 -8.04
N TYR A 68 2.67 -1.20 -8.81
CA TYR A 68 2.24 0.17 -8.98
C TYR A 68 1.45 0.35 -10.26
N GLU A 69 0.12 0.37 -10.14
CA GLU A 69 -0.75 0.52 -11.31
C GLU A 69 -1.00 2.00 -11.60
N GLY A 70 -0.29 2.53 -12.59
CA GLY A 70 -0.45 3.93 -12.95
C GLY A 70 0.80 4.74 -12.71
N LYS A 71 0.85 5.94 -13.27
CA LYS A 71 2.00 6.83 -13.12
C LYS A 71 1.59 8.16 -12.51
N HIS A 72 2.44 8.70 -11.64
CA HIS A 72 2.16 9.98 -10.99
C HIS A 72 2.16 11.11 -12.01
N ASN A 73 1.45 12.19 -11.69
CA ASN A 73 1.38 13.35 -12.58
C ASN A 73 1.32 14.65 -11.77
N HIS A 74 1.94 14.65 -10.61
CA HIS A 74 1.96 15.82 -9.74
C HIS A 74 3.33 16.02 -9.09
N ASP A 75 4.34 15.36 -9.64
CA ASP A 75 5.69 15.46 -9.11
C ASP A 75 5.75 15.04 -7.64
N LEU A 76 6.94 15.03 -7.08
CA LEU A 76 7.12 14.66 -5.67
C LEU A 76 6.85 15.85 -4.75
N PRO A 77 5.97 15.68 -3.76
CA PRO A 77 5.64 16.75 -2.81
C PRO A 77 6.88 17.36 -2.16
N ALA A 78 6.68 18.43 -1.41
CA ALA A 78 7.79 19.10 -0.73
C ALA A 78 7.88 18.67 0.73
N VAL A 8 0.74 9.98 32.01
CA VAL A 8 1.54 9.43 30.89
C VAL A 8 0.64 9.05 29.71
N GLN A 9 1.19 9.14 28.51
CA GLN A 9 0.45 8.81 27.31
C GLN A 9 1.39 8.43 26.17
N THR A 10 1.04 7.37 25.45
CA THR A 10 1.85 6.90 24.34
C THR A 10 1.03 6.04 23.38
N THR A 11 0.72 6.60 22.22
CA THR A 11 -0.06 5.89 21.21
C THR A 11 0.20 6.45 19.82
N SER A 12 1.10 5.81 19.08
CA SER A 12 1.44 6.25 17.73
C SER A 12 1.48 5.06 16.78
N GLU A 13 0.34 4.77 16.16
CA GLU A 13 0.26 3.66 15.22
C GLU A 13 0.36 4.16 13.78
N VAL A 14 1.55 4.04 13.20
CA VAL A 14 1.79 4.48 11.83
C VAL A 14 1.69 3.32 10.86
N ASP A 15 0.71 3.38 9.95
CA ASP A 15 0.51 2.33 8.98
C ASP A 15 0.89 2.82 7.57
N LEU A 16 0.69 4.11 7.33
CA LEU A 16 1.00 4.70 6.04
C LEU A 16 2.35 5.40 6.07
N LEU A 17 3.27 4.92 5.24
CA LEU A 17 4.62 5.50 5.18
C LEU A 17 4.74 6.45 4.00
N ASP A 18 4.79 7.75 4.29
CA ASP A 18 4.92 8.77 3.26
C ASP A 18 6.37 9.00 2.89
N ASP A 19 6.64 9.20 1.61
CA ASP A 19 8.00 9.43 1.13
C ASP A 19 7.98 9.98 -0.29
N GLY A 20 6.98 10.79 -0.60
CA GLY A 20 6.87 11.38 -1.92
C GLY A 20 5.43 11.59 -2.35
N TYR A 21 4.71 10.49 -2.56
CA TYR A 21 3.31 10.56 -2.97
C TYR A 21 2.38 10.25 -1.80
N ARG A 22 1.19 10.84 -1.83
CA ARG A 22 0.21 10.63 -0.78
C ARG A 22 -0.72 9.47 -1.11
N TRP A 23 -0.59 8.37 -0.38
CA TRP A 23 -1.42 7.20 -0.61
C TRP A 23 -2.44 7.02 0.51
N ARG A 24 -3.44 6.17 0.27
CA ARG A 24 -4.48 5.91 1.26
C ARG A 24 -5.08 4.53 1.07
N LYS A 25 -5.43 3.88 2.17
CA LYS A 25 -6.01 2.54 2.12
C LYS A 25 -7.46 2.59 1.63
N TYR A 26 -7.95 1.47 1.13
CA TYR A 26 -9.32 1.39 0.63
C TYR A 26 -9.84 -0.04 0.68
N GLY A 27 -9.01 -0.98 0.20
CA GLY A 27 -9.41 -2.37 0.20
C GLY A 27 -8.35 -3.27 0.84
N GLN A 28 -8.74 -4.50 1.14
CA GLN A 28 -7.84 -5.46 1.76
C GLN A 28 -8.33 -6.89 1.55
N LYS A 29 -7.48 -7.71 0.92
CA LYS A 29 -7.83 -9.10 0.65
C LYS A 29 -7.17 -10.04 1.66
N VAL A 30 -7.83 -11.15 1.96
CA VAL A 30 -7.31 -12.13 2.91
C VAL A 30 -6.95 -13.43 2.21
N VAL A 31 -5.98 -14.15 2.78
CA VAL A 31 -5.54 -15.42 2.22
C VAL A 31 -5.47 -16.50 3.29
N LYS A 32 -6.10 -17.64 3.01
CA LYS A 32 -6.11 -18.76 3.96
C LYS A 32 -4.71 -19.34 4.13
N GLY A 33 -4.32 -19.56 5.37
CA GLY A 33 -3.01 -20.10 5.66
C GLY A 33 -1.96 -19.03 5.88
N ASN A 34 -1.84 -18.12 4.93
CA ASN A 34 -0.87 -17.02 5.04
C ASN A 34 -1.23 -16.09 6.19
N PRO A 35 -0.34 -15.94 7.19
CA PRO A 35 -0.58 -15.08 8.34
C PRO A 35 -0.36 -13.59 8.02
N TYR A 36 0.01 -13.31 6.77
CA TYR A 36 0.25 -11.93 6.35
C TYR A 36 -0.80 -11.47 5.35
N PRO A 37 -1.88 -10.83 5.83
CA PRO A 37 -2.96 -10.35 4.97
C PRO A 37 -2.44 -9.50 3.81
N ARG A 38 -3.36 -9.05 2.96
CA ARG A 38 -2.99 -8.23 1.81
C ARG A 38 -3.58 -6.82 1.93
N SER A 39 -2.74 -5.82 1.72
CA SER A 39 -3.18 -4.42 1.80
C SER A 39 -3.20 -3.79 0.42
N TYR A 40 -4.07 -2.80 0.24
CA TYR A 40 -4.19 -2.11 -1.04
C TYR A 40 -4.30 -0.60 -0.84
N TYR A 41 -3.36 0.13 -1.41
CA TYR A 41 -3.35 1.59 -1.29
C TYR A 41 -3.47 2.24 -2.66
N LYS A 42 -3.62 3.56 -2.68
CA LYS A 42 -3.75 4.30 -3.93
C LYS A 42 -3.46 5.78 -3.73
N CYS A 43 -2.62 6.33 -4.60
CA CYS A 43 -2.26 7.75 -4.53
C CYS A 43 -3.48 8.62 -4.79
N THR A 44 -4.06 9.17 -3.72
CA THR A 44 -5.24 10.01 -3.83
C THR A 44 -4.87 11.49 -3.81
N THR A 45 -4.38 11.99 -4.94
CA THR A 45 -3.99 13.39 -5.07
C THR A 45 -5.09 14.19 -5.77
N PRO A 46 -5.21 15.49 -5.46
CA PRO A 46 -6.22 16.36 -6.08
C PRO A 46 -6.26 16.22 -7.60
N GLY A 47 -5.12 15.85 -8.18
CA GLY A 47 -5.06 15.67 -9.62
C GLY A 47 -4.33 14.40 -10.01
N CYS A 48 -4.64 13.32 -9.31
CA CYS A 48 -4.01 12.02 -9.58
C CYS A 48 -4.79 10.89 -8.92
N GLY A 49 -4.93 9.78 -9.64
CA GLY A 49 -5.65 8.64 -9.10
C GLY A 49 -4.94 7.33 -9.37
N VAL A 50 -3.76 7.16 -8.79
CA VAL A 50 -2.98 5.95 -8.96
C VAL A 50 -3.30 4.92 -7.90
N ARG A 51 -3.35 3.65 -8.30
CA ARG A 51 -3.66 2.56 -7.36
C ARG A 51 -2.53 1.54 -7.34
N LYS A 52 -2.07 1.19 -6.14
CA LYS A 52 -1.00 0.21 -5.98
C LYS A 52 -1.45 -0.94 -5.09
N HIS A 53 -0.70 -2.05 -5.14
CA HIS A 53 -1.03 -3.22 -4.33
C HIS A 53 0.18 -3.63 -3.48
N VAL A 54 -0.10 -4.27 -2.35
CA VAL A 54 0.95 -4.72 -1.44
C VAL A 54 0.71 -6.16 -0.99
N GLU A 55 1.57 -7.06 -1.43
CA GLU A 55 1.46 -8.46 -1.07
C GLU A 55 2.73 -8.96 -0.40
N ARG A 56 2.57 -9.68 0.71
CA ARG A 56 3.71 -10.21 1.45
C ARG A 56 3.86 -11.71 1.22
N ALA A 57 4.82 -12.07 0.37
CA ALA A 57 5.07 -13.46 0.05
C ALA A 57 5.43 -14.25 1.30
N ALA A 58 4.62 -15.26 1.62
CA ALA A 58 4.86 -16.09 2.79
C ALA A 58 5.77 -17.27 2.46
N THR A 59 5.82 -17.64 1.19
CA THR A 59 6.65 -18.76 0.75
C THR A 59 8.10 -18.57 1.19
N ASP A 60 8.54 -17.33 1.24
CA ASP A 60 9.91 -17.02 1.66
C ASP A 60 9.95 -16.56 3.12
N PRO A 61 11.13 -16.62 3.77
CA PRO A 61 11.27 -16.21 5.17
C PRO A 61 10.72 -14.81 5.42
N LYS A 62 10.72 -13.98 4.38
CA LYS A 62 10.22 -12.62 4.48
C LYS A 62 10.26 -11.91 3.13
N ALA A 63 9.30 -12.23 2.28
CA ALA A 63 9.22 -11.63 0.94
C ALA A 63 8.07 -10.63 0.86
N VAL A 64 8.34 -9.49 0.23
CA VAL A 64 7.32 -8.45 0.09
C VAL A 64 7.40 -7.81 -1.29
N VAL A 65 6.45 -8.16 -2.16
CA VAL A 65 6.41 -7.61 -3.51
C VAL A 65 5.39 -6.49 -3.62
N THR A 66 5.71 -5.48 -4.41
CA THR A 66 4.80 -4.34 -4.60
C THR A 66 4.49 -4.12 -6.08
N THR A 67 3.37 -3.48 -6.35
CA THR A 67 2.95 -3.21 -7.73
C THR A 67 2.50 -1.76 -7.88
N TYR A 68 2.60 -1.24 -9.11
CA TYR A 68 2.20 0.13 -9.38
C TYR A 68 1.36 0.20 -10.66
N GLU A 69 0.10 0.62 -10.51
CA GLU A 69 -0.81 0.73 -11.64
C GLU A 69 -1.24 2.19 -11.84
N GLY A 70 -0.86 2.75 -12.99
CA GLY A 70 -1.23 4.13 -13.29
C GLY A 70 -0.07 5.09 -13.09
N LYS A 71 -0.06 6.17 -13.86
CA LYS A 71 1.00 7.17 -13.77
C LYS A 71 0.54 8.37 -12.96
N HIS A 72 1.49 9.06 -12.34
CA HIS A 72 1.19 10.23 -11.53
C HIS A 72 0.93 11.45 -12.40
N ASN A 73 -0.10 12.22 -12.07
CA ASN A 73 -0.44 13.41 -12.83
C ASN A 73 -0.02 14.68 -12.08
N HIS A 74 1.06 14.56 -11.30
CA HIS A 74 1.56 15.70 -10.53
C HIS A 74 3.06 15.55 -10.29
N ASP A 75 3.69 16.65 -9.88
CA ASP A 75 5.12 16.64 -9.60
C ASP A 75 5.43 15.90 -8.30
N LEU A 76 6.69 15.95 -7.88
CA LEU A 76 7.10 15.28 -6.64
C LEU A 76 7.08 16.25 -5.46
N PRO A 77 6.14 16.08 -4.52
CA PRO A 77 6.02 16.94 -3.35
C PRO A 77 7.32 17.02 -2.56
N ALA A 78 7.24 17.60 -1.35
CA ALA A 78 8.41 17.73 -0.50
C ALA A 78 8.84 16.38 0.07
N VAL A 8 -12.27 14.31 21.97
CA VAL A 8 -12.09 12.94 21.43
C VAL A 8 -10.62 12.63 21.21
N GLN A 9 -10.03 11.83 22.10
CA GLN A 9 -8.63 11.45 21.99
C GLN A 9 -8.43 10.36 20.94
N THR A 10 -8.41 10.77 19.67
CA THR A 10 -8.22 9.82 18.58
C THR A 10 -7.38 10.44 17.46
N THR A 11 -6.89 9.59 16.57
CA THR A 11 -6.07 10.05 15.45
C THR A 11 -6.09 9.05 14.30
N SER A 12 -6.87 9.37 13.27
CA SER A 12 -6.99 8.50 12.10
C SER A 12 -6.09 8.99 10.97
N GLU A 13 -4.96 9.59 11.34
CA GLU A 13 -4.02 10.10 10.35
C GLU A 13 -3.08 8.98 9.87
N VAL A 14 -3.19 8.64 8.60
CA VAL A 14 -2.36 7.60 8.02
C VAL A 14 -0.99 8.14 7.64
N ASP A 15 0.05 7.43 8.04
CA ASP A 15 1.42 7.84 7.75
C ASP A 15 1.90 7.24 6.42
N LEU A 16 1.07 7.32 5.40
CA LEU A 16 1.42 6.79 4.09
C LEU A 16 1.89 7.90 3.15
N LEU A 17 2.75 8.77 3.67
CA LEU A 17 3.28 9.88 2.90
C LEU A 17 4.65 9.54 2.33
N ASP A 18 4.81 8.30 1.89
CA ASP A 18 6.08 7.85 1.33
C ASP A 18 6.29 8.43 -0.06
N ASP A 19 7.54 8.77 -0.38
CA ASP A 19 7.88 9.34 -1.67
C ASP A 19 7.11 10.64 -1.91
N GLY A 20 6.82 11.36 -0.84
CA GLY A 20 6.09 12.61 -0.95
C GLY A 20 4.73 12.43 -1.60
N TYR A 21 4.20 11.22 -1.54
CA TYR A 21 2.89 10.93 -2.12
C TYR A 21 1.91 10.44 -1.05
N ARG A 22 0.67 10.85 -1.17
CA ARG A 22 -0.37 10.46 -0.22
C ARG A 22 -1.20 9.29 -0.74
N TRP A 23 -1.12 8.16 -0.04
CA TRP A 23 -1.86 6.97 -0.44
C TRP A 23 -2.98 6.68 0.55
N ARG A 24 -4.03 6.02 0.08
CA ARG A 24 -5.17 5.68 0.93
C ARG A 24 -5.64 4.25 0.66
N LYS A 25 -5.93 3.52 1.72
CA LYS A 25 -6.39 2.14 1.60
C LYS A 25 -7.87 2.10 1.23
N TYR A 26 -8.25 1.09 0.45
CA TYR A 26 -9.64 0.93 0.02
C TYR A 26 -10.12 -0.49 0.26
N GLY A 27 -9.31 -1.46 -0.13
CA GLY A 27 -9.68 -2.85 0.05
C GLY A 27 -8.50 -3.71 0.48
N GLN A 28 -8.79 -4.79 1.20
CA GLN A 28 -7.75 -5.70 1.68
C GLN A 28 -8.15 -7.15 1.44
N LYS A 29 -7.16 -8.00 1.21
CA LYS A 29 -7.41 -9.41 0.98
C LYS A 29 -6.79 -10.27 2.08
N VAL A 30 -7.52 -11.30 2.50
CA VAL A 30 -7.04 -12.19 3.55
C VAL A 30 -6.58 -13.53 2.97
N VAL A 31 -5.51 -14.08 3.55
CA VAL A 31 -4.98 -15.36 3.09
C VAL A 31 -5.01 -16.40 4.19
N LYS A 32 -5.86 -17.40 4.03
CA LYS A 32 -5.99 -18.46 5.02
C LYS A 32 -4.71 -19.29 5.09
N GLY A 33 -3.70 -18.77 5.78
CA GLY A 33 -2.44 -19.48 5.91
C GLY A 33 -1.29 -18.55 6.23
N ASN A 34 -1.37 -17.31 5.75
CA ASN A 34 -0.32 -16.33 6.00
C ASN A 34 -0.71 -15.40 7.14
N PRO A 35 0.25 -15.05 8.01
CA PRO A 35 0.01 -14.17 9.15
C PRO A 35 -0.13 -12.71 8.73
N TYR A 36 0.53 -12.35 7.64
CA TYR A 36 0.48 -10.99 7.13
C TYR A 36 -0.60 -10.82 6.06
N PRO A 37 -1.71 -10.15 6.39
CA PRO A 37 -2.81 -9.95 5.45
C PRO A 37 -2.43 -9.00 4.31
N ARG A 38 -3.08 -9.18 3.16
CA ARG A 38 -2.81 -8.33 2.01
C ARG A 38 -3.50 -6.98 2.13
N SER A 39 -2.87 -5.94 1.59
CA SER A 39 -3.42 -4.60 1.64
C SER A 39 -3.18 -3.86 0.33
N TYR A 40 -4.15 -3.06 -0.08
CA TYR A 40 -4.05 -2.30 -1.32
C TYR A 40 -4.22 -0.81 -1.07
N TYR A 41 -3.39 0.00 -1.73
CA TYR A 41 -3.45 1.44 -1.58
C TYR A 41 -3.51 2.13 -2.94
N LYS A 42 -3.70 3.45 -2.93
CA LYS A 42 -3.77 4.21 -4.16
C LYS A 42 -3.55 5.70 -3.90
N CYS A 43 -2.67 6.30 -4.70
CA CYS A 43 -2.36 7.72 -4.55
C CYS A 43 -3.58 8.57 -4.89
N THR A 44 -4.27 9.04 -3.85
CA THR A 44 -5.47 9.86 -4.04
C THR A 44 -5.14 11.34 -3.93
N THR A 45 -4.37 11.84 -4.90
CA THR A 45 -4.00 13.25 -4.92
C THR A 45 -4.87 14.03 -5.90
N PRO A 46 -5.06 15.34 -5.66
CA PRO A 46 -5.88 16.20 -6.53
C PRO A 46 -5.52 16.04 -8.00
N GLY A 47 -6.32 15.26 -8.72
CA GLY A 47 -6.06 15.05 -10.13
C GLY A 47 -5.29 13.77 -10.40
N CYS A 48 -4.57 13.29 -9.39
CA CYS A 48 -3.79 12.06 -9.51
C CYS A 48 -4.56 10.87 -8.95
N GLY A 49 -4.72 9.84 -9.76
CA GLY A 49 -5.43 8.65 -9.33
C GLY A 49 -4.65 7.38 -9.58
N VAL A 50 -3.49 7.26 -8.94
CA VAL A 50 -2.65 6.09 -9.10
C VAL A 50 -3.01 5.00 -8.08
N ARG A 51 -2.86 3.75 -8.48
CA ARG A 51 -3.17 2.62 -7.61
C ARG A 51 -1.99 1.66 -7.51
N LYS A 52 -1.77 1.13 -6.30
CA LYS A 52 -0.67 0.20 -6.07
C LYS A 52 -1.12 -0.97 -5.21
N HIS A 53 -0.54 -2.14 -5.47
CA HIS A 53 -0.88 -3.34 -4.72
C HIS A 53 0.26 -3.75 -3.80
N VAL A 54 -0.06 -4.08 -2.55
CA VAL A 54 0.94 -4.48 -1.57
C VAL A 54 0.60 -5.84 -0.97
N GLU A 55 1.44 -6.84 -1.25
CA GLU A 55 1.22 -8.18 -0.74
C GLU A 55 2.52 -8.77 -0.20
N ARG A 56 2.46 -9.25 1.04
CA ARG A 56 3.63 -9.84 1.68
C ARG A 56 3.72 -11.34 1.41
N ALA A 57 4.84 -11.77 0.85
CA ALA A 57 5.04 -13.17 0.54
C ALA A 57 5.48 -13.95 1.77
N ALA A 58 4.53 -14.64 2.41
CA ALA A 58 4.82 -15.43 3.60
C ALA A 58 5.33 -16.81 3.23
N THR A 59 4.61 -17.48 2.33
CA THR A 59 5.00 -18.82 1.89
C THR A 59 6.42 -18.82 1.33
N ASP A 60 6.80 -17.72 0.69
CA ASP A 60 8.13 -17.59 0.12
C ASP A 60 9.16 -17.25 1.19
N PRO A 61 10.45 -17.52 0.93
CA PRO A 61 11.53 -17.24 1.89
C PRO A 61 11.73 -15.75 2.10
N LYS A 62 10.74 -15.11 2.69
CA LYS A 62 10.80 -13.67 2.96
C LYS A 62 10.87 -12.87 1.66
N ALA A 63 9.71 -12.67 1.04
CA ALA A 63 9.64 -11.93 -0.21
C ALA A 63 8.61 -10.80 -0.12
N VAL A 64 8.79 -9.78 -0.96
CA VAL A 64 7.88 -8.64 -0.96
C VAL A 64 7.49 -8.27 -2.39
N VAL A 65 6.26 -8.60 -2.77
CA VAL A 65 5.75 -8.31 -4.10
C VAL A 65 4.90 -7.04 -4.09
N THR A 66 5.19 -6.14 -5.02
CA THR A 66 4.45 -4.89 -5.12
C THR A 66 4.26 -4.48 -6.58
N THR A 67 3.08 -3.95 -6.90
CA THR A 67 2.77 -3.52 -8.25
C THR A 67 2.31 -2.08 -8.27
N TYR A 68 2.69 -1.35 -9.33
CA TYR A 68 2.30 0.05 -9.47
C TYR A 68 1.71 0.31 -10.84
N GLU A 69 0.43 0.68 -10.87
CA GLU A 69 -0.25 0.97 -12.12
C GLU A 69 -0.71 2.42 -12.18
N GLY A 70 -0.08 3.21 -13.05
CA GLY A 70 -0.43 4.61 -13.17
C GLY A 70 0.73 5.53 -12.86
N LYS A 71 0.73 6.72 -13.48
CA LYS A 71 1.79 7.69 -13.26
C LYS A 71 1.25 8.91 -12.51
N HIS A 72 2.11 9.51 -11.69
CA HIS A 72 1.74 10.69 -10.93
C HIS A 72 1.45 11.87 -11.84
N ASN A 73 0.47 12.70 -11.46
CA ASN A 73 0.11 13.87 -12.25
C ASN A 73 0.22 15.14 -11.42
N HIS A 74 1.01 15.10 -10.36
CA HIS A 74 1.19 16.26 -9.49
C HIS A 74 2.64 16.40 -9.05
N ASP A 75 3.55 15.66 -9.70
CA ASP A 75 4.96 15.71 -9.37
C ASP A 75 5.19 15.53 -7.86
N LEU A 76 6.44 15.64 -7.45
CA LEU A 76 6.80 15.49 -6.03
C LEU A 76 6.48 16.78 -5.26
N PRO A 77 5.50 16.73 -4.34
CA PRO A 77 5.11 17.90 -3.54
C PRO A 77 6.30 18.53 -2.81
N ALA A 78 6.09 19.70 -2.23
CA ALA A 78 7.13 20.40 -1.50
C ALA A 78 6.56 21.18 -0.32
N VAL A 8 15.25 -6.44 22.20
CA VAL A 8 14.29 -7.34 21.52
C VAL A 8 13.00 -6.60 21.15
N GLN A 9 13.15 -5.53 20.36
CA GLN A 9 12.02 -4.73 19.93
C GLN A 9 11.76 -4.90 18.44
N THR A 10 10.96 -5.89 18.08
CA THR A 10 10.65 -6.17 16.68
C THR A 10 9.33 -5.49 16.28
N THR A 11 9.39 -4.19 16.01
CA THR A 11 8.22 -3.43 15.62
C THR A 11 8.02 -3.45 14.11
N SER A 12 7.02 -4.19 13.65
CA SER A 12 6.73 -4.28 12.23
C SER A 12 5.43 -3.58 11.88
N GLU A 13 5.16 -2.48 12.59
CA GLU A 13 3.95 -1.70 12.35
C GLU A 13 4.13 -0.74 11.19
N VAL A 14 3.76 -1.17 10.00
CA VAL A 14 3.89 -0.33 8.81
C VAL A 14 2.76 0.67 8.71
N ASP A 15 3.10 1.96 8.80
CA ASP A 15 2.11 3.02 8.74
C ASP A 15 2.36 3.91 7.53
N LEU A 16 1.29 4.48 6.98
CA LEU A 16 1.39 5.36 5.83
C LEU A 16 2.21 6.60 6.16
N LEU A 17 3.49 6.58 5.79
CA LEU A 17 4.39 7.70 6.04
C LEU A 17 4.30 8.73 4.92
N ASP A 18 3.96 9.96 5.28
CA ASP A 18 3.85 11.03 4.31
C ASP A 18 5.20 11.68 4.04
N ASP A 19 5.67 11.59 2.80
CA ASP A 19 6.95 12.16 2.42
C ASP A 19 6.91 12.71 1.00
N GLY A 20 6.63 11.83 0.04
CA GLY A 20 6.55 12.25 -1.34
C GLY A 20 5.13 12.27 -1.88
N TYR A 21 4.48 11.10 -1.85
CA TYR A 21 3.11 10.99 -2.34
C TYR A 21 2.15 10.74 -1.18
N ARG A 22 0.87 10.99 -1.42
CA ARG A 22 -0.16 10.80 -0.40
C ARG A 22 -1.07 9.65 -0.76
N TRP A 23 -0.77 8.47 -0.22
CA TRP A 23 -1.57 7.27 -0.48
C TRP A 23 -2.68 7.12 0.55
N ARG A 24 -3.53 6.12 0.36
CA ARG A 24 -4.63 5.86 1.27
C ARG A 24 -5.24 4.48 1.03
N LYS A 25 -5.47 3.73 2.10
CA LYS A 25 -6.05 2.40 1.99
C LYS A 25 -7.53 2.48 1.67
N TYR A 26 -7.98 1.63 0.74
CA TYR A 26 -9.38 1.60 0.34
C TYR A 26 -9.92 0.17 0.34
N GLY A 27 -9.14 -0.74 -0.24
CA GLY A 27 -9.55 -2.14 -0.29
C GLY A 27 -8.50 -3.06 0.30
N GLN A 28 -8.96 -4.16 0.89
CA GLN A 28 -8.06 -5.13 1.49
C GLN A 28 -8.56 -6.56 1.28
N LYS A 29 -7.63 -7.49 1.12
CA LYS A 29 -8.00 -8.89 0.92
C LYS A 29 -7.38 -9.77 2.00
N VAL A 30 -7.99 -10.93 2.22
CA VAL A 30 -7.51 -11.87 3.24
C VAL A 30 -7.18 -13.22 2.62
N VAL A 31 -5.90 -13.56 2.59
CA VAL A 31 -5.46 -14.82 2.02
C VAL A 31 -5.45 -15.93 3.08
N LYS A 32 -5.92 -17.11 2.69
CA LYS A 32 -5.97 -18.25 3.60
C LYS A 32 -4.59 -18.87 3.79
N GLY A 33 -4.27 -19.21 5.03
CA GLY A 33 -2.97 -19.80 5.32
C GLY A 33 -1.92 -18.77 5.67
N ASN A 34 -1.81 -17.73 4.85
CA ASN A 34 -0.84 -16.67 5.07
C ASN A 34 -1.31 -15.73 6.18
N PRO A 35 -0.45 -15.46 7.18
CA PRO A 35 -0.79 -14.57 8.30
C PRO A 35 -0.78 -13.10 7.89
N TYR A 36 0.13 -12.76 6.98
CA TYR A 36 0.25 -11.38 6.51
C TYR A 36 -0.91 -11.02 5.57
N PRO A 37 -1.76 -10.06 5.95
CA PRO A 37 -2.91 -9.64 5.13
C PRO A 37 -2.46 -8.93 3.86
N ARG A 38 -3.43 -8.62 2.99
CA ARG A 38 -3.13 -7.94 1.75
C ARG A 38 -3.76 -6.55 1.71
N SER A 39 -2.92 -5.52 1.84
CA SER A 39 -3.39 -4.14 1.84
C SER A 39 -3.20 -3.51 0.46
N TYR A 40 -4.20 -2.77 0.01
CA TYR A 40 -4.15 -2.11 -1.29
C TYR A 40 -4.23 -0.60 -1.15
N TYR A 41 -3.09 0.06 -1.30
CA TYR A 41 -3.03 1.52 -1.18
C TYR A 41 -3.18 2.17 -2.55
N LYS A 42 -3.46 3.47 -2.57
CA LYS A 42 -3.64 4.20 -3.82
C LYS A 42 -3.38 5.69 -3.63
N CYS A 43 -2.52 6.25 -4.47
CA CYS A 43 -2.19 7.67 -4.40
C CYS A 43 -3.41 8.52 -4.76
N THR A 44 -4.13 8.96 -3.74
CA THR A 44 -5.33 9.77 -3.95
C THR A 44 -5.01 11.27 -3.87
N THR A 45 -4.37 11.79 -4.91
CA THR A 45 -4.01 13.19 -4.96
C THR A 45 -5.00 13.97 -5.84
N PRO A 46 -4.97 15.31 -5.78
CA PRO A 46 -5.87 16.15 -6.57
C PRO A 46 -5.80 15.82 -8.06
N GLY A 47 -6.61 14.87 -8.50
CA GLY A 47 -6.62 14.47 -9.89
C GLY A 47 -5.89 13.16 -10.13
N CYS A 48 -4.96 12.84 -9.24
CA CYS A 48 -4.19 11.60 -9.35
C CYS A 48 -4.91 10.44 -8.68
N GLY A 49 -4.87 9.28 -9.34
CA GLY A 49 -5.52 8.10 -8.79
C GLY A 49 -4.71 6.83 -9.01
N VAL A 50 -3.47 6.86 -8.56
CA VAL A 50 -2.58 5.70 -8.71
C VAL A 50 -2.90 4.63 -7.67
N ARG A 51 -2.65 3.38 -8.04
CA ARG A 51 -2.90 2.26 -7.13
C ARG A 51 -1.68 1.36 -7.02
N LYS A 52 -1.55 0.67 -5.89
CA LYS A 52 -0.43 -0.22 -5.66
C LYS A 52 -0.82 -1.35 -4.71
N HIS A 53 -0.48 -2.58 -5.08
CA HIS A 53 -0.79 -3.74 -4.26
C HIS A 53 0.45 -4.23 -3.51
N VAL A 54 0.36 -4.22 -2.18
CA VAL A 54 1.48 -4.65 -1.35
C VAL A 54 1.22 -6.04 -0.76
N GLU A 55 1.76 -7.06 -1.41
CA GLU A 55 1.60 -8.44 -0.96
C GLU A 55 2.92 -9.01 -0.47
N ARG A 56 2.91 -9.55 0.75
CA ARG A 56 4.11 -10.13 1.33
C ARG A 56 4.08 -11.66 1.22
N ALA A 57 4.96 -12.20 0.39
CA ALA A 57 5.03 -13.64 0.20
C ALA A 57 5.46 -14.35 1.48
N ALA A 58 4.60 -15.22 1.99
CA ALA A 58 4.88 -15.97 3.21
C ALA A 58 5.68 -17.22 2.92
N THR A 59 5.55 -17.75 1.70
CA THR A 59 6.25 -18.95 1.30
C THR A 59 7.76 -18.81 1.53
N ASP A 60 8.28 -17.62 1.27
CA ASP A 60 9.69 -17.35 1.45
C ASP A 60 9.97 -16.77 2.84
N PRO A 61 11.24 -16.77 3.28
CA PRO A 61 11.62 -16.24 4.59
C PRO A 61 11.08 -14.83 4.82
N LYS A 62 11.02 -14.05 3.75
CA LYS A 62 10.53 -12.68 3.82
C LYS A 62 10.49 -12.03 2.45
N ALA A 63 9.46 -12.35 1.67
CA ALA A 63 9.32 -11.80 0.33
C ALA A 63 8.24 -10.70 0.30
N VAL A 64 8.45 -9.70 -0.54
CA VAL A 64 7.51 -8.60 -0.67
C VAL A 64 7.37 -8.17 -2.12
N VAL A 65 6.24 -8.55 -2.74
CA VAL A 65 5.99 -8.19 -4.13
C VAL A 65 5.01 -7.03 -4.23
N THR A 66 5.35 -6.03 -5.04
CA THR A 66 4.50 -4.86 -5.22
C THR A 66 4.26 -4.58 -6.69
N THR A 67 3.07 -4.08 -7.02
CA THR A 67 2.73 -3.77 -8.40
C THR A 67 2.05 -2.40 -8.50
N TYR A 68 2.75 -1.45 -9.11
CA TYR A 68 2.22 -0.10 -9.28
C TYR A 68 1.40 0.01 -10.56
N GLU A 69 0.36 0.82 -10.51
CA GLU A 69 -0.52 1.02 -11.66
C GLU A 69 -0.96 2.47 -11.77
N GLY A 70 -0.61 3.11 -12.89
CA GLY A 70 -0.98 4.51 -13.09
C GLY A 70 0.16 5.45 -12.81
N LYS A 71 0.30 6.48 -13.65
CA LYS A 71 1.36 7.46 -13.48
C LYS A 71 0.85 8.68 -12.71
N HIS A 72 1.77 9.38 -12.05
CA HIS A 72 1.40 10.56 -11.27
C HIS A 72 1.21 11.77 -12.19
N ASN A 73 0.20 12.57 -11.89
CA ASN A 73 -0.10 13.76 -12.68
C ASN A 73 0.00 15.03 -11.83
N HIS A 74 0.87 14.98 -10.82
CA HIS A 74 1.05 16.13 -9.93
C HIS A 74 2.51 16.28 -9.54
N ASP A 75 2.98 17.53 -9.51
CA ASP A 75 4.37 17.82 -9.16
C ASP A 75 4.69 17.29 -7.76
N LEU A 76 5.94 16.85 -7.58
CA LEU A 76 6.38 16.33 -6.29
C LEU A 76 6.36 17.42 -5.22
N PRO A 77 5.65 17.20 -4.09
CA PRO A 77 5.57 18.18 -3.01
C PRO A 77 6.88 18.29 -2.24
N ALA A 78 7.01 19.35 -1.45
CA ALA A 78 8.21 19.58 -0.66
C ALA A 78 7.87 19.85 0.80
N VAL A 8 -8.29 -12.45 23.27
CA VAL A 8 -7.54 -12.10 22.04
C VAL A 8 -7.34 -10.59 21.94
N GLN A 9 -6.08 -10.16 21.92
CA GLN A 9 -5.75 -8.75 21.83
C GLN A 9 -4.44 -8.54 21.07
N THR A 10 -4.56 -8.29 19.77
CA THR A 10 -3.38 -8.08 18.94
C THR A 10 -3.42 -6.70 18.27
N THR A 11 -2.24 -6.17 17.99
CA THR A 11 -2.13 -4.85 17.36
C THR A 11 -1.97 -4.98 15.85
N SER A 12 -2.15 -3.87 15.14
CA SER A 12 -2.03 -3.86 13.70
C SER A 12 -0.76 -3.13 13.26
N GLU A 13 0.32 -3.88 13.07
CA GLU A 13 1.60 -3.31 12.67
C GLU A 13 1.47 -2.62 11.31
N VAL A 14 1.46 -1.29 11.33
CA VAL A 14 1.34 -0.51 10.10
C VAL A 14 2.51 -0.80 9.16
N ASP A 15 2.22 -1.53 8.07
CA ASP A 15 3.24 -1.88 7.10
C ASP A 15 3.44 -0.74 6.10
N LEU A 16 2.37 -0.01 5.82
CA LEU A 16 2.45 1.11 4.87
C LEU A 16 2.89 2.38 5.59
N LEU A 17 4.20 2.63 5.56
CA LEU A 17 4.76 3.82 6.20
C LEU A 17 4.74 5.01 5.25
N ASP A 18 4.18 6.12 5.72
CA ASP A 18 4.09 7.34 4.91
C ASP A 18 5.48 7.82 4.50
N ASP A 19 5.83 7.56 3.24
CA ASP A 19 7.13 7.97 2.72
C ASP A 19 7.16 7.85 1.20
N GLY A 20 6.70 8.88 0.51
CA GLY A 20 6.69 8.87 -0.94
C GLY A 20 5.50 9.60 -1.52
N TYR A 21 4.37 8.92 -1.59
CA TYR A 21 3.15 9.51 -2.13
C TYR A 21 1.99 9.36 -1.15
N ARG A 22 0.95 10.18 -1.34
CA ARG A 22 -0.22 10.12 -0.47
C ARG A 22 -1.14 8.98 -0.87
N TRP A 23 -0.96 7.83 -0.25
CA TRP A 23 -1.79 6.66 -0.54
C TRP A 23 -2.92 6.53 0.47
N ARG A 24 -4.00 5.85 0.06
CA ARG A 24 -5.15 5.66 0.92
C ARG A 24 -5.72 4.24 0.76
N LYS A 25 -5.87 3.54 1.88
CA LYS A 25 -6.40 2.18 1.86
C LYS A 25 -7.90 2.18 1.57
N TYR A 26 -8.30 1.40 0.58
CA TYR A 26 -9.71 1.31 0.20
C TYR A 26 -10.23 -0.11 0.40
N GLY A 27 -9.41 -1.10 0.08
CA GLY A 27 -9.81 -2.48 0.23
C GLY A 27 -8.74 -3.33 0.91
N GLN A 28 -9.07 -4.58 1.20
CA GLN A 28 -8.15 -5.48 1.86
C GLN A 28 -8.72 -6.89 1.94
N LYS A 29 -7.88 -7.89 1.66
CA LYS A 29 -8.31 -9.28 1.71
C LYS A 29 -7.29 -10.14 2.45
N VAL A 30 -7.79 -11.04 3.28
CA VAL A 30 -6.92 -11.93 4.05
C VAL A 30 -6.80 -13.30 3.39
N VAL A 31 -5.65 -13.94 3.59
CA VAL A 31 -5.42 -15.27 3.01
C VAL A 31 -5.46 -16.35 4.09
N LYS A 32 -5.91 -17.54 3.70
CA LYS A 32 -6.00 -18.66 4.63
C LYS A 32 -4.64 -19.33 4.80
N GLY A 33 -4.04 -19.17 5.97
CA GLY A 33 -2.75 -19.78 6.23
C GLY A 33 -1.63 -18.74 6.32
N ASN A 34 -1.57 -17.86 5.34
CA ASN A 34 -0.55 -16.82 5.30
C ASN A 34 -0.76 -15.81 6.42
N PRO A 35 0.24 -15.61 7.30
CA PRO A 35 0.14 -14.67 8.41
C PRO A 35 0.18 -13.22 7.95
N TYR A 36 0.68 -12.99 6.73
CA TYR A 36 0.76 -11.65 6.18
C TYR A 36 -0.43 -11.36 5.27
N PRO A 37 -1.43 -10.62 5.78
CA PRO A 37 -2.63 -10.27 4.99
C PRO A 37 -2.32 -9.31 3.86
N ARG A 38 -3.17 -9.32 2.83
CA ARG A 38 -2.99 -8.44 1.68
C ARG A 38 -3.61 -7.06 1.93
N SER A 39 -3.01 -6.04 1.33
CA SER A 39 -3.49 -4.67 1.50
C SER A 39 -3.56 -3.96 0.15
N TYR A 40 -4.51 -3.04 0.02
CA TYR A 40 -4.68 -2.29 -1.21
C TYR A 40 -4.69 -0.79 -0.94
N TYR A 41 -3.92 -0.04 -1.72
CA TYR A 41 -3.84 1.41 -1.56
C TYR A 41 -3.90 2.09 -2.93
N LYS A 42 -4.08 3.42 -2.91
CA LYS A 42 -4.15 4.19 -4.14
C LYS A 42 -3.79 5.66 -3.89
N CYS A 43 -2.91 6.19 -4.72
CA CYS A 43 -2.49 7.58 -4.60
C CYS A 43 -3.64 8.54 -4.91
N THR A 44 -4.29 9.03 -3.87
CA THR A 44 -5.42 9.94 -4.03
C THR A 44 -4.99 11.40 -3.83
N THR A 45 -4.25 11.93 -4.80
CA THR A 45 -3.77 13.31 -4.74
C THR A 45 -4.66 14.22 -5.59
N PRO A 46 -4.58 15.54 -5.36
CA PRO A 46 -5.38 16.52 -6.11
C PRO A 46 -5.17 16.40 -7.61
N GLY A 47 -5.94 15.52 -8.24
CA GLY A 47 -5.83 15.33 -9.68
C GLY A 47 -5.23 13.97 -10.03
N CYS A 48 -4.43 13.44 -9.13
CA CYS A 48 -3.80 12.13 -9.35
C CYS A 48 -4.67 11.00 -8.84
N GLY A 49 -4.79 9.95 -9.65
CA GLY A 49 -5.60 8.81 -9.27
C GLY A 49 -4.92 7.48 -9.56
N VAL A 50 -3.75 7.29 -8.96
CA VAL A 50 -3.00 6.05 -9.17
C VAL A 50 -3.40 4.99 -8.14
N ARG A 51 -3.24 3.72 -8.52
CA ARG A 51 -3.58 2.61 -7.63
C ARG A 51 -2.44 1.61 -7.56
N LYS A 52 -2.29 0.98 -6.40
CA LYS A 52 -1.24 0.00 -6.20
C LYS A 52 -1.72 -1.14 -5.30
N HIS A 53 -1.01 -2.26 -5.35
CA HIS A 53 -1.36 -3.43 -4.54
C HIS A 53 -0.14 -3.97 -3.81
N VAL A 54 -0.21 -3.99 -2.49
CA VAL A 54 0.89 -4.48 -1.67
C VAL A 54 0.67 -5.95 -1.28
N GLU A 55 1.65 -6.79 -1.58
CA GLU A 55 1.57 -8.21 -1.26
C GLU A 55 2.90 -8.72 -0.69
N ARG A 56 2.85 -9.22 0.54
CA ARG A 56 4.05 -9.74 1.20
C ARG A 56 4.02 -11.27 1.22
N ALA A 57 4.82 -11.87 0.34
CA ALA A 57 4.90 -13.33 0.27
C ALA A 57 5.42 -13.93 1.57
N ALA A 58 4.62 -14.77 2.19
CA ALA A 58 5.01 -15.41 3.45
C ALA A 58 5.80 -16.69 3.19
N THR A 59 5.66 -17.25 2.00
CA THR A 59 6.37 -18.47 1.63
C THR A 59 7.86 -18.36 1.92
N ASP A 60 8.44 -17.22 1.54
CA ASP A 60 9.87 -16.99 1.75
C ASP A 60 10.10 -16.31 3.09
N PRO A 61 11.36 -16.34 3.58
CA PRO A 61 11.71 -15.72 4.87
C PRO A 61 11.21 -14.29 4.98
N LYS A 62 11.10 -13.61 3.84
CA LYS A 62 10.63 -12.23 3.81
C LYS A 62 10.58 -11.71 2.38
N ALA A 63 9.54 -12.06 1.65
CA ALA A 63 9.37 -11.62 0.27
C ALA A 63 8.34 -10.51 0.17
N VAL A 64 8.69 -9.45 -0.56
CA VAL A 64 7.80 -8.32 -0.74
C VAL A 64 7.65 -7.97 -2.21
N VAL A 65 6.40 -7.79 -2.65
CA VAL A 65 6.13 -7.46 -4.05
C VAL A 65 5.02 -6.42 -4.15
N THR A 66 5.22 -5.42 -4.98
CA THR A 66 4.24 -4.35 -5.17
C THR A 66 3.98 -4.11 -6.66
N THR A 67 2.75 -3.70 -6.98
CA THR A 67 2.38 -3.42 -8.36
C THR A 67 1.79 -2.02 -8.50
N TYR A 68 2.27 -1.29 -9.50
CA TYR A 68 1.80 0.07 -9.75
C TYR A 68 0.91 0.12 -10.98
N GLU A 69 -0.24 0.77 -10.85
CA GLU A 69 -1.18 0.90 -11.96
C GLU A 69 -1.52 2.36 -12.23
N GLY A 70 -0.83 2.97 -13.20
CA GLY A 70 -1.08 4.35 -13.52
C GLY A 70 0.21 5.17 -13.63
N LYS A 71 0.08 6.49 -13.54
CA LYS A 71 1.24 7.37 -13.63
C LYS A 71 1.02 8.62 -12.79
N HIS A 72 2.07 9.04 -12.08
CA HIS A 72 2.00 10.23 -11.23
C HIS A 72 2.21 11.49 -12.05
N ASN A 73 1.45 12.54 -11.73
CA ASN A 73 1.57 13.81 -12.44
C ASN A 73 1.86 14.95 -11.47
N HIS A 74 2.58 14.63 -10.40
CA HIS A 74 2.93 15.63 -9.40
C HIS A 74 4.30 15.33 -8.79
N ASP A 75 4.93 16.36 -8.24
CA ASP A 75 6.25 16.21 -7.63
C ASP A 75 6.21 15.19 -6.49
N LEU A 76 7.37 14.94 -5.90
CA LEU A 76 7.47 13.99 -4.79
C LEU A 76 7.51 14.71 -3.44
N PRO A 77 6.41 14.65 -2.67
CA PRO A 77 6.33 15.31 -1.37
C PRO A 77 7.49 14.92 -0.45
N ALA A 78 7.45 15.38 0.79
CA ALA A 78 8.48 15.09 1.75
C ALA A 78 7.89 14.61 3.08
N VAL A 8 -12.71 -2.84 15.73
CA VAL A 8 -11.52 -3.40 16.41
C VAL A 8 -11.22 -4.82 15.93
N GLN A 9 -10.16 -4.95 15.13
CA GLN A 9 -9.79 -6.26 14.60
C GLN A 9 -8.73 -6.92 15.51
N THR A 10 -8.72 -8.25 15.52
CA THR A 10 -7.77 -9.00 16.33
C THR A 10 -6.35 -8.79 15.84
N THR A 11 -6.20 -8.59 14.53
CA THR A 11 -4.88 -8.37 13.93
C THR A 11 -4.60 -6.88 13.75
N SER A 12 -3.34 -6.50 13.94
CA SER A 12 -2.94 -5.11 13.80
C SER A 12 -2.63 -4.78 12.35
N GLU A 13 -3.31 -3.77 11.81
CA GLU A 13 -3.11 -3.35 10.43
C GLU A 13 -1.81 -2.56 10.28
N VAL A 14 -0.86 -3.13 9.54
CA VAL A 14 0.42 -2.49 9.33
C VAL A 14 0.33 -1.44 8.22
N ASP A 15 0.21 -0.18 8.62
CA ASP A 15 0.12 0.92 7.67
C ASP A 15 1.51 1.38 7.22
N LEU A 16 1.78 1.25 5.92
CA LEU A 16 3.06 1.65 5.38
C LEU A 16 3.25 3.16 5.45
N LEU A 17 4.06 3.61 6.40
CA LEU A 17 4.31 5.03 6.58
C LEU A 17 5.25 5.55 5.50
N ASP A 18 4.67 6.01 4.39
CA ASP A 18 5.46 6.53 3.28
C ASP A 18 5.82 8.00 3.52
N ASP A 19 6.79 8.49 2.76
CA ASP A 19 7.23 9.87 2.89
C ASP A 19 7.47 10.50 1.51
N GLY A 20 6.40 10.99 0.90
CA GLY A 20 6.51 11.62 -0.41
C GLY A 20 5.18 11.69 -1.14
N TYR A 21 4.45 10.58 -1.13
CA TYR A 21 3.15 10.53 -1.79
C TYR A 21 2.03 10.41 -0.77
N ARG A 22 0.81 10.68 -1.21
CA ARG A 22 -0.36 10.61 -0.34
C ARG A 22 -1.26 9.45 -0.73
N TRP A 23 -0.97 8.27 -0.19
CA TRP A 23 -1.74 7.07 -0.48
C TRP A 23 -2.93 6.96 0.46
N ARG A 24 -3.83 6.02 0.18
CA ARG A 24 -5.01 5.81 1.00
C ARG A 24 -5.58 4.41 0.78
N LYS A 25 -5.80 3.69 1.88
CA LYS A 25 -6.34 2.34 1.82
C LYS A 25 -7.82 2.36 1.45
N TYR A 26 -8.17 1.60 0.42
CA TYR A 26 -9.55 1.52 -0.05
C TYR A 26 -10.16 0.15 0.25
N GLY A 27 -9.31 -0.88 0.19
CA GLY A 27 -9.78 -2.23 0.45
C GLY A 27 -8.66 -3.15 0.88
N GLN A 28 -9.01 -4.27 1.50
CA GLN A 28 -8.03 -5.24 1.96
C GLN A 28 -8.59 -6.66 1.91
N LYS A 29 -7.73 -7.62 1.60
CA LYS A 29 -8.15 -9.02 1.52
C LYS A 29 -7.31 -9.88 2.46
N VAL A 30 -7.67 -11.15 2.56
CA VAL A 30 -6.96 -12.09 3.42
C VAL A 30 -6.46 -13.30 2.63
N VAL A 31 -5.34 -13.87 3.07
CA VAL A 31 -4.78 -15.03 2.40
C VAL A 31 -5.00 -16.30 3.22
N LYS A 32 -5.00 -17.45 2.55
CA LYS A 32 -5.20 -18.72 3.22
C LYS A 32 -3.86 -19.33 3.63
N GLY A 33 -3.63 -19.41 4.94
CA GLY A 33 -2.39 -19.97 5.44
C GLY A 33 -1.37 -18.91 5.81
N ASN A 34 -1.16 -17.96 4.90
CA ASN A 34 -0.21 -16.88 5.14
C ASN A 34 -0.68 -15.96 6.27
N PRO A 35 0.20 -15.68 7.25
CA PRO A 35 -0.14 -14.82 8.38
C PRO A 35 -0.11 -13.33 8.02
N TYR A 36 0.23 -13.03 6.77
CA TYR A 36 0.31 -11.65 6.32
C TYR A 36 -0.80 -11.34 5.31
N PRO A 37 -1.94 -10.80 5.79
CA PRO A 37 -3.08 -10.47 4.91
C PRO A 37 -2.66 -9.60 3.73
N ARG A 38 -3.64 -9.19 2.94
CA ARG A 38 -3.38 -8.36 1.77
C ARG A 38 -3.82 -6.92 2.01
N SER A 39 -3.08 -5.97 1.44
CA SER A 39 -3.40 -4.56 1.59
C SER A 39 -3.39 -3.85 0.24
N TYR A 40 -4.32 -2.91 0.07
CA TYR A 40 -4.42 -2.17 -1.18
C TYR A 40 -4.53 -0.67 -0.91
N TYR A 41 -3.62 0.10 -1.52
CA TYR A 41 -3.60 1.54 -1.36
C TYR A 41 -3.68 2.24 -2.71
N LYS A 42 -4.01 3.53 -2.69
CA LYS A 42 -4.13 4.30 -3.93
C LYS A 42 -3.75 5.76 -3.69
N CYS A 43 -2.90 6.30 -4.56
CA CYS A 43 -2.47 7.69 -4.46
C CYS A 43 -3.62 8.63 -4.80
N THR A 44 -4.28 9.17 -3.78
CA THR A 44 -5.40 10.08 -3.97
C THR A 44 -4.95 11.53 -3.92
N THR A 45 -4.20 11.95 -4.95
CA THR A 45 -3.72 13.32 -5.02
C THR A 45 -4.58 14.15 -5.97
N PRO A 46 -4.67 15.47 -5.75
CA PRO A 46 -5.47 16.37 -6.58
C PRO A 46 -5.12 16.23 -8.07
N GLY A 47 -5.83 15.35 -8.75
CA GLY A 47 -5.57 15.13 -10.17
C GLY A 47 -4.96 13.78 -10.44
N CYS A 48 -4.27 13.23 -9.45
CA CYS A 48 -3.62 11.93 -9.59
C CYS A 48 -4.49 10.83 -8.97
N GLY A 49 -4.71 9.76 -9.73
CA GLY A 49 -5.52 8.66 -9.24
C GLY A 49 -4.84 7.31 -9.44
N VAL A 50 -3.70 7.11 -8.78
CA VAL A 50 -2.96 5.86 -8.91
C VAL A 50 -3.44 4.82 -7.89
N ARG A 51 -3.21 3.55 -8.19
CA ARG A 51 -3.62 2.47 -7.31
C ARG A 51 -2.55 1.38 -7.26
N LYS A 52 -2.08 1.08 -6.05
CA LYS A 52 -1.06 0.04 -5.88
C LYS A 52 -1.56 -1.09 -4.99
N HIS A 53 -0.99 -2.27 -5.17
CA HIS A 53 -1.39 -3.44 -4.39
C HIS A 53 -0.21 -3.97 -3.57
N VAL A 54 -0.33 -3.86 -2.24
CA VAL A 54 0.72 -4.33 -1.34
C VAL A 54 0.53 -5.80 -1.00
N GLU A 55 1.58 -6.59 -1.17
CA GLU A 55 1.52 -8.02 -0.86
C GLU A 55 2.85 -8.50 -0.28
N ARG A 56 2.77 -9.47 0.63
CA ARG A 56 3.96 -10.01 1.26
C ARG A 56 4.07 -11.52 1.02
N ALA A 57 5.20 -11.95 0.48
CA ALA A 57 5.43 -13.35 0.19
C ALA A 57 5.80 -14.11 1.46
N ALA A 58 4.95 -15.05 1.86
CA ALA A 58 5.19 -15.85 3.05
C ALA A 58 6.08 -17.06 2.74
N THR A 59 5.75 -17.76 1.67
CA THR A 59 6.52 -18.94 1.26
C THR A 59 7.99 -18.59 1.07
N ASP A 60 8.24 -17.38 0.57
CA ASP A 60 9.61 -16.92 0.35
C ASP A 60 10.23 -16.43 1.65
N PRO A 61 11.57 -16.40 1.71
CA PRO A 61 12.29 -15.94 2.91
C PRO A 61 12.09 -14.46 3.18
N LYS A 62 10.85 -14.09 3.51
CA LYS A 62 10.51 -12.70 3.78
C LYS A 62 10.68 -11.84 2.54
N ALA A 63 9.64 -11.83 1.69
CA ALA A 63 9.68 -11.05 0.46
C ALA A 63 8.51 -10.07 0.40
N VAL A 64 8.69 -8.99 -0.35
CA VAL A 64 7.65 -7.97 -0.49
C VAL A 64 7.33 -7.73 -1.96
N VAL A 65 6.11 -8.10 -2.36
CA VAL A 65 5.68 -7.91 -3.74
C VAL A 65 4.59 -6.85 -3.84
N THR A 66 4.91 -5.76 -4.52
CA THR A 66 3.96 -4.66 -4.69
C THR A 66 3.70 -4.38 -6.15
N THR A 67 2.55 -3.79 -6.45
CA THR A 67 2.17 -3.46 -7.82
C THR A 67 1.81 -1.99 -7.96
N TYR A 68 2.16 -1.40 -9.10
CA TYR A 68 1.87 0.00 -9.36
C TYR A 68 1.07 0.16 -10.64
N GLU A 69 -0.20 0.53 -10.49
CA GLU A 69 -1.08 0.73 -11.64
C GLU A 69 -1.40 2.21 -11.83
N GLY A 70 -0.67 2.84 -12.74
CA GLY A 70 -0.88 4.25 -13.01
C GLY A 70 0.39 5.07 -12.85
N LYS A 71 0.46 6.20 -13.57
CA LYS A 71 1.62 7.07 -13.50
C LYS A 71 1.27 8.37 -12.78
N HIS A 72 2.13 8.75 -11.84
CA HIS A 72 1.91 9.98 -11.07
C HIS A 72 1.95 11.20 -11.98
N ASN A 73 0.87 11.98 -11.96
CA ASN A 73 0.77 13.18 -12.79
C ASN A 73 1.06 14.44 -11.96
N HIS A 74 1.92 14.29 -10.97
CA HIS A 74 2.27 15.42 -10.10
C HIS A 74 3.71 15.29 -9.61
N ASP A 75 4.36 16.43 -9.39
CA ASP A 75 5.75 16.44 -8.92
C ASP A 75 5.86 15.77 -7.56
N LEU A 76 6.99 15.10 -7.32
CA LEU A 76 7.23 14.42 -6.06
C LEU A 76 7.21 15.40 -4.89
N PRO A 77 6.19 15.33 -4.03
CA PRO A 77 6.07 16.22 -2.88
C PRO A 77 7.28 16.15 -1.96
N ALA A 78 7.16 16.69 -0.76
CA ALA A 78 8.24 16.69 0.20
C ALA A 78 7.72 16.53 1.63
N VAL A 8 -7.63 12.24 25.30
CA VAL A 8 -6.46 12.09 24.40
C VAL A 8 -6.52 10.77 23.62
N GLN A 9 -7.12 9.76 24.24
CA GLN A 9 -7.26 8.45 23.62
C GLN A 9 -8.71 8.17 23.25
N THR A 10 -9.46 9.22 22.94
CA THR A 10 -10.86 9.09 22.58
C THR A 10 -11.03 8.87 21.08
N THR A 11 -10.10 9.42 20.30
CA THR A 11 -10.15 9.29 18.85
C THR A 11 -8.75 9.09 18.28
N SER A 12 -8.62 8.14 17.36
CA SER A 12 -7.34 7.86 16.73
C SER A 12 -7.53 7.40 15.29
N GLU A 13 -7.39 8.34 14.36
CA GLU A 13 -7.55 8.03 12.94
C GLU A 13 -6.21 7.63 12.31
N VAL A 14 -5.85 6.36 12.46
CA VAL A 14 -4.60 5.85 11.92
C VAL A 14 -4.74 5.53 10.43
N ASP A 15 -3.89 6.16 9.61
CA ASP A 15 -3.92 5.94 8.17
C ASP A 15 -2.52 5.66 7.63
N LEU A 16 -2.45 5.21 6.39
CA LEU A 16 -1.17 4.91 5.75
C LEU A 16 -0.54 6.17 5.16
N LEU A 17 0.22 6.88 5.97
CA LEU A 17 0.89 8.10 5.52
C LEU A 17 2.29 7.82 5.02
N ASP A 18 2.60 8.30 3.82
CA ASP A 18 3.92 8.10 3.23
C ASP A 18 4.82 9.31 3.45
N ASP A 19 5.98 9.31 2.81
CA ASP A 19 6.92 10.41 2.94
C ASP A 19 6.71 11.44 1.83
N GLY A 20 6.47 10.96 0.62
CA GLY A 20 6.24 11.85 -0.50
C GLY A 20 4.82 11.78 -1.03
N TYR A 21 4.48 10.66 -1.64
CA TYR A 21 3.14 10.46 -2.20
C TYR A 21 2.12 10.23 -1.08
N ARG A 22 0.84 10.31 -1.44
CA ARG A 22 -0.23 10.12 -0.47
C ARG A 22 -1.20 9.03 -0.95
N TRP A 23 -1.14 7.88 -0.28
CA TRP A 23 -2.01 6.76 -0.64
C TRP A 23 -3.13 6.60 0.38
N ARG A 24 -4.23 5.98 -0.06
CA ARG A 24 -5.38 5.76 0.82
C ARG A 24 -5.91 4.34 0.67
N LYS A 25 -6.26 3.73 1.79
CA LYS A 25 -6.78 2.36 1.79
C LYS A 25 -8.26 2.35 1.41
N TYR A 26 -8.60 1.57 0.39
CA TYR A 26 -9.97 1.46 -0.07
C TYR A 26 -10.53 0.07 0.17
N GLY A 27 -9.67 -0.94 0.00
CA GLY A 27 -10.10 -2.31 0.20
C GLY A 27 -8.98 -3.18 0.75
N GLN A 28 -9.34 -4.39 1.17
CA GLN A 28 -8.37 -5.32 1.73
C GLN A 28 -8.90 -6.75 1.71
N LYS A 29 -8.01 -7.70 1.45
CA LYS A 29 -8.39 -9.11 1.39
C LYS A 29 -7.55 -9.95 2.35
N VAL A 30 -8.18 -10.92 2.99
CA VAL A 30 -7.49 -11.79 3.93
C VAL A 30 -7.13 -13.13 3.28
N VAL A 31 -5.88 -13.55 3.45
CA VAL A 31 -5.41 -14.81 2.88
C VAL A 31 -5.12 -15.83 3.97
N LYS A 32 -5.84 -16.94 3.95
CA LYS A 32 -5.67 -18.00 4.93
C LYS A 32 -4.24 -18.54 4.91
N GLY A 33 -3.74 -18.94 6.07
CA GLY A 33 -2.39 -19.47 6.16
C GLY A 33 -1.34 -18.38 6.24
N ASN A 34 -1.32 -17.50 5.25
CA ASN A 34 -0.35 -16.40 5.22
C ASN A 34 -0.59 -15.44 6.39
N PRO A 35 0.46 -15.10 7.14
CA PRO A 35 0.36 -14.19 8.28
C PRO A 35 0.21 -12.74 7.85
N TYR A 36 0.77 -12.41 6.69
CA TYR A 36 0.70 -11.05 6.16
C TYR A 36 -0.47 -10.91 5.19
N PRO A 37 -1.53 -10.18 5.59
CA PRO A 37 -2.70 -9.96 4.73
C PRO A 37 -2.39 -9.09 3.53
N ARG A 38 -3.36 -8.95 2.63
CA ARG A 38 -3.19 -8.14 1.44
C ARG A 38 -3.79 -6.75 1.62
N SER A 39 -2.93 -5.78 1.90
CA SER A 39 -3.38 -4.41 2.10
C SER A 39 -3.30 -3.61 0.80
N TYR A 40 -4.44 -3.21 0.28
CA TYR A 40 -4.50 -2.45 -0.96
C TYR A 40 -4.58 -0.95 -0.68
N TYR A 41 -4.01 -0.15 -1.58
CA TYR A 41 -4.03 1.29 -1.43
C TYR A 41 -4.05 1.98 -2.79
N LYS A 42 -4.02 3.31 -2.79
CA LYS A 42 -4.04 4.07 -4.03
C LYS A 42 -3.70 5.54 -3.78
N CYS A 43 -2.82 6.08 -4.60
CA CYS A 43 -2.40 7.47 -4.48
C CYS A 43 -3.57 8.42 -4.80
N THR A 44 -4.19 8.95 -3.75
CA THR A 44 -5.32 9.86 -3.92
C THR A 44 -4.88 11.31 -3.82
N THR A 45 -4.13 11.77 -4.81
CA THR A 45 -3.64 13.14 -4.85
C THR A 45 -4.50 14.00 -5.77
N PRO A 46 -4.61 15.31 -5.47
CA PRO A 46 -5.41 16.24 -6.29
C PRO A 46 -5.04 16.17 -7.76
N GLY A 47 -5.72 15.31 -8.51
CA GLY A 47 -5.45 15.17 -9.92
C GLY A 47 -4.83 13.83 -10.26
N CYS A 48 -4.15 13.22 -9.28
CA CYS A 48 -3.50 11.94 -9.47
C CYS A 48 -4.36 10.81 -8.91
N GLY A 49 -4.60 9.79 -9.73
CA GLY A 49 -5.40 8.66 -9.32
C GLY A 49 -4.70 7.34 -9.56
N VAL A 50 -3.58 7.13 -8.87
CA VAL A 50 -2.82 5.90 -9.03
C VAL A 50 -3.25 4.85 -8.01
N ARG A 51 -3.03 3.59 -8.35
CA ARG A 51 -3.38 2.47 -7.46
C ARG A 51 -2.22 1.51 -7.30
N LYS A 52 -2.19 0.81 -6.17
CA LYS A 52 -1.13 -0.15 -5.90
C LYS A 52 -1.63 -1.30 -5.03
N HIS A 53 -0.84 -2.36 -4.93
CA HIS A 53 -1.21 -3.53 -4.14
C HIS A 53 -0.01 -4.02 -3.32
N VAL A 54 -0.28 -4.42 -2.09
CA VAL A 54 0.77 -4.91 -1.20
C VAL A 54 0.57 -6.39 -0.87
N GLU A 55 1.56 -7.21 -1.22
CA GLU A 55 1.49 -8.63 -0.96
C GLU A 55 2.81 -9.15 -0.38
N ARG A 56 2.79 -9.49 0.90
CA ARG A 56 3.99 -10.00 1.56
C ARG A 56 4.15 -11.50 1.34
N ALA A 57 5.14 -11.88 0.54
CA ALA A 57 5.39 -13.28 0.24
C ALA A 57 5.83 -14.03 1.49
N ALA A 58 4.98 -14.93 1.98
CA ALA A 58 5.28 -15.72 3.17
C ALA A 58 6.10 -16.94 2.82
N THR A 59 5.63 -17.72 1.85
CA THR A 59 6.33 -18.92 1.41
C THR A 59 7.77 -18.61 1.02
N ASP A 60 7.97 -17.43 0.44
CA ASP A 60 9.31 -17.00 0.02
C ASP A 60 10.13 -16.54 1.22
N PRO A 61 11.47 -16.54 1.09
CA PRO A 61 12.36 -16.11 2.17
C PRO A 61 12.24 -14.63 2.48
N LYS A 62 11.07 -14.22 2.96
CA LYS A 62 10.82 -12.82 3.29
C LYS A 62 10.87 -11.95 2.03
N ALA A 63 9.76 -11.90 1.31
CA ALA A 63 9.67 -11.11 0.08
C ALA A 63 8.48 -10.17 0.11
N VAL A 64 8.65 -8.97 -0.44
CA VAL A 64 7.59 -7.98 -0.47
C VAL A 64 7.39 -7.45 -1.89
N VAL A 65 6.41 -8.01 -2.59
CA VAL A 65 6.11 -7.58 -3.96
C VAL A 65 5.01 -6.54 -3.98
N THR A 66 5.30 -5.39 -4.59
CA THR A 66 4.32 -4.31 -4.68
C THR A 66 4.10 -3.89 -6.13
N THR A 67 2.86 -4.03 -6.59
CA THR A 67 2.52 -3.67 -7.96
C THR A 67 2.07 -2.22 -8.06
N TYR A 68 2.25 -1.62 -9.23
CA TYR A 68 1.86 -0.23 -9.44
C TYR A 68 1.05 -0.08 -10.74
N GLU A 69 -0.08 0.60 -10.64
CA GLU A 69 -0.95 0.80 -11.81
C GLU A 69 -1.20 2.30 -12.04
N GLY A 70 -0.57 2.85 -13.07
CA GLY A 70 -0.75 4.25 -13.38
C GLY A 70 0.40 5.09 -12.89
N LYS A 71 0.69 6.18 -13.60
CA LYS A 71 1.78 7.07 -13.22
C LYS A 71 1.26 8.24 -12.39
N HIS A 72 2.18 9.01 -11.81
CA HIS A 72 1.81 10.16 -10.99
C HIS A 72 1.75 11.43 -11.82
N ASN A 73 0.73 12.25 -11.56
CA ASN A 73 0.55 13.51 -12.28
C ASN A 73 0.95 14.69 -11.42
N HIS A 74 1.91 14.48 -10.52
CA HIS A 74 2.37 15.53 -9.63
C HIS A 74 3.84 15.34 -9.28
N ASP A 75 4.51 16.43 -8.92
CA ASP A 75 5.92 16.38 -8.56
C ASP A 75 6.12 15.73 -7.19
N LEU A 76 7.36 15.75 -6.71
CA LEU A 76 7.67 15.17 -5.41
C LEU A 76 7.59 16.22 -4.31
N PRO A 77 6.59 16.10 -3.41
CA PRO A 77 6.41 17.05 -2.31
C PRO A 77 7.67 17.19 -1.45
N ALA A 78 7.53 17.84 -0.31
CA ALA A 78 8.65 18.04 0.61
C ALA A 78 8.64 17.00 1.72
N VAL A 8 15.67 -7.29 20.37
CA VAL A 8 16.82 -7.53 19.47
C VAL A 8 16.66 -6.78 18.15
N GLN A 9 15.41 -6.59 17.74
CA GLN A 9 15.11 -5.88 16.50
C GLN A 9 13.72 -5.26 16.54
N THR A 10 13.66 -3.94 16.42
CA THR A 10 12.39 -3.23 16.45
C THR A 10 11.49 -3.65 15.29
N THR A 11 10.22 -3.89 15.59
CA THR A 11 9.27 -4.31 14.57
C THR A 11 8.03 -3.41 14.58
N SER A 12 7.89 -2.61 13.53
CA SER A 12 6.76 -1.70 13.41
C SER A 12 5.85 -2.11 12.25
N GLU A 13 4.70 -1.45 12.15
CA GLU A 13 3.75 -1.73 11.08
C GLU A 13 3.86 -0.71 9.96
N VAL A 14 3.12 -0.94 8.87
CA VAL A 14 3.15 -0.04 7.73
C VAL A 14 2.12 1.07 7.89
N ASP A 15 2.56 2.31 7.75
CA ASP A 15 1.67 3.46 7.87
C ASP A 15 1.80 4.39 6.66
N LEU A 16 0.83 5.27 6.50
CA LEU A 16 0.83 6.21 5.38
C LEU A 16 1.44 7.56 5.81
N LEU A 17 2.76 7.66 5.72
CA LEU A 17 3.45 8.88 6.10
C LEU A 17 3.82 9.70 4.86
N ASP A 18 4.49 10.83 5.09
CA ASP A 18 4.90 11.70 3.99
C ASP A 18 6.34 11.43 3.59
N ASP A 19 6.55 10.44 2.73
CA ASP A 19 7.88 10.08 2.28
C ASP A 19 7.95 10.06 0.75
N GLY A 20 6.98 9.41 0.13
CA GLY A 20 6.94 9.33 -1.32
C GLY A 20 5.77 10.09 -1.91
N TYR A 21 4.60 9.46 -1.90
CA TYR A 21 3.39 10.09 -2.44
C TYR A 21 2.25 10.02 -1.44
N ARG A 22 1.11 10.59 -1.81
CA ARG A 22 -0.06 10.59 -0.94
C ARG A 22 -0.91 9.35 -1.17
N TRP A 23 -0.56 8.26 -0.50
CA TRP A 23 -1.29 7.01 -0.64
C TRP A 23 -2.35 6.87 0.46
N ARG A 24 -3.22 5.88 0.32
CA ARG A 24 -4.28 5.66 1.29
C ARG A 24 -4.86 4.25 1.14
N LYS A 25 -5.36 3.69 2.23
CA LYS A 25 -5.94 2.36 2.23
C LYS A 25 -7.45 2.42 2.05
N TYR A 26 -7.97 1.62 1.12
CA TYR A 26 -9.41 1.60 0.86
C TYR A 26 -10.00 0.26 1.27
N GLY A 27 -9.24 -0.82 1.08
CA GLY A 27 -9.72 -2.14 1.44
C GLY A 27 -8.58 -3.12 1.67
N GLN A 28 -8.93 -4.36 1.95
CA GLN A 28 -7.94 -5.40 2.21
C GLN A 28 -8.52 -6.79 2.00
N LYS A 29 -7.70 -7.71 1.51
CA LYS A 29 -8.15 -9.08 1.26
C LYS A 29 -7.37 -10.06 2.13
N VAL A 30 -7.66 -11.36 1.95
CA VAL A 30 -6.98 -12.40 2.72
C VAL A 30 -6.56 -13.56 1.81
N VAL A 31 -5.55 -14.30 2.25
CA VAL A 31 -5.05 -15.43 1.48
C VAL A 31 -4.68 -16.60 2.40
N LYS A 32 -5.00 -17.81 1.97
CA LYS A 32 -4.69 -19.00 2.74
C LYS A 32 -3.21 -19.32 2.69
N GLY A 33 -2.62 -19.59 3.85
CA GLY A 33 -1.20 -19.91 3.92
C GLY A 33 -0.35 -18.69 4.25
N ASN A 34 -0.89 -17.51 3.98
CA ASN A 34 -0.17 -16.26 4.25
C ASN A 34 -0.74 -15.56 5.47
N PRO A 35 -0.08 -15.68 6.64
CA PRO A 35 -0.54 -15.06 7.88
C PRO A 35 -0.85 -13.57 7.70
N TYR A 36 -0.18 -12.95 6.75
CA TYR A 36 -0.38 -11.53 6.47
C TYR A 36 -1.47 -11.33 5.42
N PRO A 37 -2.44 -10.43 5.66
CA PRO A 37 -3.52 -10.16 4.72
C PRO A 37 -3.06 -9.34 3.52
N ARG A 38 -3.89 -9.30 2.48
CA ARG A 38 -3.57 -8.55 1.28
C ARG A 38 -4.02 -7.09 1.40
N SER A 39 -3.06 -6.19 1.52
CA SER A 39 -3.36 -4.76 1.64
C SER A 39 -3.35 -4.08 0.28
N TYR A 40 -4.18 -3.06 0.14
CA TYR A 40 -4.27 -2.32 -1.12
C TYR A 40 -4.35 -0.82 -0.87
N TYR A 41 -3.43 -0.08 -1.50
CA TYR A 41 -3.40 1.38 -1.34
C TYR A 41 -3.61 2.07 -2.68
N LYS A 42 -3.64 3.40 -2.66
CA LYS A 42 -3.84 4.18 -3.87
C LYS A 42 -3.48 5.64 -3.66
N CYS A 43 -2.75 6.22 -4.61
CA CYS A 43 -2.34 7.62 -4.52
C CYS A 43 -3.53 8.54 -4.73
N THR A 44 -4.12 9.00 -3.63
CA THR A 44 -5.27 9.89 -3.68
C THR A 44 -4.85 11.35 -3.67
N THR A 45 -4.22 11.78 -4.75
CA THR A 45 -3.76 13.16 -4.87
C THR A 45 -4.73 13.99 -5.71
N PRO A 46 -4.78 15.31 -5.50
CA PRO A 46 -5.66 16.21 -6.25
C PRO A 46 -5.48 16.07 -7.75
N GLY A 47 -6.28 15.20 -8.36
CA GLY A 47 -6.18 15.00 -9.80
C GLY A 47 -5.52 13.67 -10.15
N CYS A 48 -4.70 13.16 -9.23
CA CYS A 48 -4.00 11.90 -9.44
C CYS A 48 -4.72 10.77 -8.72
N GLY A 49 -5.17 9.79 -9.49
CA GLY A 49 -5.88 8.64 -8.92
C GLY A 49 -5.18 7.33 -9.22
N VAL A 50 -3.96 7.17 -8.71
CA VAL A 50 -3.19 5.96 -8.94
C VAL A 50 -3.53 4.89 -7.90
N ARG A 51 -3.32 3.63 -8.26
CA ARG A 51 -3.59 2.52 -7.35
C ARG A 51 -2.44 1.53 -7.34
N LYS A 52 -2.15 0.98 -6.16
CA LYS A 52 -1.07 0.01 -6.02
C LYS A 52 -1.45 -1.09 -5.04
N HIS A 53 -0.76 -2.22 -5.13
CA HIS A 53 -1.02 -3.36 -4.26
C HIS A 53 0.25 -3.82 -3.55
N VAL A 54 0.11 -4.20 -2.29
CA VAL A 54 1.25 -4.66 -1.50
C VAL A 54 1.04 -6.08 -1.00
N GLU A 55 1.66 -7.04 -1.69
CA GLU A 55 1.55 -8.45 -1.32
C GLU A 55 2.72 -8.88 -0.45
N ARG A 56 2.42 -9.32 0.77
CA ARG A 56 3.45 -9.77 1.70
C ARG A 56 3.66 -11.28 1.60
N ALA A 57 4.62 -11.67 0.77
CA ALA A 57 4.92 -13.09 0.59
C ALA A 57 5.48 -13.70 1.87
N ALA A 58 4.70 -14.60 2.48
CA ALA A 58 5.11 -15.26 3.71
C ALA A 58 5.93 -16.51 3.42
N THR A 59 5.75 -17.07 2.23
CA THR A 59 6.47 -18.28 1.83
C THR A 59 7.97 -18.11 2.03
N ASP A 60 8.49 -16.95 1.67
CA ASP A 60 9.92 -16.67 1.81
C ASP A 60 10.21 -15.99 3.14
N PRO A 61 11.48 -15.99 3.58
CA PRO A 61 11.88 -15.37 4.84
C PRO A 61 11.38 -13.93 4.97
N LYS A 62 11.24 -13.26 3.83
CA LYS A 62 10.77 -11.88 3.80
C LYS A 62 10.62 -11.38 2.37
N ALA A 63 9.49 -11.73 1.75
CA ALA A 63 9.22 -11.31 0.38
C ALA A 63 8.05 -10.34 0.31
N VAL A 64 8.27 -9.20 -0.35
CA VAL A 64 7.23 -8.18 -0.48
C VAL A 64 7.11 -7.70 -1.92
N VAL A 65 6.18 -8.29 -2.66
CA VAL A 65 5.97 -7.91 -4.06
C VAL A 65 4.96 -6.78 -4.18
N THR A 66 5.29 -5.79 -5.00
CA THR A 66 4.41 -4.64 -5.20
C THR A 66 3.89 -4.59 -6.63
N THR A 67 2.75 -3.92 -6.82
CA THR A 67 2.16 -3.81 -8.15
C THR A 67 1.58 -2.41 -8.36
N TYR A 68 2.23 -1.63 -9.22
CA TYR A 68 1.79 -0.28 -9.52
C TYR A 68 0.81 -0.27 -10.68
N GLU A 69 -0.15 0.65 -10.63
CA GLU A 69 -1.16 0.76 -11.69
C GLU A 69 -1.44 2.22 -12.01
N GLY A 70 -0.71 2.76 -12.99
CA GLY A 70 -0.89 4.15 -13.37
C GLY A 70 0.40 4.93 -13.36
N LYS A 71 0.30 6.23 -13.64
CA LYS A 71 1.48 7.10 -13.65
C LYS A 71 1.20 8.40 -12.92
N HIS A 72 2.21 8.91 -12.22
CA HIS A 72 2.07 10.15 -11.47
C HIS A 72 2.32 11.36 -12.37
N ASN A 73 1.52 12.40 -12.19
CA ASN A 73 1.64 13.62 -12.98
C ASN A 73 1.39 14.86 -12.12
N HIS A 74 1.87 14.82 -10.88
CA HIS A 74 1.69 15.94 -9.97
C HIS A 74 3.00 16.25 -9.24
N ASP A 75 3.02 17.39 -8.55
CA ASP A 75 4.21 17.82 -7.82
C ASP A 75 4.25 17.16 -6.44
N LEU A 76 5.44 17.10 -5.85
CA LEU A 76 5.61 16.51 -4.53
C LEU A 76 5.04 17.41 -3.44
N PRO A 77 4.35 16.82 -2.45
CA PRO A 77 3.75 17.60 -1.35
C PRO A 77 4.80 18.17 -0.41
N ALA A 78 4.41 19.17 0.37
CA ALA A 78 5.32 19.81 1.31
C ALA A 78 4.66 19.98 2.67
N VAL A 8 -5.70 17.35 13.36
CA VAL A 8 -4.67 16.57 14.06
C VAL A 8 -5.30 15.49 14.94
N GLN A 9 -5.44 14.29 14.39
CA GLN A 9 -6.04 13.18 15.12
C GLN A 9 -4.96 12.40 15.87
N THR A 10 -5.36 11.76 16.97
CA THR A 10 -4.44 10.98 17.78
C THR A 10 -4.59 9.48 17.50
N THR A 11 -3.74 8.95 16.64
CA THR A 11 -3.78 7.53 16.29
C THR A 11 -2.59 6.79 16.89
N SER A 12 -2.87 5.74 17.65
CA SER A 12 -1.83 4.94 18.28
C SER A 12 -1.13 4.06 17.25
N GLU A 13 -1.90 3.53 16.31
CA GLU A 13 -1.37 2.67 15.27
C GLU A 13 -1.18 3.44 13.97
N VAL A 14 0.07 3.55 13.53
CA VAL A 14 0.38 4.27 12.29
C VAL A 14 0.54 3.31 11.13
N ASP A 15 -0.39 3.38 10.18
CA ASP A 15 -0.36 2.51 9.01
C ASP A 15 0.42 3.17 7.87
N LEU A 16 -0.18 4.19 7.27
CA LEU A 16 0.45 4.91 6.17
C LEU A 16 1.30 6.06 6.69
N LEU A 17 2.62 5.93 6.57
CA LEU A 17 3.55 6.95 7.03
C LEU A 17 3.84 7.95 5.90
N ASP A 18 4.70 8.92 6.20
CA ASP A 18 5.08 9.92 5.22
C ASP A 18 6.34 9.51 4.45
N ASP A 19 6.22 9.46 3.14
CA ASP A 19 7.34 9.08 2.29
C ASP A 19 7.54 10.08 1.16
N GLY A 20 6.46 10.46 0.51
CA GLY A 20 6.53 11.42 -0.58
C GLY A 20 5.18 11.71 -1.19
N TYR A 21 4.45 10.66 -1.54
CA TYR A 21 3.13 10.81 -2.15
C TYR A 21 2.03 10.49 -1.13
N ARG A 22 0.82 10.99 -1.40
CA ARG A 22 -0.31 10.75 -0.52
C ARG A 22 -1.09 9.52 -0.94
N TRP A 23 -0.92 8.42 -0.21
CA TRP A 23 -1.61 7.18 -0.51
C TRP A 23 -2.77 6.95 0.45
N ARG A 24 -3.73 6.14 0.04
CA ARG A 24 -4.89 5.83 0.87
C ARG A 24 -5.38 4.41 0.62
N LYS A 25 -5.74 3.72 1.69
CA LYS A 25 -6.23 2.34 1.59
C LYS A 25 -7.72 2.33 1.24
N TYR A 26 -8.09 1.50 0.27
CA TYR A 26 -9.49 1.38 -0.13
C TYR A 26 -10.04 0.01 0.20
N GLY A 27 -9.20 -1.02 0.07
CA GLY A 27 -9.62 -2.38 0.36
C GLY A 27 -8.45 -3.31 0.63
N GLN A 28 -8.71 -4.39 1.34
CA GLN A 28 -7.68 -5.37 1.66
C GLN A 28 -8.25 -6.79 1.65
N LYS A 29 -7.42 -7.74 1.24
CA LYS A 29 -7.83 -9.14 1.18
C LYS A 29 -7.16 -9.96 2.29
N VAL A 30 -7.77 -11.09 2.63
CA VAL A 30 -7.24 -11.94 3.68
C VAL A 30 -7.02 -13.37 3.15
N VAL A 31 -5.90 -13.96 3.53
CA VAL A 31 -5.58 -15.32 3.11
C VAL A 31 -5.56 -16.29 4.30
N LYS A 32 -6.08 -17.49 4.08
CA LYS A 32 -6.13 -18.50 5.13
C LYS A 32 -4.79 -19.24 5.23
N GLY A 33 -3.95 -18.79 6.15
CA GLY A 33 -2.65 -19.43 6.32
C GLY A 33 -1.51 -18.42 6.36
N ASN A 34 -1.63 -17.37 5.57
CA ASN A 34 -0.60 -16.33 5.51
C ASN A 34 -0.69 -15.41 6.74
N PRO A 35 0.39 -15.31 7.53
CA PRO A 35 0.42 -14.46 8.72
C PRO A 35 0.47 -12.97 8.38
N TYR A 36 0.76 -12.66 7.11
CA TYR A 36 0.83 -11.28 6.67
C TYR A 36 -0.30 -10.95 5.69
N PRO A 37 -1.45 -10.47 6.21
CA PRO A 37 -2.60 -10.12 5.38
C PRO A 37 -2.22 -9.19 4.22
N ARG A 38 -2.98 -9.28 3.13
CA ARG A 38 -2.72 -8.44 1.97
C ARG A 38 -3.44 -7.10 2.09
N SER A 39 -2.90 -6.09 1.42
CA SER A 39 -3.48 -4.75 1.45
C SER A 39 -3.33 -4.05 0.10
N TYR A 40 -4.18 -3.06 -0.15
CA TYR A 40 -4.14 -2.32 -1.40
C TYR A 40 -4.32 -0.84 -1.16
N TYR A 41 -3.35 -0.05 -1.59
CA TYR A 41 -3.41 1.41 -1.42
C TYR A 41 -3.55 2.10 -2.78
N LYS A 42 -3.57 3.43 -2.77
CA LYS A 42 -3.71 4.20 -3.99
C LYS A 42 -3.45 5.68 -3.75
N CYS A 43 -2.63 6.28 -4.59
CA CYS A 43 -2.30 7.70 -4.49
C CYS A 43 -3.52 8.56 -4.83
N THR A 44 -4.19 9.09 -3.81
CA THR A 44 -5.37 9.92 -4.00
C THR A 44 -5.01 11.40 -3.94
N THR A 45 -4.31 11.89 -4.95
CA THR A 45 -3.92 13.30 -5.01
C THR A 45 -4.85 14.07 -5.94
N PRO A 46 -5.03 15.38 -5.68
CA PRO A 46 -5.91 16.22 -6.51
C PRO A 46 -5.63 16.07 -8.00
N GLY A 47 -6.37 15.18 -8.65
CA GLY A 47 -6.18 14.95 -10.06
C GLY A 47 -5.47 13.64 -10.35
N CYS A 48 -4.69 13.17 -9.38
CA CYS A 48 -3.95 11.92 -9.53
C CYS A 48 -4.71 10.75 -8.91
N GLY A 49 -4.75 9.63 -9.63
CA GLY A 49 -5.44 8.45 -9.13
C GLY A 49 -4.67 7.17 -9.39
N VAL A 50 -3.48 7.08 -8.80
CA VAL A 50 -2.64 5.91 -8.96
C VAL A 50 -2.99 4.82 -7.97
N ARG A 51 -2.97 3.57 -8.42
CA ARG A 51 -3.29 2.43 -7.57
C ARG A 51 -2.09 1.52 -7.41
N LYS A 52 -1.94 0.92 -6.22
CA LYS A 52 -0.84 0.02 -5.94
C LYS A 52 -1.29 -1.15 -5.08
N HIS A 53 -0.72 -2.33 -5.34
CA HIS A 53 -1.07 -3.53 -4.59
C HIS A 53 0.11 -3.97 -3.72
N VAL A 54 -0.21 -4.57 -2.58
CA VAL A 54 0.83 -5.06 -1.66
C VAL A 54 0.60 -6.52 -1.30
N GLU A 55 1.39 -7.40 -1.92
CA GLU A 55 1.29 -8.83 -1.66
C GLU A 55 2.54 -9.35 -0.97
N ARG A 56 2.38 -9.78 0.28
CA ARG A 56 3.50 -10.31 1.06
C ARG A 56 3.62 -11.82 0.89
N ALA A 57 4.66 -12.26 0.17
CA ALA A 57 4.89 -13.67 -0.05
C ALA A 57 5.34 -14.37 1.23
N ALA A 58 4.49 -15.24 1.75
CA ALA A 58 4.80 -15.98 2.97
C ALA A 58 5.65 -17.21 2.67
N THR A 59 5.46 -17.79 1.49
CA THR A 59 6.22 -18.97 1.09
C THR A 59 7.72 -18.73 1.18
N ASP A 60 8.12 -17.46 1.11
CA ASP A 60 9.53 -17.10 1.19
C ASP A 60 9.87 -16.61 2.60
N PRO A 61 11.18 -16.57 2.94
CA PRO A 61 11.63 -16.12 4.26
C PRO A 61 11.06 -14.75 4.61
N LYS A 62 10.88 -13.90 3.60
CA LYS A 62 10.34 -12.57 3.81
C LYS A 62 10.23 -11.82 2.48
N ALA A 63 9.22 -12.18 1.68
CA ALA A 63 9.02 -11.54 0.39
C ALA A 63 7.85 -10.56 0.43
N VAL A 64 8.04 -9.39 -0.16
CA VAL A 64 7.00 -8.36 -0.18
C VAL A 64 6.86 -7.75 -1.57
N VAL A 65 6.10 -8.41 -2.44
CA VAL A 65 5.90 -7.93 -3.80
C VAL A 65 4.89 -6.79 -3.83
N THR A 66 5.12 -5.82 -4.72
CA THR A 66 4.23 -4.67 -4.84
C THR A 66 4.11 -4.24 -6.31
N THR A 67 2.86 -4.08 -6.76
CA THR A 67 2.61 -3.67 -8.13
C THR A 67 2.18 -2.22 -8.20
N TYR A 68 2.55 -1.54 -9.28
CA TYR A 68 2.20 -0.14 -9.47
C TYR A 68 1.39 0.06 -10.74
N GLU A 69 0.25 0.73 -10.60
CA GLU A 69 -0.62 0.99 -11.75
C GLU A 69 -0.95 2.47 -11.85
N GLY A 70 -0.55 3.09 -12.96
CA GLY A 70 -0.81 4.50 -13.16
C GLY A 70 0.43 5.35 -13.02
N LYS A 71 0.29 6.64 -13.30
CA LYS A 71 1.42 7.57 -13.21
C LYS A 71 1.04 8.81 -12.43
N HIS A 72 2.04 9.49 -11.87
CA HIS A 72 1.81 10.70 -11.09
C HIS A 72 1.77 11.93 -11.99
N ASN A 73 0.83 12.82 -11.72
CA ASN A 73 0.68 14.03 -12.50
C ASN A 73 0.70 15.27 -11.60
N HIS A 74 1.43 15.18 -10.50
CA HIS A 74 1.53 16.28 -9.55
C HIS A 74 2.93 16.39 -8.97
N ASP A 75 3.29 17.58 -8.50
CA ASP A 75 4.61 17.81 -7.92
C ASP A 75 4.77 17.03 -6.62
N LEU A 76 6.02 16.86 -6.19
CA LEU A 76 6.30 16.13 -4.96
C LEU A 76 6.08 17.02 -3.74
N PRO A 77 5.08 16.71 -2.90
CA PRO A 77 4.77 17.48 -1.70
C PRO A 77 5.80 17.28 -0.60
N ALA A 78 5.58 17.93 0.55
CA ALA A 78 6.49 17.80 1.68
C ALA A 78 5.75 17.36 2.94
N VAL A 8 10.74 3.96 15.06
CA VAL A 8 10.35 4.03 16.49
C VAL A 8 8.88 3.71 16.67
N GLN A 9 8.59 2.56 17.27
CA GLN A 9 7.22 2.13 17.51
C GLN A 9 7.05 1.58 18.92
N THR A 10 6.83 2.48 19.87
CA THR A 10 6.66 2.09 21.27
C THR A 10 5.22 2.31 21.72
N THR A 11 4.27 2.18 20.79
CA THR A 11 2.86 2.37 21.09
C THR A 11 1.99 1.87 19.95
N SER A 12 2.10 2.53 18.80
CA SER A 12 1.31 2.17 17.63
C SER A 12 2.22 1.67 16.50
N GLU A 13 1.71 0.74 15.71
CA GLU A 13 2.48 0.19 14.59
C GLU A 13 2.12 0.88 13.29
N VAL A 14 2.93 1.85 12.89
CA VAL A 14 2.68 2.59 11.66
C VAL A 14 3.20 1.83 10.44
N ASP A 15 2.32 1.53 9.50
CA ASP A 15 2.69 0.80 8.30
C ASP A 15 2.83 1.74 7.12
N LEU A 16 2.04 2.82 7.11
CA LEU A 16 2.08 3.80 6.04
C LEU A 16 3.24 4.77 6.24
N LEU A 17 4.29 4.60 5.46
CA LEU A 17 5.47 5.46 5.55
C LEU A 17 5.46 6.52 4.45
N ASP A 18 5.28 7.77 4.84
CA ASP A 18 5.25 8.88 3.89
C ASP A 18 6.65 9.23 3.41
N ASP A 19 6.91 8.96 2.14
CA ASP A 19 8.22 9.25 1.55
C ASP A 19 8.12 10.38 0.53
N GLY A 20 7.06 10.37 -0.25
CA GLY A 20 6.87 11.41 -1.26
C GLY A 20 5.43 11.51 -1.72
N TYR A 21 4.88 10.38 -2.17
CA TYR A 21 3.51 10.34 -2.66
C TYR A 21 2.53 10.17 -1.49
N ARG A 22 1.27 10.54 -1.72
CA ARG A 22 0.24 10.41 -0.70
C ARG A 22 -0.72 9.27 -1.03
N TRP A 23 -0.61 8.18 -0.28
CA TRP A 23 -1.47 7.02 -0.50
C TRP A 23 -2.56 6.93 0.57
N ARG A 24 -3.49 6.00 0.38
CA ARG A 24 -4.57 5.80 1.33
C ARG A 24 -5.20 4.42 1.16
N LYS A 25 -5.77 3.89 2.23
CA LYS A 25 -6.40 2.59 2.21
C LYS A 25 -7.87 2.69 1.79
N TYR A 26 -8.33 1.71 1.03
CA TYR A 26 -9.71 1.68 0.56
C TYR A 26 -10.30 0.28 0.67
N GLY A 27 -9.54 -0.71 0.21
CA GLY A 27 -10.00 -2.08 0.27
C GLY A 27 -8.91 -3.04 0.71
N GLN A 28 -9.32 -4.21 1.20
CA GLN A 28 -8.36 -5.21 1.66
C GLN A 28 -8.92 -6.62 1.48
N LYS A 29 -8.03 -7.58 1.24
CA LYS A 29 -8.44 -8.97 1.04
C LYS A 29 -7.72 -9.89 2.04
N VAL A 30 -7.98 -11.19 1.92
CA VAL A 30 -7.35 -12.16 2.80
C VAL A 30 -6.78 -13.33 2.01
N VAL A 31 -5.80 -14.01 2.60
CA VAL A 31 -5.15 -15.15 1.95
C VAL A 31 -5.20 -16.38 2.85
N LYS A 32 -5.36 -17.55 2.22
CA LYS A 32 -5.42 -18.80 2.96
C LYS A 32 -4.03 -19.41 3.11
N GLY A 33 -3.50 -19.37 4.33
CA GLY A 33 -2.18 -19.91 4.60
C GLY A 33 -1.16 -18.85 4.97
N ASN A 34 -1.20 -17.74 4.26
CA ASN A 34 -0.28 -16.63 4.52
C ASN A 34 -0.68 -15.88 5.79
N PRO A 35 0.32 -15.48 6.60
CA PRO A 35 0.06 -14.74 7.85
C PRO A 35 -0.29 -13.29 7.61
N TYR A 36 0.43 -12.65 6.67
CA TYR A 36 0.20 -11.26 6.34
C TYR A 36 -0.93 -11.11 5.32
N PRO A 37 -2.07 -10.52 5.72
CA PRO A 37 -3.21 -10.33 4.84
C PRO A 37 -2.84 -9.58 3.56
N ARG A 38 -3.84 -9.18 2.79
CA ARG A 38 -3.62 -8.45 1.55
C ARG A 38 -4.26 -7.06 1.60
N SER A 39 -3.43 -6.03 1.66
CA SER A 39 -3.91 -4.66 1.71
C SER A 39 -3.85 -4.01 0.33
N TYR A 40 -4.63 -2.95 0.15
CA TYR A 40 -4.66 -2.23 -1.12
C TYR A 40 -4.73 -0.73 -0.91
N TYR A 41 -3.72 -0.02 -1.37
CA TYR A 41 -3.67 1.44 -1.24
C TYR A 41 -3.84 2.12 -2.58
N LYS A 42 -3.87 3.45 -2.57
CA LYS A 42 -4.02 4.22 -3.79
C LYS A 42 -3.60 5.67 -3.59
N CYS A 43 -2.72 6.15 -4.46
CA CYS A 43 -2.23 7.52 -4.38
C CYS A 43 -3.35 8.51 -4.67
N THR A 44 -3.99 9.00 -3.61
CA THR A 44 -5.09 9.95 -3.74
C THR A 44 -4.59 11.39 -3.65
N THR A 45 -3.86 11.83 -4.67
CA THR A 45 -3.31 13.18 -4.70
C THR A 45 -4.18 14.09 -5.58
N PRO A 46 -4.05 15.42 -5.40
CA PRO A 46 -4.83 16.39 -6.19
C PRO A 46 -4.74 16.13 -7.68
N GLY A 47 -5.66 15.34 -8.21
CA GLY A 47 -5.67 15.03 -9.62
C GLY A 47 -5.09 13.65 -9.92
N CYS A 48 -4.22 13.18 -9.03
CA CYS A 48 -3.59 11.87 -9.20
C CYS A 48 -4.48 10.76 -8.62
N GLY A 49 -4.67 9.70 -9.40
CA GLY A 49 -5.49 8.59 -8.95
C GLY A 49 -4.86 7.25 -9.25
N VAL A 50 -3.72 6.98 -8.64
CA VAL A 50 -3.01 5.72 -8.84
C VAL A 50 -3.40 4.70 -7.78
N ARG A 51 -3.53 3.44 -8.20
CA ARG A 51 -3.88 2.36 -7.28
C ARG A 51 -2.81 1.28 -7.25
N LYS A 52 -2.26 1.03 -6.07
CA LYS A 52 -1.22 0.01 -5.92
C LYS A 52 -1.69 -1.11 -4.99
N HIS A 53 -0.98 -2.24 -5.05
CA HIS A 53 -1.33 -3.39 -4.22
C HIS A 53 -0.09 -3.92 -3.50
N VAL A 54 -0.20 -4.02 -2.18
CA VAL A 54 0.92 -4.52 -1.36
C VAL A 54 0.69 -5.96 -0.95
N GLU A 55 1.58 -6.85 -1.38
CA GLU A 55 1.48 -8.26 -1.05
C GLU A 55 2.77 -8.76 -0.40
N ARG A 56 2.62 -9.51 0.69
CA ARG A 56 3.77 -10.06 1.40
C ARG A 56 3.88 -11.56 1.19
N ALA A 57 4.98 -11.99 0.58
CA ALA A 57 5.21 -13.40 0.32
C ALA A 57 5.80 -14.10 1.53
N ALA A 58 5.13 -15.14 2.00
CA ALA A 58 5.59 -15.89 3.16
C ALA A 58 6.62 -16.94 2.75
N THR A 59 6.59 -17.37 1.49
CA THR A 59 7.52 -18.37 0.99
C THR A 59 8.96 -17.97 1.28
N ASP A 60 9.24 -16.68 1.20
CA ASP A 60 10.59 -16.17 1.46
C ASP A 60 10.69 -15.60 2.86
N PRO A 61 11.93 -15.42 3.38
CA PRO A 61 12.15 -14.88 4.72
C PRO A 61 11.41 -13.57 4.94
N LYS A 62 11.20 -12.82 3.87
CA LYS A 62 10.50 -11.54 3.95
C LYS A 62 10.34 -10.93 2.56
N ALA A 63 9.39 -11.45 1.79
CA ALA A 63 9.14 -10.95 0.44
C ALA A 63 7.96 -9.99 0.43
N VAL A 64 8.14 -8.86 -0.24
CA VAL A 64 7.09 -7.84 -0.33
C VAL A 64 6.88 -7.40 -1.77
N VAL A 65 6.10 -8.18 -2.51
CA VAL A 65 5.83 -7.87 -3.91
C VAL A 65 4.70 -6.84 -4.03
N THR A 66 5.02 -5.68 -4.62
CA THR A 66 4.05 -4.61 -4.79
C THR A 66 3.71 -4.42 -6.27
N THR A 67 2.44 -4.10 -6.53
CA THR A 67 2.00 -3.88 -7.91
C THR A 67 1.51 -2.45 -8.09
N TYR A 68 2.14 -1.73 -9.02
CA TYR A 68 1.78 -0.34 -9.29
C TYR A 68 0.93 -0.25 -10.56
N GLU A 69 -0.22 0.42 -10.45
CA GLU A 69 -1.12 0.57 -11.59
C GLU A 69 -1.45 2.05 -11.81
N GLY A 70 -0.86 2.63 -12.84
CA GLY A 70 -1.10 4.03 -13.15
C GLY A 70 0.13 4.89 -12.96
N LYS A 71 0.17 6.01 -13.66
CA LYS A 71 1.31 6.93 -13.58
C LYS A 71 0.97 8.14 -12.69
N HIS A 72 2.01 8.75 -12.13
CA HIS A 72 1.82 9.92 -11.27
C HIS A 72 1.84 11.20 -12.08
N ASN A 73 0.70 11.88 -12.14
CA ASN A 73 0.59 13.13 -12.89
C ASN A 73 1.38 14.24 -12.20
N HIS A 74 1.55 14.12 -10.88
CA HIS A 74 2.28 15.11 -10.10
C HIS A 74 3.75 14.71 -9.97
N ASP A 75 4.64 15.65 -10.27
CA ASP A 75 6.08 15.41 -10.18
C ASP A 75 6.48 14.99 -8.77
N LEU A 76 7.72 14.53 -8.62
CA LEU A 76 8.24 14.10 -7.33
C LEU A 76 8.30 15.27 -6.35
N PRO A 77 7.46 15.26 -5.30
CA PRO A 77 7.44 16.34 -4.31
C PRO A 77 8.82 16.58 -3.69
N ALA A 78 8.90 17.59 -2.82
CA ALA A 78 10.16 17.92 -2.16
C ALA A 78 9.89 18.53 -0.78
N VAL A 8 -17.56 1.70 21.14
CA VAL A 8 -16.11 1.59 20.82
C VAL A 8 -15.78 2.35 19.55
N GLN A 9 -14.56 2.90 19.49
CA GLN A 9 -14.12 3.65 18.32
C GLN A 9 -12.62 3.45 18.09
N THR A 10 -12.27 2.40 17.37
CA THR A 10 -10.88 2.11 17.07
C THR A 10 -10.51 2.55 15.66
N THR A 11 -9.58 3.49 15.56
CA THR A 11 -9.13 4.01 14.28
C THR A 11 -7.61 4.06 14.19
N SER A 12 -7.03 3.08 13.50
CA SER A 12 -5.59 3.00 13.35
C SER A 12 -5.11 3.95 12.25
N GLU A 13 -3.99 4.62 12.49
CA GLU A 13 -3.43 5.55 11.53
C GLU A 13 -2.46 4.85 10.59
N VAL A 14 -2.85 4.71 9.33
CA VAL A 14 -2.02 4.05 8.33
C VAL A 14 -0.99 5.02 7.75
N ASP A 15 0.28 4.71 7.93
CA ASP A 15 1.36 5.55 7.42
C ASP A 15 2.11 4.85 6.28
N LEU A 16 2.23 5.53 5.15
CA LEU A 16 2.91 4.99 3.99
C LEU A 16 4.40 5.36 4.00
N LEU A 17 5.26 4.37 3.84
CA LEU A 17 6.69 4.60 3.83
C LEU A 17 7.19 4.94 2.42
N ASP A 18 6.57 5.95 1.82
CA ASP A 18 6.94 6.38 0.47
C ASP A 18 7.94 7.53 0.53
N ASP A 19 8.29 8.05 -0.64
CA ASP A 19 9.23 9.16 -0.73
C ASP A 19 8.55 10.42 -1.25
N GLY A 20 7.27 10.57 -0.94
CA GLY A 20 6.52 11.73 -1.39
C GLY A 20 5.07 11.40 -1.69
N TYR A 21 4.85 10.40 -2.53
CA TYR A 21 3.50 9.99 -2.90
C TYR A 21 2.71 9.54 -1.68
N ARG A 22 1.44 9.93 -1.62
CA ARG A 22 0.57 9.57 -0.51
C ARG A 22 -0.51 8.59 -0.95
N TRP A 23 -0.36 7.33 -0.57
CA TRP A 23 -1.33 6.29 -0.93
C TRP A 23 -2.29 6.03 0.22
N ARG A 24 -3.54 5.74 -0.12
CA ARG A 24 -4.56 5.47 0.89
C ARG A 24 -5.14 4.07 0.71
N LYS A 25 -5.44 3.40 1.81
CA LYS A 25 -6.00 2.06 1.78
C LYS A 25 -7.50 2.10 1.49
N TYR A 26 -7.97 1.12 0.74
CA TYR A 26 -9.39 1.04 0.38
C TYR A 26 -9.87 -0.41 0.40
N GLY A 27 -9.10 -1.30 -0.22
CA GLY A 27 -9.48 -2.70 -0.26
C GLY A 27 -8.42 -3.59 0.35
N GLN A 28 -8.81 -4.81 0.72
CA GLN A 28 -7.90 -5.77 1.32
C GLN A 28 -8.45 -7.19 1.23
N LYS A 29 -7.55 -8.16 1.16
CA LYS A 29 -7.95 -9.56 1.06
C LYS A 29 -7.17 -10.42 2.06
N VAL A 30 -7.60 -11.66 2.24
CA VAL A 30 -6.94 -12.58 3.15
C VAL A 30 -6.61 -13.90 2.47
N VAL A 31 -5.44 -14.44 2.79
CA VAL A 31 -5.00 -15.71 2.20
C VAL A 31 -4.77 -16.76 3.29
N LYS A 32 -5.12 -18.01 2.97
CA LYS A 32 -4.95 -19.10 3.92
C LYS A 32 -3.48 -19.48 4.04
N GLY A 33 -3.01 -19.59 5.28
CA GLY A 33 -1.62 -19.95 5.53
C GLY A 33 -0.74 -18.74 5.76
N ASN A 34 -1.07 -17.63 5.10
CA ASN A 34 -0.30 -16.40 5.23
C ASN A 34 -0.82 -15.57 6.41
N PRO A 35 -0.03 -15.44 7.49
CA PRO A 35 -0.41 -14.65 8.67
C PRO A 35 -0.51 -13.16 8.37
N TYR A 36 0.02 -12.74 7.22
CA TYR A 36 -0.01 -11.34 6.83
C TYR A 36 -0.95 -11.12 5.65
N PRO A 37 -2.21 -10.76 5.92
CA PRO A 37 -3.21 -10.53 4.86
C PRO A 37 -2.69 -9.59 3.78
N ARG A 38 -3.49 -9.40 2.74
CA ARG A 38 -3.12 -8.52 1.63
C ARG A 38 -3.86 -7.21 1.70
N SER A 39 -3.14 -6.11 1.52
CA SER A 39 -3.73 -4.78 1.57
C SER A 39 -3.49 -4.04 0.26
N TYR A 40 -4.37 -3.09 -0.06
CA TYR A 40 -4.26 -2.31 -1.29
C TYR A 40 -4.32 -0.82 -0.99
N TYR A 41 -3.47 -0.05 -1.66
CA TYR A 41 -3.43 1.40 -1.47
C TYR A 41 -3.59 2.12 -2.80
N LYS A 42 -3.75 3.44 -2.74
CA LYS A 42 -3.91 4.24 -3.94
C LYS A 42 -3.46 5.68 -3.71
N CYS A 43 -2.61 6.17 -4.60
CA CYS A 43 -2.10 7.53 -4.51
C CYS A 43 -3.23 8.54 -4.64
N THR A 44 -3.64 9.11 -3.52
CA THR A 44 -4.73 10.09 -3.50
C THR A 44 -4.18 11.51 -3.43
N THR A 45 -3.58 11.97 -4.52
CA THR A 45 -3.03 13.32 -4.59
C THR A 45 -3.97 14.26 -5.32
N PRO A 46 -3.80 15.58 -5.15
CA PRO A 46 -4.65 16.58 -5.80
C PRO A 46 -4.74 16.37 -7.31
N GLY A 47 -5.71 15.58 -7.74
CA GLY A 47 -5.88 15.30 -9.15
C GLY A 47 -5.35 13.93 -9.54
N CYS A 48 -4.41 13.42 -8.77
CA CYS A 48 -3.82 12.11 -9.05
C CYS A 48 -4.67 11.00 -8.44
N GLY A 49 -4.95 9.98 -9.23
CA GLY A 49 -5.74 8.85 -8.75
C GLY A 49 -5.15 7.52 -9.15
N VAL A 50 -3.94 7.23 -8.65
CA VAL A 50 -3.26 5.99 -8.96
C VAL A 50 -3.56 4.92 -7.91
N ARG A 51 -3.48 3.65 -8.32
CA ARG A 51 -3.74 2.54 -7.42
C ARG A 51 -2.59 1.54 -7.44
N LYS A 52 -2.36 0.89 -6.30
CA LYS A 52 -1.29 -0.09 -6.20
C LYS A 52 -1.73 -1.29 -5.36
N HIS A 53 -1.04 -2.42 -5.51
CA HIS A 53 -1.36 -3.62 -4.77
C HIS A 53 -0.16 -4.10 -3.96
N VAL A 54 -0.33 -4.23 -2.65
CA VAL A 54 0.74 -4.67 -1.78
C VAL A 54 0.43 -6.05 -1.19
N GLU A 55 1.44 -6.91 -1.15
CA GLU A 55 1.27 -8.26 -0.62
C GLU A 55 2.52 -8.69 0.15
N ARG A 56 2.31 -9.30 1.31
CA ARG A 56 3.42 -9.76 2.14
C ARG A 56 3.63 -11.27 1.97
N ALA A 57 4.46 -11.63 1.00
CA ALA A 57 4.76 -13.03 0.74
C ALA A 57 5.37 -13.70 1.96
N ALA A 58 4.67 -14.71 2.49
CA ALA A 58 5.15 -15.44 3.66
C ALA A 58 6.05 -16.60 3.26
N THR A 59 5.89 -17.08 2.03
CA THR A 59 6.70 -18.19 1.52
C THR A 59 8.19 -17.92 1.73
N ASP A 60 8.59 -16.68 1.54
CA ASP A 60 9.99 -16.29 1.70
C ASP A 60 10.22 -15.62 3.05
N PRO A 61 11.49 -15.52 3.48
CA PRO A 61 11.83 -14.90 4.77
C PRO A 61 11.18 -13.53 4.95
N LYS A 62 10.96 -12.83 3.83
CA LYS A 62 10.35 -11.51 3.86
C LYS A 62 10.21 -10.95 2.45
N ALA A 63 9.21 -11.43 1.72
CA ALA A 63 8.98 -10.96 0.36
C ALA A 63 7.85 -9.94 0.31
N VAL A 64 8.11 -8.82 -0.37
CA VAL A 64 7.13 -7.76 -0.49
C VAL A 64 6.92 -7.37 -1.95
N VAL A 65 5.92 -7.98 -2.58
CA VAL A 65 5.62 -7.71 -3.98
C VAL A 65 4.61 -6.56 -4.11
N THR A 66 4.96 -5.56 -4.91
CA THR A 66 4.08 -4.42 -5.12
C THR A 66 3.84 -4.16 -6.61
N THR A 67 2.64 -3.69 -6.93
CA THR A 67 2.28 -3.41 -8.32
C THR A 67 1.70 -2.01 -8.46
N TYR A 68 1.98 -1.36 -9.58
CA TYR A 68 1.48 -0.01 -9.84
C TYR A 68 0.49 -0.02 -11.00
N GLU A 69 -0.53 0.83 -10.88
CA GLU A 69 -1.55 0.92 -11.91
C GLU A 69 -1.87 2.39 -12.24
N GLY A 70 -1.10 2.95 -13.17
CA GLY A 70 -1.31 4.34 -13.54
C GLY A 70 -0.05 5.17 -13.41
N LYS A 71 -0.06 6.36 -14.01
CA LYS A 71 1.10 7.26 -13.95
C LYS A 71 0.78 8.47 -13.09
N HIS A 72 1.84 9.05 -12.50
CA HIS A 72 1.68 10.22 -11.65
C HIS A 72 1.68 11.50 -12.47
N ASN A 73 0.91 12.49 -12.03
CA ASN A 73 0.83 13.77 -12.73
C ASN A 73 1.11 14.93 -11.78
N HIS A 74 1.93 14.68 -10.78
CA HIS A 74 2.29 15.71 -9.81
C HIS A 74 3.74 15.56 -9.35
N ASP A 75 4.44 16.68 -9.21
CA ASP A 75 5.83 16.67 -8.79
C ASP A 75 5.97 15.99 -7.42
N LEU A 76 7.21 15.65 -7.08
CA LEU A 76 7.49 14.99 -5.81
C LEU A 76 7.33 15.96 -4.64
N PRO A 77 6.32 15.74 -3.77
CA PRO A 77 6.07 16.61 -2.62
C PRO A 77 7.11 16.43 -1.52
N ALA A 78 6.99 17.22 -0.46
CA ALA A 78 7.92 17.15 0.66
C ALA A 78 7.25 17.62 1.95
N VAL A 8 -15.22 -9.42 18.51
CA VAL A 8 -13.84 -8.93 18.77
C VAL A 8 -13.57 -7.62 18.02
N GLN A 9 -12.73 -6.78 18.60
CA GLN A 9 -12.39 -5.50 17.98
C GLN A 9 -11.04 -4.98 18.51
N THR A 10 -9.96 -5.34 17.83
CA THR A 10 -8.63 -4.92 18.22
C THR A 10 -8.16 -3.73 17.39
N THR A 11 -6.97 -3.22 17.70
CA THR A 11 -6.42 -2.09 16.98
C THR A 11 -4.89 -2.12 17.01
N SER A 12 -4.28 -2.02 15.84
CA SER A 12 -2.82 -2.04 15.73
C SER A 12 -2.30 -0.69 15.24
N GLU A 13 -1.12 -0.32 15.71
CA GLU A 13 -0.50 0.95 15.31
C GLU A 13 -0.15 0.94 13.83
N VAL A 14 -1.00 1.57 13.02
CA VAL A 14 -0.78 1.64 11.58
C VAL A 14 0.38 2.57 11.25
N ASP A 15 1.42 2.02 10.64
CA ASP A 15 2.60 2.79 10.26
C ASP A 15 2.47 3.32 8.84
N LEU A 16 1.38 4.03 8.57
CA LEU A 16 1.13 4.59 7.24
C LEU A 16 1.52 6.06 7.19
N LEU A 17 2.63 6.40 7.84
CA LEU A 17 3.11 7.77 7.87
C LEU A 17 3.51 8.24 6.47
N ASP A 18 2.88 9.32 6.01
CA ASP A 18 3.16 9.86 4.69
C ASP A 18 4.63 10.27 4.57
N ASP A 19 5.34 9.65 3.65
CA ASP A 19 6.75 9.95 3.43
C ASP A 19 7.09 9.98 1.95
N GLY A 20 6.11 10.39 1.13
CA GLY A 20 6.32 10.45 -0.30
C GLY A 20 5.06 10.89 -1.05
N TYR A 21 4.06 10.02 -1.09
CA TYR A 21 2.81 10.32 -1.77
C TYR A 21 1.62 10.07 -0.84
N ARG A 22 0.52 10.77 -1.12
CA ARG A 22 -0.69 10.63 -0.31
C ARG A 22 -1.49 9.40 -0.73
N TRP A 23 -1.29 8.30 0.00
CA TRP A 23 -1.99 7.05 -0.29
C TRP A 23 -3.20 6.88 0.62
N ARG A 24 -4.14 6.06 0.20
CA ARG A 24 -5.36 5.80 0.99
C ARG A 24 -5.78 4.35 0.87
N LYS A 25 -6.44 3.85 1.92
CA LYS A 25 -6.91 2.46 1.93
C LYS A 25 -8.35 2.37 1.44
N TYR A 26 -8.60 1.43 0.53
CA TYR A 26 -9.94 1.24 -0.01
C TYR A 26 -10.37 -0.21 0.12
N GLY A 27 -9.47 -1.14 -0.20
CA GLY A 27 -9.78 -2.55 -0.10
C GLY A 27 -8.70 -3.34 0.60
N GLN A 28 -9.07 -4.48 1.18
CA GLN A 28 -8.12 -5.32 1.89
C GLN A 28 -8.71 -6.70 2.16
N LYS A 29 -8.02 -7.74 1.71
CA LYS A 29 -8.47 -9.11 1.91
C LYS A 29 -7.47 -9.91 2.74
N VAL A 30 -7.80 -11.16 3.01
CA VAL A 30 -6.92 -12.04 3.79
C VAL A 30 -6.57 -13.30 3.01
N VAL A 31 -5.30 -13.70 3.08
CA VAL A 31 -4.84 -14.89 2.38
C VAL A 31 -4.98 -16.13 3.25
N LYS A 32 -5.08 -17.29 2.62
CA LYS A 32 -5.23 -18.55 3.34
C LYS A 32 -3.88 -19.26 3.46
N GLY A 33 -3.15 -18.96 4.53
CA GLY A 33 -1.86 -19.57 4.75
C GLY A 33 -0.78 -18.56 5.05
N ASN A 34 -0.90 -17.37 4.47
CA ASN A 34 0.06 -16.30 4.67
C ASN A 34 -0.30 -15.45 5.89
N PRO A 35 0.50 -15.51 6.96
CA PRO A 35 0.24 -14.75 8.18
C PRO A 35 0.01 -13.27 7.90
N TYR A 36 0.80 -12.71 7.00
CA TYR A 36 0.69 -11.30 6.63
C TYR A 36 -0.53 -11.08 5.73
N PRO A 37 -1.55 -10.35 6.23
CA PRO A 37 -2.76 -10.07 5.45
C PRO A 37 -2.46 -9.39 4.12
N ARG A 38 -3.50 -8.87 3.48
CA ARG A 38 -3.35 -8.19 2.19
C ARG A 38 -3.89 -6.78 2.26
N SER A 39 -3.11 -5.81 1.75
CA SER A 39 -3.53 -4.42 1.75
C SER A 39 -3.48 -3.84 0.34
N TYR A 40 -4.34 -2.86 0.09
CA TYR A 40 -4.39 -2.21 -1.22
C TYR A 40 -4.59 -0.71 -1.09
N TYR A 41 -3.51 0.04 -1.28
CA TYR A 41 -3.56 1.49 -1.18
C TYR A 41 -3.73 2.13 -2.56
N LYS A 42 -3.78 3.46 -2.59
CA LYS A 42 -3.94 4.17 -3.86
C LYS A 42 -3.72 5.67 -3.67
N CYS A 43 -2.77 6.23 -4.42
CA CYS A 43 -2.47 7.64 -4.34
C CYS A 43 -3.65 8.48 -4.81
N THR A 44 -4.40 9.03 -3.87
CA THR A 44 -5.56 9.85 -4.18
C THR A 44 -5.22 11.34 -4.13
N THR A 45 -4.62 11.84 -5.20
CA THR A 45 -4.24 13.24 -5.28
C THR A 45 -5.26 14.03 -6.10
N PRO A 46 -5.24 15.37 -6.00
CA PRO A 46 -6.18 16.23 -6.74
C PRO A 46 -6.15 15.97 -8.24
N GLY A 47 -4.99 15.56 -8.74
CA GLY A 47 -4.86 15.27 -10.16
C GLY A 47 -4.08 14.00 -10.43
N CYS A 48 -4.30 12.99 -9.60
CA CYS A 48 -3.60 11.71 -9.74
C CYS A 48 -4.34 10.60 -8.98
N GLY A 49 -4.55 9.48 -9.65
CA GLY A 49 -5.23 8.37 -9.03
C GLY A 49 -4.52 7.05 -9.25
N VAL A 50 -3.31 6.94 -8.68
CA VAL A 50 -2.50 5.73 -8.81
C VAL A 50 -2.91 4.68 -7.78
N ARG A 51 -2.91 3.42 -8.20
CA ARG A 51 -3.28 2.32 -7.30
C ARG A 51 -2.13 1.34 -7.16
N LYS A 52 -1.71 1.08 -5.92
CA LYS A 52 -0.62 0.16 -5.65
C LYS A 52 -1.07 -0.95 -4.70
N HIS A 53 -0.74 -2.19 -5.05
CA HIS A 53 -1.11 -3.33 -4.24
C HIS A 53 0.08 -3.84 -3.43
N VAL A 54 -0.11 -4.01 -2.13
CA VAL A 54 0.95 -4.49 -1.26
C VAL A 54 0.76 -5.96 -0.91
N GLU A 55 1.59 -6.82 -1.49
CA GLU A 55 1.51 -8.25 -1.25
C GLU A 55 2.79 -8.77 -0.61
N ARG A 56 2.68 -9.23 0.64
CA ARG A 56 3.83 -9.76 1.36
C ARG A 56 3.93 -11.27 1.21
N ALA A 57 4.85 -11.71 0.37
CA ALA A 57 5.04 -13.14 0.14
C ALA A 57 5.54 -13.84 1.40
N ALA A 58 4.68 -14.67 1.99
CA ALA A 58 5.03 -15.40 3.21
C ALA A 58 5.75 -16.70 2.87
N THR A 59 5.19 -17.46 1.93
CA THR A 59 5.78 -18.73 1.52
C THR A 59 7.21 -18.53 1.04
N ASP A 60 7.48 -17.37 0.45
CA ASP A 60 8.82 -17.06 -0.05
C ASP A 60 9.72 -16.55 1.09
N PRO A 61 11.05 -16.65 0.91
CA PRO A 61 12.01 -16.20 1.92
C PRO A 61 11.98 -14.68 2.12
N LYS A 62 10.87 -14.19 2.66
CA LYS A 62 10.71 -12.76 2.90
C LYS A 62 10.72 -11.98 1.60
N ALA A 63 9.56 -11.92 0.95
CA ALA A 63 9.44 -11.20 -0.32
C ALA A 63 8.32 -10.17 -0.25
N VAL A 64 8.61 -8.97 -0.77
CA VAL A 64 7.63 -7.89 -0.76
C VAL A 64 7.39 -7.35 -2.17
N VAL A 65 6.36 -7.86 -2.83
CA VAL A 65 6.02 -7.45 -4.18
C VAL A 65 4.94 -6.37 -4.17
N THR A 66 5.16 -5.31 -4.94
CA THR A 66 4.21 -4.21 -5.02
C THR A 66 3.80 -3.93 -6.47
N THR A 67 2.50 -3.99 -6.74
CA THR A 67 2.00 -3.74 -8.08
C THR A 67 1.60 -2.28 -8.26
N TYR A 68 2.52 -1.48 -8.78
CA TYR A 68 2.27 -0.07 -9.00
C TYR A 68 1.46 0.15 -10.28
N GLU A 69 0.14 0.29 -10.12
CA GLU A 69 -0.74 0.50 -11.27
C GLU A 69 -1.01 1.99 -11.48
N GLY A 70 -0.55 2.50 -12.62
CA GLY A 70 -0.75 3.91 -12.93
C GLY A 70 0.55 4.70 -12.89
N LYS A 71 0.44 6.02 -12.96
CA LYS A 71 1.61 6.88 -12.93
C LYS A 71 1.30 8.20 -12.22
N HIS A 72 2.30 8.75 -11.54
CA HIS A 72 2.13 10.00 -10.81
C HIS A 72 2.30 11.20 -11.74
N ASN A 73 1.22 11.94 -11.94
CA ASN A 73 1.25 13.10 -12.81
C ASN A 73 1.41 14.39 -11.99
N HIS A 74 2.18 14.30 -10.91
CA HIS A 74 2.41 15.45 -10.04
C HIS A 74 3.80 15.38 -9.41
N ASP A 75 4.43 16.54 -9.26
CA ASP A 75 5.75 16.61 -8.66
C ASP A 75 5.72 16.16 -7.20
N LEU A 76 6.86 15.67 -6.72
CA LEU A 76 6.95 15.20 -5.34
C LEU A 76 6.71 16.35 -4.36
N PRO A 77 5.79 16.17 -3.40
CA PRO A 77 5.47 17.21 -2.41
C PRO A 77 6.70 17.72 -1.68
N ALA A 78 6.51 18.68 -0.79
CA ALA A 78 7.63 19.25 -0.04
C ALA A 78 7.89 18.44 1.22
N VAL A 8 2.00 -5.04 19.76
CA VAL A 8 0.57 -5.36 19.55
C VAL A 8 -0.34 -4.21 19.98
N GLN A 9 0.05 -3.53 21.04
CA GLN A 9 -0.72 -2.41 21.57
C GLN A 9 -0.03 -1.08 21.26
N THR A 10 -0.83 -0.07 20.92
CA THR A 10 -0.29 1.25 20.60
C THR A 10 -1.32 2.34 20.90
N THR A 11 -0.86 3.59 20.87
CA THR A 11 -1.74 4.73 21.13
C THR A 11 -2.48 5.16 19.86
N SER A 12 -1.72 5.69 18.91
CA SER A 12 -2.29 6.14 17.65
C SER A 12 -1.94 5.17 16.51
N GLU A 13 -2.89 4.97 15.60
CA GLU A 13 -2.69 4.07 14.47
C GLU A 13 -2.14 4.83 13.27
N VAL A 14 -1.05 5.58 13.50
CA VAL A 14 -0.42 6.35 12.44
C VAL A 14 0.58 5.50 11.65
N ASP A 15 0.06 4.49 10.95
CA ASP A 15 0.90 3.61 10.16
C ASP A 15 1.14 4.18 8.77
N LEU A 16 0.16 4.91 8.25
CA LEU A 16 0.27 5.51 6.93
C LEU A 16 1.02 6.84 7.00
N LEU A 17 2.34 6.78 6.88
CA LEU A 17 3.17 7.98 6.92
C LEU A 17 3.19 8.68 5.56
N ASP A 18 2.53 9.83 5.50
CA ASP A 18 2.46 10.61 4.26
C ASP A 18 3.75 11.41 4.06
N ASP A 19 4.76 10.75 3.50
CA ASP A 19 6.04 11.39 3.24
C ASP A 19 6.31 11.49 1.75
N GLY A 20 6.13 10.39 1.04
CA GLY A 20 6.35 10.37 -0.40
C GLY A 20 5.13 10.82 -1.18
N TYR A 21 4.06 10.07 -1.07
CA TYR A 21 2.82 10.39 -1.77
C TYR A 21 1.61 10.23 -0.86
N ARG A 22 0.44 10.64 -1.35
CA ARG A 22 -0.79 10.55 -0.58
C ARG A 22 -1.58 9.30 -0.97
N TRP A 23 -1.43 8.24 -0.16
CA TRP A 23 -2.13 6.99 -0.42
C TRP A 23 -3.33 6.82 0.51
N ARG A 24 -4.28 6.00 0.10
CA ARG A 24 -5.48 5.76 0.90
C ARG A 24 -6.02 4.36 0.65
N LYS A 25 -6.31 3.64 1.73
CA LYS A 25 -6.83 2.28 1.64
C LYS A 25 -8.27 2.29 1.14
N TYR A 26 -8.66 1.22 0.46
CA TYR A 26 -10.01 1.10 -0.06
C TYR A 26 -10.55 -0.32 0.13
N GLY A 27 -9.72 -1.31 -0.22
CA GLY A 27 -10.12 -2.70 -0.08
C GLY A 27 -8.98 -3.59 0.34
N GLN A 28 -9.17 -4.32 1.44
CA GLN A 28 -8.15 -5.22 1.95
C GLN A 28 -8.50 -6.67 1.65
N LYS A 29 -7.48 -7.52 1.58
CA LYS A 29 -7.68 -8.94 1.30
C LYS A 29 -6.96 -9.80 2.34
N VAL A 30 -7.66 -10.82 2.84
CA VAL A 30 -7.09 -11.72 3.83
C VAL A 30 -6.64 -13.04 3.20
N VAL A 31 -5.60 -13.63 3.77
CA VAL A 31 -5.07 -14.88 3.25
C VAL A 31 -4.95 -15.92 4.36
N LYS A 32 -5.66 -17.04 4.20
CA LYS A 32 -5.64 -18.10 5.19
C LYS A 32 -4.30 -18.84 5.16
N GLY A 33 -3.68 -18.99 6.33
CA GLY A 33 -2.41 -19.68 6.41
C GLY A 33 -1.24 -18.73 6.44
N ASN A 34 -1.41 -17.56 5.85
CA ASN A 34 -0.35 -16.55 5.81
C ASN A 34 -0.46 -15.61 7.01
N PRO A 35 0.64 -15.40 7.75
CA PRO A 35 0.66 -14.51 8.91
C PRO A 35 0.65 -13.04 8.53
N TYR A 36 0.99 -12.75 7.28
CA TYR A 36 1.01 -11.37 6.79
C TYR A 36 -0.10 -11.14 5.78
N PRO A 37 -1.26 -10.62 6.23
CA PRO A 37 -2.40 -10.34 5.35
C PRO A 37 -2.01 -9.49 4.15
N ARG A 38 -3.01 -9.10 3.36
CA ARG A 38 -2.76 -8.27 2.18
C ARG A 38 -3.46 -6.92 2.32
N SER A 39 -2.82 -5.89 1.79
CA SER A 39 -3.37 -4.53 1.85
C SER A 39 -3.25 -3.84 0.50
N TYR A 40 -4.27 -3.06 0.15
CA TYR A 40 -4.28 -2.34 -1.12
C TYR A 40 -4.52 -0.85 -0.90
N TYR A 41 -3.74 -0.02 -1.59
CA TYR A 41 -3.87 1.43 -1.47
C TYR A 41 -3.90 2.08 -2.86
N LYS A 42 -4.08 3.40 -2.88
CA LYS A 42 -4.13 4.15 -4.13
C LYS A 42 -3.80 5.62 -3.90
N CYS A 43 -2.88 6.15 -4.71
CA CYS A 43 -2.48 7.54 -4.60
C CYS A 43 -3.64 8.46 -4.95
N THR A 44 -4.39 8.88 -3.94
CA THR A 44 -5.53 9.77 -4.14
C THR A 44 -5.12 11.24 -3.99
N THR A 45 -4.31 11.72 -4.94
CA THR A 45 -3.85 13.10 -4.92
C THR A 45 -4.69 13.96 -5.86
N PRO A 46 -4.66 15.29 -5.68
CA PRO A 46 -5.42 16.23 -6.52
C PRO A 46 -5.18 16.00 -8.00
N GLY A 47 -6.01 15.15 -8.61
CA GLY A 47 -5.87 14.86 -10.02
C GLY A 47 -5.20 13.52 -10.27
N CYS A 48 -4.37 13.09 -9.33
CA CYS A 48 -3.66 11.82 -9.46
C CYS A 48 -4.53 10.66 -8.99
N GLY A 49 -4.65 9.65 -9.84
CA GLY A 49 -5.46 8.48 -9.49
C GLY A 49 -4.71 7.18 -9.70
N VAL A 50 -3.63 7.00 -8.96
CA VAL A 50 -2.82 5.79 -9.07
C VAL A 50 -3.26 4.75 -8.04
N ARG A 51 -3.05 3.48 -8.38
CA ARG A 51 -3.42 2.38 -7.49
C ARG A 51 -2.26 1.42 -7.30
N LYS A 52 -1.99 1.07 -6.04
CA LYS A 52 -0.90 0.15 -5.73
C LYS A 52 -1.40 -1.03 -4.91
N HIS A 53 -0.68 -2.14 -4.98
CA HIS A 53 -1.06 -3.34 -4.24
C HIS A 53 0.14 -3.91 -3.48
N VAL A 54 0.11 -3.77 -2.16
CA VAL A 54 1.19 -4.27 -1.32
C VAL A 54 0.86 -5.65 -0.75
N GLU A 55 1.61 -6.66 -1.19
CA GLU A 55 1.39 -8.03 -0.72
C GLU A 55 2.70 -8.65 -0.24
N ARG A 56 2.61 -9.47 0.80
CA ARG A 56 3.79 -10.12 1.36
C ARG A 56 3.63 -11.64 1.31
N ALA A 57 4.38 -12.28 0.41
CA ALA A 57 4.33 -13.73 0.26
C ALA A 57 5.05 -14.43 1.41
N ALA A 58 4.39 -15.41 2.01
CA ALA A 58 4.96 -16.17 3.12
C ALA A 58 5.79 -17.34 2.61
N THR A 59 5.52 -17.79 1.39
CA THR A 59 6.25 -18.91 0.81
C THR A 59 7.76 -18.70 0.91
N ASP A 60 8.20 -17.46 0.69
CA ASP A 60 9.62 -17.14 0.76
C ASP A 60 9.97 -16.49 2.10
N PRO A 61 11.25 -16.49 2.48
CA PRO A 61 11.70 -15.90 3.74
C PRO A 61 11.18 -14.49 3.95
N LYS A 62 10.91 -13.80 2.84
CA LYS A 62 10.40 -12.44 2.88
C LYS A 62 10.11 -11.91 1.47
N ALA A 63 8.98 -12.35 0.91
CA ALA A 63 8.59 -11.93 -0.43
C ALA A 63 7.69 -10.70 -0.38
N VAL A 64 8.23 -9.56 -0.80
CA VAL A 64 7.47 -8.32 -0.79
C VAL A 64 7.26 -7.80 -2.22
N VAL A 65 6.17 -8.24 -2.84
CA VAL A 65 5.85 -7.82 -4.20
C VAL A 65 4.83 -6.69 -4.21
N THR A 66 5.13 -5.62 -4.94
CA THR A 66 4.25 -4.47 -5.03
C THR A 66 3.97 -4.10 -6.49
N THR A 67 2.72 -3.76 -6.78
CA THR A 67 2.33 -3.38 -8.14
C THR A 67 1.95 -1.91 -8.21
N TYR A 68 2.17 -1.30 -9.37
CA TYR A 68 1.84 0.10 -9.57
C TYR A 68 1.16 0.32 -10.91
N GLU A 69 -0.05 0.89 -10.87
CA GLU A 69 -0.80 1.16 -12.10
C GLU A 69 -1.07 2.65 -12.25
N GLY A 70 -0.30 3.29 -13.12
CA GLY A 70 -0.47 4.71 -13.35
C GLY A 70 0.71 5.53 -12.87
N LYS A 71 1.13 6.49 -13.68
CA LYS A 71 2.26 7.35 -13.33
C LYS A 71 1.79 8.59 -12.58
N HIS A 72 2.70 9.17 -11.79
CA HIS A 72 2.37 10.36 -11.01
C HIS A 72 2.56 11.62 -11.85
N ASN A 73 1.57 12.51 -11.78
CA ASN A 73 1.62 13.76 -12.53
C ASN A 73 1.49 14.97 -11.60
N HIS A 74 2.03 14.83 -10.39
CA HIS A 74 1.97 15.91 -9.41
C HIS A 74 3.32 16.09 -8.73
N ASP A 75 3.53 17.28 -8.16
CA ASP A 75 4.78 17.58 -7.48
C ASP A 75 4.89 16.80 -6.17
N LEU A 76 6.11 16.63 -5.69
CA LEU A 76 6.35 15.91 -4.44
C LEU A 76 5.90 16.73 -3.24
N PRO A 77 4.85 16.27 -2.53
CA PRO A 77 4.33 16.98 -1.34
C PRO A 77 5.31 16.92 -0.17
N ALA A 78 4.91 17.52 0.95
CA ALA A 78 5.75 17.55 2.14
C ALA A 78 4.90 17.44 3.41
N VAL A 8 2.05 -11.62 22.25
CA VAL A 8 0.95 -11.94 23.21
C VAL A 8 -0.37 -11.35 22.73
N GLN A 9 -0.29 -10.23 22.02
CA GLN A 9 -1.49 -9.57 21.51
C GLN A 9 -1.45 -9.49 19.99
N THR A 10 -2.21 -10.38 19.34
CA THR A 10 -2.26 -10.41 17.88
C THR A 10 -3.27 -9.40 17.35
N THR A 11 -2.83 -8.16 17.17
CA THR A 11 -3.69 -7.10 16.67
C THR A 11 -3.22 -6.59 15.31
N SER A 12 -4.13 -6.04 14.53
CA SER A 12 -3.81 -5.53 13.22
C SER A 12 -3.05 -4.20 13.32
N GLU A 13 -1.73 -4.27 13.17
CA GLU A 13 -0.89 -3.08 13.25
C GLU A 13 -0.83 -2.37 11.89
N VAL A 14 -1.72 -1.42 11.68
CA VAL A 14 -1.76 -0.68 10.43
C VAL A 14 -0.88 0.57 10.50
N ASP A 15 0.20 0.57 9.72
CA ASP A 15 1.12 1.70 9.70
C ASP A 15 1.46 2.10 8.28
N LEU A 16 1.22 3.37 7.95
CA LEU A 16 1.51 3.87 6.61
C LEU A 16 2.94 4.38 6.51
N LEU A 17 3.76 3.66 5.75
CA LEU A 17 5.16 4.04 5.56
C LEU A 17 5.27 5.37 4.84
N ASP A 18 5.94 6.33 5.48
CA ASP A 18 6.12 7.65 4.89
C ASP A 18 6.85 7.57 3.55
N ASP A 19 6.12 7.85 2.48
CA ASP A 19 6.70 7.80 1.14
C ASP A 19 6.77 9.20 0.52
N GLY A 20 7.08 9.25 -0.76
CA GLY A 20 7.18 10.53 -1.45
C GLY A 20 5.91 10.89 -2.19
N TYR A 21 4.77 10.40 -1.69
CA TYR A 21 3.48 10.67 -2.32
C TYR A 21 2.35 10.56 -1.30
N ARG A 22 1.14 10.88 -1.74
CA ARG A 22 -0.03 10.82 -0.86
C ARG A 22 -0.86 9.57 -1.16
N TRP A 23 -0.59 8.50 -0.43
CA TRP A 23 -1.32 7.25 -0.61
C TRP A 23 -2.46 7.12 0.40
N ARG A 24 -3.43 6.27 0.08
CA ARG A 24 -4.58 6.06 0.95
C ARG A 24 -5.19 4.68 0.73
N LYS A 25 -5.40 3.95 1.82
CA LYS A 25 -5.97 2.62 1.74
C LYS A 25 -7.50 2.68 1.63
N TYR A 26 -8.08 1.67 0.99
CA TYR A 26 -9.52 1.62 0.81
C TYR A 26 -10.06 0.24 1.16
N GLY A 27 -9.40 -0.80 0.65
CA GLY A 27 -9.83 -2.16 0.92
C GLY A 27 -8.66 -3.09 1.14
N GLN A 28 -8.94 -4.39 1.23
CA GLN A 28 -7.91 -5.40 1.44
C GLN A 28 -8.46 -6.80 1.22
N LYS A 29 -7.56 -7.77 1.10
CA LYS A 29 -7.96 -9.16 0.88
C LYS A 29 -7.33 -10.07 1.93
N VAL A 30 -7.96 -11.22 2.16
CA VAL A 30 -7.47 -12.18 3.14
C VAL A 30 -7.18 -13.53 2.50
N VAL A 31 -6.06 -14.15 2.88
CA VAL A 31 -5.68 -15.44 2.33
C VAL A 31 -5.52 -16.47 3.45
N LYS A 32 -6.20 -17.60 3.29
CA LYS A 32 -6.15 -18.67 4.28
C LYS A 32 -4.79 -19.37 4.24
N GLY A 33 -4.11 -19.36 5.38
CA GLY A 33 -2.79 -20.00 5.46
C GLY A 33 -1.67 -19.00 5.64
N ASN A 34 -1.76 -17.88 4.92
CA ASN A 34 -0.74 -16.83 5.00
C ASN A 34 -1.00 -15.92 6.19
N PRO A 35 0.04 -15.63 6.99
CA PRO A 35 -0.09 -14.75 8.17
C PRO A 35 -0.19 -13.29 7.79
N TYR A 36 0.35 -12.94 6.62
CA TYR A 36 0.32 -11.56 6.15
C TYR A 36 -0.79 -11.35 5.12
N PRO A 37 -1.87 -10.66 5.50
CA PRO A 37 -3.00 -10.40 4.59
C PRO A 37 -2.56 -9.68 3.32
N ARG A 38 -3.53 -9.10 2.63
CA ARG A 38 -3.25 -8.37 1.39
C ARG A 38 -3.83 -6.96 1.44
N SER A 39 -2.96 -5.97 1.29
CA SER A 39 -3.38 -4.57 1.31
C SER A 39 -3.36 -3.96 -0.09
N TYR A 40 -4.07 -2.85 -0.26
CA TYR A 40 -4.13 -2.18 -1.55
C TYR A 40 -4.39 -0.68 -1.37
N TYR A 41 -3.32 0.10 -1.45
CA TYR A 41 -3.43 1.55 -1.30
C TYR A 41 -3.64 2.22 -2.66
N LYS A 42 -3.61 3.54 -2.68
CA LYS A 42 -3.80 4.30 -3.90
C LYS A 42 -3.47 5.77 -3.70
N CYS A 43 -2.66 6.33 -4.61
CA CYS A 43 -2.26 7.73 -4.53
C CYS A 43 -3.46 8.64 -4.81
N THR A 44 -4.09 9.13 -3.75
CA THR A 44 -5.24 10.01 -3.88
C THR A 44 -4.84 11.47 -3.83
N THR A 45 -4.37 11.99 -4.97
CA THR A 45 -3.96 13.38 -5.06
C THR A 45 -5.05 14.23 -5.71
N PRO A 46 -4.98 15.57 -5.56
CA PRO A 46 -5.98 16.48 -6.13
C PRO A 46 -6.14 16.27 -7.63
N GLY A 47 -5.10 15.78 -8.29
CA GLY A 47 -5.16 15.55 -9.72
C GLY A 47 -4.45 14.27 -10.12
N CYS A 48 -4.61 13.22 -9.31
CA CYS A 48 -3.99 11.93 -9.58
C CYS A 48 -4.66 10.82 -8.78
N GLY A 49 -5.03 9.75 -9.46
CA GLY A 49 -5.69 8.63 -8.80
C GLY A 49 -5.02 7.30 -9.09
N VAL A 50 -3.75 7.17 -8.69
CA VAL A 50 -3.00 5.96 -8.92
C VAL A 50 -3.34 4.90 -7.86
N ARG A 51 -3.14 3.64 -8.22
CA ARG A 51 -3.42 2.53 -7.30
C ARG A 51 -2.23 1.61 -7.18
N LYS A 52 -1.95 1.15 -5.95
CA LYS A 52 -0.83 0.26 -5.71
C LYS A 52 -1.25 -0.90 -4.78
N HIS A 53 -0.50 -1.99 -4.83
CA HIS A 53 -0.78 -3.15 -4.01
C HIS A 53 0.42 -3.53 -3.14
N VAL A 54 0.19 -4.37 -2.15
CA VAL A 54 1.25 -4.81 -1.25
C VAL A 54 1.06 -6.26 -0.84
N GLU A 55 1.73 -7.17 -1.55
CA GLU A 55 1.64 -8.59 -1.26
C GLU A 55 2.89 -9.09 -0.55
N ARG A 56 2.70 -9.74 0.60
CA ARG A 56 3.82 -10.27 1.36
C ARG A 56 3.88 -11.78 1.26
N ALA A 57 4.65 -12.28 0.29
CA ALA A 57 4.79 -13.71 0.08
C ALA A 57 5.36 -14.39 1.32
N ALA A 58 4.64 -15.39 1.82
CA ALA A 58 5.07 -16.13 3.00
C ALA A 58 6.02 -17.27 2.64
N THR A 59 5.94 -17.72 1.39
CA THR A 59 6.79 -18.81 0.91
C THR A 59 8.27 -18.55 1.24
N ASP A 60 8.66 -17.29 1.21
CA ASP A 60 10.04 -16.91 1.52
C ASP A 60 10.15 -16.40 2.95
N PRO A 61 11.39 -16.33 3.49
CA PRO A 61 11.62 -15.85 4.85
C PRO A 61 10.94 -14.51 5.12
N LYS A 62 10.82 -13.69 4.08
CA LYS A 62 10.19 -12.38 4.20
C LYS A 62 10.14 -11.68 2.85
N ALA A 63 9.16 -12.06 2.03
CA ALA A 63 9.00 -11.46 0.70
C ALA A 63 7.90 -10.42 0.70
N VAL A 64 8.17 -9.26 0.10
CA VAL A 64 7.19 -8.18 0.03
C VAL A 64 7.13 -7.61 -1.39
N VAL A 65 6.40 -8.29 -2.27
CA VAL A 65 6.27 -7.84 -3.65
C VAL A 65 5.28 -6.68 -3.75
N THR A 66 5.69 -5.61 -4.40
CA THR A 66 4.85 -4.43 -4.58
C THR A 66 4.38 -4.29 -6.02
N THR A 67 3.24 -3.63 -6.20
CA THR A 67 2.68 -3.43 -7.54
C THR A 67 2.27 -1.97 -7.75
N TYR A 68 2.49 -1.48 -8.96
CA TYR A 68 2.14 -0.10 -9.28
C TYR A 68 1.32 -0.03 -10.58
N GLU A 69 0.08 0.39 -10.46
CA GLU A 69 -0.81 0.51 -11.61
C GLU A 69 -1.25 1.95 -11.83
N GLY A 70 -0.74 2.56 -12.90
CA GLY A 70 -1.10 3.94 -13.19
C GLY A 70 0.08 4.88 -13.07
N LYS A 71 0.03 6.00 -13.79
CA LYS A 71 1.10 6.98 -13.75
C LYS A 71 0.67 8.23 -12.99
N HIS A 72 1.62 8.83 -12.29
CA HIS A 72 1.34 10.05 -11.51
C HIS A 72 1.03 11.22 -12.44
N ASN A 73 0.17 12.12 -11.97
CA ASN A 73 -0.22 13.29 -12.76
C ASN A 73 -0.05 14.57 -11.95
N HIS A 74 1.04 14.64 -11.19
CA HIS A 74 1.33 15.82 -10.37
C HIS A 74 2.79 15.86 -9.97
N ASP A 75 3.22 17.01 -9.47
CA ASP A 75 4.61 17.18 -9.04
C ASP A 75 4.80 16.68 -7.61
N LEU A 76 6.01 16.24 -7.30
CA LEU A 76 6.32 15.73 -5.97
C LEU A 76 6.11 16.82 -4.91
N PRO A 77 5.45 16.48 -3.79
CA PRO A 77 5.19 17.44 -2.70
C PRO A 77 6.46 17.82 -1.95
N ALA A 78 6.31 18.67 -0.94
CA ALA A 78 7.45 19.11 -0.14
C ALA A 78 7.50 18.35 1.19
N VAL A 8 -10.26 -0.57 23.61
CA VAL A 8 -9.99 -1.31 22.34
C VAL A 8 -8.64 -0.91 21.76
N GLN A 9 -7.57 -1.25 22.48
CA GLN A 9 -6.22 -0.93 22.04
C GLN A 9 -5.29 -2.14 22.19
N THR A 10 -5.19 -2.94 21.14
CA THR A 10 -4.34 -4.12 21.16
C THR A 10 -3.15 -3.96 20.21
N THR A 11 -3.38 -3.28 19.09
CA THR A 11 -2.34 -3.07 18.10
C THR A 11 -2.32 -1.62 17.62
N SER A 12 -1.41 -1.32 16.69
CA SER A 12 -1.30 0.04 16.15
C SER A 12 -1.61 0.05 14.66
N GLU A 13 -2.64 0.81 14.29
CA GLU A 13 -3.03 0.92 12.89
C GLU A 13 -1.96 1.62 12.06
N VAL A 14 -1.32 0.88 11.18
CA VAL A 14 -0.27 1.42 10.32
C VAL A 14 -0.84 2.44 9.33
N ASP A 15 -0.73 3.71 9.67
CA ASP A 15 -1.23 4.77 8.81
C ASP A 15 -0.27 5.04 7.66
N LEU A 16 -0.59 6.06 6.86
CA LEU A 16 0.24 6.42 5.72
C LEU A 16 1.26 7.49 6.11
N LEU A 17 2.53 7.15 6.02
CA LEU A 17 3.61 8.08 6.35
C LEU A 17 4.01 8.91 5.13
N ASP A 18 4.00 10.23 5.29
CA ASP A 18 4.37 11.13 4.21
C ASP A 18 5.83 10.94 3.81
N ASP A 19 6.07 10.07 2.84
CA ASP A 19 7.42 9.79 2.37
C ASP A 19 7.53 10.04 0.87
N GLY A 20 6.97 9.13 0.08
CA GLY A 20 7.01 9.27 -1.37
C GLY A 20 5.84 10.06 -1.92
N TYR A 21 4.66 9.46 -1.87
CA TYR A 21 3.45 10.12 -2.37
C TYR A 21 2.32 10.01 -1.36
N ARG A 22 1.21 10.69 -1.64
CA ARG A 22 0.06 10.67 -0.76
C ARG A 22 -0.88 9.51 -1.11
N TRP A 23 -0.74 8.40 -0.40
CA TRP A 23 -1.57 7.23 -0.63
C TRP A 23 -2.67 7.11 0.42
N ARG A 24 -3.60 6.19 0.20
CA ARG A 24 -4.70 5.98 1.13
C ARG A 24 -5.29 4.58 0.97
N LYS A 25 -5.68 3.98 2.08
CA LYS A 25 -6.26 2.64 2.07
C LYS A 25 -7.76 2.70 1.78
N TYR A 26 -8.20 1.93 0.79
CA TYR A 26 -9.61 1.89 0.42
C TYR A 26 -10.22 0.52 0.75
N GLY A 27 -9.41 -0.52 0.61
CA GLY A 27 -9.89 -1.87 0.89
C GLY A 27 -8.76 -2.85 1.10
N GLN A 28 -9.10 -4.10 1.39
CA GLN A 28 -8.11 -5.13 1.62
C GLN A 28 -8.77 -6.52 1.68
N LYS A 29 -7.94 -7.55 1.68
CA LYS A 29 -8.43 -8.93 1.75
C LYS A 29 -7.49 -9.81 2.54
N VAL A 30 -7.79 -11.11 2.59
CA VAL A 30 -6.96 -12.06 3.32
C VAL A 30 -6.35 -13.10 2.37
N VAL A 31 -5.11 -13.47 2.65
CA VAL A 31 -4.42 -14.46 1.83
C VAL A 31 -4.58 -15.87 2.39
N LYS A 32 -5.00 -16.80 1.53
CA LYS A 32 -5.20 -18.18 1.95
C LYS A 32 -3.87 -18.92 2.05
N GLY A 33 -3.49 -19.28 3.27
CA GLY A 33 -2.24 -19.99 3.48
C GLY A 33 -1.19 -19.13 4.16
N ASN A 34 -1.27 -17.82 3.94
CA ASN A 34 -0.32 -16.88 4.53
C ASN A 34 -0.94 -16.17 5.74
N PRO A 35 -0.15 -15.98 6.82
CA PRO A 35 -0.64 -15.32 8.03
C PRO A 35 -0.76 -13.81 7.84
N TYR A 36 0.13 -13.23 7.04
CA TYR A 36 0.11 -11.80 6.77
C TYR A 36 -1.01 -11.43 5.80
N PRO A 37 -1.95 -10.57 6.22
CA PRO A 37 -3.06 -10.15 5.36
C PRO A 37 -2.62 -9.24 4.22
N ARG A 38 -3.49 -9.06 3.24
CA ARG A 38 -3.18 -8.23 2.08
C ARG A 38 -3.59 -6.78 2.34
N SER A 39 -2.93 -5.85 1.65
CA SER A 39 -3.23 -4.43 1.80
C SER A 39 -3.28 -3.74 0.44
N TYR A 40 -4.30 -2.90 0.25
CA TYR A 40 -4.45 -2.18 -1.00
C TYR A 40 -4.46 -0.67 -0.77
N TYR A 41 -3.56 0.03 -1.47
CA TYR A 41 -3.46 1.48 -1.34
C TYR A 41 -3.61 2.15 -2.70
N LYS A 42 -3.63 3.48 -2.70
CA LYS A 42 -3.76 4.24 -3.94
C LYS A 42 -3.41 5.71 -3.72
N CYS A 43 -2.63 6.27 -4.64
CA CYS A 43 -2.23 7.67 -4.55
C CYS A 43 -3.40 8.59 -4.88
N THR A 44 -4.10 9.03 -3.85
CA THR A 44 -5.25 9.92 -4.04
C THR A 44 -4.84 11.38 -3.94
N THR A 45 -4.13 11.86 -4.96
CA THR A 45 -3.68 13.24 -4.99
C THR A 45 -4.58 14.09 -5.89
N PRO A 46 -4.52 15.42 -5.75
CA PRO A 46 -5.33 16.34 -6.55
C PRO A 46 -5.21 16.07 -8.05
N GLY A 47 -6.06 15.20 -8.56
CA GLY A 47 -6.02 14.87 -9.98
C GLY A 47 -5.37 13.52 -10.24
N CYS A 48 -4.47 13.11 -9.35
CA CYS A 48 -3.78 11.84 -9.50
C CYS A 48 -4.59 10.70 -8.90
N GLY A 49 -4.69 9.60 -9.65
CA GLY A 49 -5.45 8.45 -9.18
C GLY A 49 -4.73 7.14 -9.42
N VAL A 50 -3.56 6.98 -8.79
CA VAL A 50 -2.77 5.77 -8.95
C VAL A 50 -3.14 4.74 -7.88
N ARG A 51 -3.02 3.47 -8.22
CA ARG A 51 -3.33 2.38 -7.31
C ARG A 51 -2.18 1.38 -7.22
N LYS A 52 -2.03 0.76 -6.06
CA LYS A 52 -0.96 -0.21 -5.84
C LYS A 52 -1.45 -1.36 -4.96
N HIS A 53 -0.81 -2.52 -5.10
CA HIS A 53 -1.17 -3.69 -4.32
C HIS A 53 0.04 -4.24 -3.58
N VAL A 54 -0.05 -4.30 -2.26
CA VAL A 54 1.04 -4.79 -1.43
C VAL A 54 0.78 -6.24 -0.99
N GLU A 55 1.41 -7.18 -1.68
CA GLU A 55 1.25 -8.60 -1.37
C GLU A 55 2.46 -9.13 -0.62
N ARG A 56 2.21 -9.95 0.40
CA ARG A 56 3.27 -10.53 1.20
C ARG A 56 3.56 -11.96 0.76
N ALA A 57 4.79 -12.19 0.29
CA ALA A 57 5.20 -13.52 -0.16
C ALA A 57 5.60 -14.40 1.02
N ALA A 58 4.89 -15.50 1.21
CA ALA A 58 5.17 -16.42 2.30
C ALA A 58 6.30 -17.37 1.94
N THR A 59 6.55 -17.55 0.64
CA THR A 59 7.61 -18.43 0.17
C THR A 59 8.94 -18.10 0.83
N ASP A 60 9.22 -16.81 0.98
CA ASP A 60 10.46 -16.36 1.60
C ASP A 60 10.22 -15.99 3.06
N PRO A 61 11.31 -15.88 3.86
CA PRO A 61 11.22 -15.53 5.27
C PRO A 61 10.38 -14.27 5.50
N LYS A 62 10.36 -13.39 4.50
CA LYS A 62 9.60 -12.15 4.60
C LYS A 62 9.72 -11.34 3.31
N ALA A 63 9.00 -11.77 2.27
CA ALA A 63 9.03 -11.09 0.99
C ALA A 63 7.86 -10.11 0.86
N VAL A 64 8.10 -9.01 0.15
CA VAL A 64 7.07 -7.99 -0.05
C VAL A 64 7.02 -7.54 -1.50
N VAL A 65 6.11 -8.13 -2.27
CA VAL A 65 5.95 -7.79 -3.68
C VAL A 65 4.87 -6.74 -3.88
N THR A 66 5.23 -5.66 -4.58
CA THR A 66 4.30 -4.58 -4.85
C THR A 66 3.93 -4.50 -6.33
N THR A 67 2.81 -3.87 -6.63
CA THR A 67 2.35 -3.73 -8.00
C THR A 67 1.74 -2.36 -8.25
N TYR A 68 2.52 -1.47 -8.84
CA TYR A 68 2.06 -0.12 -9.14
C TYR A 68 1.25 -0.08 -10.43
N GLU A 69 0.15 0.65 -10.41
CA GLU A 69 -0.72 0.77 -11.58
C GLU A 69 -1.19 2.21 -11.77
N GLY A 70 -0.57 2.91 -12.72
CA GLY A 70 -0.93 4.28 -12.99
C GLY A 70 0.24 5.22 -12.88
N LYS A 71 0.21 6.29 -13.69
CA LYS A 71 1.29 7.28 -13.69
C LYS A 71 0.89 8.53 -12.91
N HIS A 72 1.81 9.03 -12.10
CA HIS A 72 1.54 10.22 -11.30
C HIS A 72 1.37 11.45 -12.19
N ASN A 73 0.35 12.25 -11.89
CA ASN A 73 0.07 13.46 -12.67
C ASN A 73 0.39 14.71 -11.86
N HIS A 74 1.38 14.60 -10.97
CA HIS A 74 1.78 15.73 -10.14
C HIS A 74 3.28 15.68 -9.85
N ASP A 75 3.80 16.76 -9.28
CA ASP A 75 5.22 16.85 -8.95
C ASP A 75 5.51 16.10 -7.65
N LEU A 76 6.72 15.56 -7.55
CA LEU A 76 7.13 14.81 -6.37
C LEU A 76 7.08 15.71 -5.12
N PRO A 77 6.32 15.31 -4.09
CA PRO A 77 6.20 16.08 -2.85
C PRO A 77 7.47 16.04 -2.01
N ALA A 78 7.44 16.68 -0.86
CA ALA A 78 8.59 16.71 0.04
C ALA A 78 8.15 16.67 1.50
N VAL A 8 2.14 -12.34 22.01
CA VAL A 8 2.63 -10.98 21.69
C VAL A 8 2.57 -10.73 20.18
N GLN A 9 2.24 -9.50 19.81
CA GLN A 9 2.15 -9.12 18.41
C GLN A 9 3.51 -8.69 17.86
N THR A 10 4.32 -9.69 17.50
CA THR A 10 5.65 -9.42 16.97
C THR A 10 5.59 -8.58 15.70
N THR A 11 4.47 -8.68 14.98
CA THR A 11 4.28 -7.93 13.75
C THR A 11 4.11 -6.44 14.04
N SER A 12 4.85 -5.61 13.31
CA SER A 12 4.77 -4.16 13.50
C SER A 12 3.63 -3.57 12.67
N GLU A 13 2.95 -2.59 13.25
CA GLU A 13 1.83 -1.94 12.58
C GLU A 13 2.33 -0.92 11.56
N VAL A 14 2.00 -1.13 10.29
CA VAL A 14 2.42 -0.24 9.22
C VAL A 14 1.40 0.88 9.03
N ASP A 15 1.86 2.12 9.18
CA ASP A 15 0.99 3.28 9.01
C ASP A 15 1.23 3.96 7.67
N LEU A 16 0.46 5.00 7.38
CA LEU A 16 0.60 5.74 6.13
C LEU A 16 1.77 6.71 6.20
N LEU A 17 2.96 6.21 5.92
CA LEU A 17 4.17 7.04 5.95
C LEU A 17 4.55 7.49 4.55
N ASP A 18 4.49 8.79 4.30
CA ASP A 18 4.84 9.35 3.00
C ASP A 18 6.30 9.06 2.65
N ASP A 19 6.50 8.24 1.63
CA ASP A 19 7.86 7.89 1.18
C ASP A 19 8.04 8.16 -0.30
N GLY A 20 7.34 9.18 -0.80
CA GLY A 20 7.44 9.52 -2.20
C GLY A 20 6.10 9.90 -2.81
N TYR A 21 5.02 9.37 -2.24
CA TYR A 21 3.68 9.65 -2.72
C TYR A 21 2.64 9.47 -1.62
N ARG A 22 1.50 10.14 -1.77
CA ARG A 22 0.43 10.06 -0.78
C ARG A 22 -0.57 8.97 -1.17
N TRP A 23 -0.56 7.87 -0.42
CA TRP A 23 -1.47 6.76 -0.70
C TRP A 23 -2.57 6.68 0.36
N ARG A 24 -3.58 5.88 0.08
CA ARG A 24 -4.70 5.69 1.00
C ARG A 24 -5.37 4.34 0.78
N LYS A 25 -5.60 3.62 1.88
CA LYS A 25 -6.22 2.31 1.80
C LYS A 25 -7.72 2.44 1.47
N TYR A 26 -8.20 1.54 0.62
CA TYR A 26 -9.60 1.56 0.22
C TYR A 26 -10.24 0.19 0.41
N GLY A 27 -9.53 -0.85 -0.02
CA GLY A 27 -10.05 -2.20 0.12
C GLY A 27 -9.02 -3.16 0.70
N GLN A 28 -9.50 -4.20 1.39
CA GLN A 28 -8.61 -5.18 1.98
C GLN A 28 -9.09 -6.60 1.68
N LYS A 29 -8.15 -7.49 1.37
CA LYS A 29 -8.47 -8.87 1.07
C LYS A 29 -7.69 -9.83 1.96
N VAL A 30 -8.22 -11.04 2.12
CA VAL A 30 -7.56 -12.05 2.95
C VAL A 30 -6.86 -13.11 2.09
N VAL A 31 -5.85 -13.75 2.67
CA VAL A 31 -5.11 -14.78 1.96
C VAL A 31 -5.07 -16.08 2.75
N LYS A 32 -5.32 -17.19 2.07
CA LYS A 32 -5.31 -18.50 2.71
C LYS A 32 -3.90 -19.08 2.76
N GLY A 33 -3.32 -19.12 3.96
CA GLY A 33 -1.99 -19.66 4.11
C GLY A 33 -0.93 -18.57 4.25
N ASN A 34 -1.36 -17.38 4.69
CA ASN A 34 -0.44 -16.26 4.86
C ASN A 34 -0.75 -15.50 6.15
N PRO A 35 0.25 -15.33 7.03
CA PRO A 35 0.08 -14.62 8.30
C PRO A 35 -0.09 -13.12 8.12
N TYR A 36 0.32 -12.61 6.95
CA TYR A 36 0.23 -11.19 6.66
C TYR A 36 -0.85 -10.93 5.60
N PRO A 37 -2.07 -10.58 6.02
CA PRO A 37 -3.17 -10.30 5.10
C PRO A 37 -2.78 -9.31 4.00
N ARG A 38 -3.51 -9.34 2.89
CA ARG A 38 -3.24 -8.45 1.77
C ARG A 38 -3.79 -7.05 2.04
N SER A 39 -3.08 -6.03 1.55
CA SER A 39 -3.50 -4.65 1.74
C SER A 39 -3.36 -3.86 0.45
N TYR A 40 -4.46 -3.26 -0.01
CA TYR A 40 -4.45 -2.48 -1.23
C TYR A 40 -4.53 -0.99 -0.93
N TYR A 41 -3.78 -0.20 -1.69
CA TYR A 41 -3.75 1.25 -1.50
C TYR A 41 -3.98 1.97 -2.83
N LYS A 42 -3.93 3.30 -2.79
CA LYS A 42 -4.15 4.09 -3.99
C LYS A 42 -3.69 5.54 -3.77
N CYS A 43 -2.81 6.01 -4.65
CA CYS A 43 -2.30 7.38 -4.55
C CYS A 43 -3.42 8.38 -4.77
N THR A 44 -3.99 8.87 -3.68
CA THR A 44 -5.08 9.84 -3.74
C THR A 44 -4.56 11.28 -3.65
N THR A 45 -3.89 11.72 -4.71
CA THR A 45 -3.34 13.07 -4.75
C THR A 45 -4.25 14.00 -5.55
N PRO A 46 -4.03 15.33 -5.46
CA PRO A 46 -4.84 16.31 -6.18
C PRO A 46 -4.89 16.02 -7.69
N GLY A 47 -5.86 15.22 -8.10
CA GLY A 47 -6.00 14.88 -9.50
C GLY A 47 -5.42 13.52 -9.83
N CYS A 48 -4.47 13.06 -9.02
CA CYS A 48 -3.82 11.77 -9.24
C CYS A 48 -4.67 10.64 -8.67
N GLY A 49 -4.93 9.63 -9.49
CA GLY A 49 -5.73 8.50 -9.05
C GLY A 49 -5.06 7.17 -9.36
N VAL A 50 -3.89 6.95 -8.77
CA VAL A 50 -3.14 5.71 -9.00
C VAL A 50 -3.53 4.64 -7.99
N ARG A 51 -3.27 3.39 -8.34
CA ARG A 51 -3.59 2.26 -7.46
C ARG A 51 -2.40 1.31 -7.35
N LYS A 52 -2.17 0.79 -6.15
CA LYS A 52 -1.07 -0.13 -5.91
C LYS A 52 -1.51 -1.31 -5.05
N HIS A 53 -0.73 -2.38 -5.07
CA HIS A 53 -1.04 -3.57 -4.29
C HIS A 53 0.16 -3.99 -3.43
N VAL A 54 -0.03 -4.01 -2.13
CA VAL A 54 1.03 -4.39 -1.20
C VAL A 54 0.84 -5.81 -0.71
N GLU A 55 1.74 -6.70 -1.12
CA GLU A 55 1.68 -8.10 -0.72
C GLU A 55 3.00 -8.55 -0.11
N ARG A 56 2.93 -9.49 0.82
CA ARG A 56 4.12 -10.01 1.49
C ARG A 56 4.22 -11.53 1.31
N ALA A 57 5.15 -11.97 0.47
CA ALA A 57 5.34 -13.39 0.23
C ALA A 57 5.71 -14.12 1.51
N ALA A 58 4.85 -15.06 1.91
CA ALA A 58 5.08 -15.84 3.13
C ALA A 58 6.04 -16.99 2.87
N THR A 59 5.77 -17.76 1.82
CA THR A 59 6.61 -18.89 1.46
C THR A 59 8.06 -18.46 1.28
N ASP A 60 8.26 -17.24 0.79
CA ASP A 60 9.60 -16.71 0.57
C ASP A 60 10.16 -16.13 1.86
N PRO A 61 11.49 -16.01 1.97
CA PRO A 61 12.15 -15.47 3.16
C PRO A 61 11.85 -13.99 3.37
N LYS A 62 10.58 -13.68 3.63
CA LYS A 62 10.15 -12.31 3.86
C LYS A 62 10.33 -11.48 2.59
N ALA A 63 9.39 -11.63 1.65
CA ALA A 63 9.45 -10.89 0.40
C ALA A 63 8.37 -9.82 0.34
N VAL A 64 8.76 -8.62 -0.08
CA VAL A 64 7.82 -7.50 -0.17
C VAL A 64 7.55 -7.14 -1.63
N VAL A 65 6.47 -7.69 -2.19
CA VAL A 65 6.11 -7.42 -3.57
C VAL A 65 5.06 -6.32 -3.66
N THR A 66 5.36 -5.28 -4.44
CA THR A 66 4.44 -4.17 -4.61
C THR A 66 4.26 -3.82 -6.08
N THR A 67 3.02 -3.85 -6.55
CA THR A 67 2.71 -3.53 -7.94
C THR A 67 1.99 -2.20 -8.06
N TYR A 68 2.24 -1.48 -9.15
CA TYR A 68 1.61 -0.20 -9.39
C TYR A 68 0.62 -0.27 -10.54
N GLU A 69 -0.19 0.77 -10.69
CA GLU A 69 -1.18 0.82 -11.76
C GLU A 69 -1.58 2.26 -12.06
N GLY A 70 -0.90 2.88 -13.02
CA GLY A 70 -1.19 4.24 -13.38
C GLY A 70 0.06 5.10 -13.53
N LYS A 71 -0.13 6.41 -13.60
CA LYS A 71 0.98 7.33 -13.74
C LYS A 71 0.77 8.58 -12.88
N HIS A 72 1.82 9.00 -12.19
CA HIS A 72 1.76 10.18 -11.33
C HIS A 72 1.75 11.45 -12.16
N ASN A 73 0.78 12.32 -11.88
CA ASN A 73 0.66 13.58 -12.60
C ASN A 73 0.82 14.77 -11.66
N HIS A 74 1.62 14.58 -10.62
CA HIS A 74 1.86 15.63 -9.64
C HIS A 74 3.31 15.60 -9.14
N ASP A 75 4.18 14.92 -9.88
CA ASP A 75 5.59 14.82 -9.52
C ASP A 75 5.75 14.27 -8.11
N LEU A 76 6.99 14.17 -7.65
CA LEU A 76 7.28 13.65 -6.32
C LEU A 76 7.35 14.79 -5.30
N PRO A 77 6.41 14.82 -4.34
CA PRO A 77 6.38 15.86 -3.31
C PRO A 77 7.46 15.66 -2.24
N ALA A 78 7.38 16.45 -1.17
CA ALA A 78 8.34 16.35 -0.08
C ALA A 78 7.68 15.85 1.19
N VAL A 8 16.31 -12.53 14.76
CA VAL A 8 15.78 -11.31 15.45
C VAL A 8 14.29 -11.14 15.17
N GLN A 9 13.58 -10.61 16.17
CA GLN A 9 12.14 -10.38 16.04
C GLN A 9 11.82 -8.89 16.08
N THR A 10 11.22 -8.40 14.99
CA THR A 10 10.87 -6.98 14.90
C THR A 10 9.81 -6.75 13.84
N THR A 11 8.71 -6.11 14.24
CA THR A 11 7.62 -5.83 13.32
C THR A 11 7.47 -4.33 13.08
N SER A 12 7.51 -3.92 11.82
CA SER A 12 7.39 -2.51 11.46
C SER A 12 5.92 -2.10 11.42
N GLU A 13 5.65 -0.86 11.82
CA GLU A 13 4.29 -0.33 11.83
C GLU A 13 3.95 0.32 10.49
N VAL A 14 2.99 -0.26 9.78
CA VAL A 14 2.57 0.26 8.49
C VAL A 14 1.62 1.45 8.66
N ASP A 15 2.20 2.63 8.90
CA ASP A 15 1.41 3.84 9.09
C ASP A 15 1.49 4.72 7.85
N LEU A 16 0.32 5.04 7.29
CA LEU A 16 0.25 5.88 6.10
C LEU A 16 0.66 7.32 6.43
N LEU A 17 1.97 7.52 6.54
CA LEU A 17 2.51 8.85 6.84
C LEU A 17 2.99 9.55 5.57
N ASP A 18 3.47 10.78 5.73
CA ASP A 18 3.98 11.55 4.59
C ASP A 18 5.43 11.21 4.30
N ASP A 19 5.72 10.88 3.05
CA ASP A 19 7.07 10.53 2.64
C ASP A 19 7.22 10.57 1.12
N GLY A 20 6.51 11.50 0.48
CA GLY A 20 6.57 11.61 -0.96
C GLY A 20 5.21 11.82 -1.58
N TYR A 21 4.44 10.75 -1.71
CA TYR A 21 3.11 10.81 -2.30
C TYR A 21 2.04 10.63 -1.22
N ARG A 22 0.78 10.75 -1.63
CA ARG A 22 -0.33 10.60 -0.71
C ARG A 22 -1.14 9.34 -1.03
N TRP A 23 -0.84 8.25 -0.33
CA TRP A 23 -1.53 6.98 -0.55
C TRP A 23 -2.61 6.77 0.51
N ARG A 24 -3.52 5.84 0.23
CA ARG A 24 -4.61 5.53 1.15
C ARG A 24 -5.11 4.11 0.94
N LYS A 25 -5.69 3.54 1.99
CA LYS A 25 -6.21 2.18 1.93
C LYS A 25 -7.72 2.20 1.64
N TYR A 26 -8.13 1.43 0.63
CA TYR A 26 -9.54 1.35 0.26
C TYR A 26 -10.11 -0.02 0.57
N GLY A 27 -9.27 -1.05 0.44
CA GLY A 27 -9.71 -2.41 0.70
C GLY A 27 -8.55 -3.36 0.95
N GLN A 28 -8.73 -4.26 1.91
CA GLN A 28 -7.69 -5.23 2.25
C GLN A 28 -8.25 -6.64 2.27
N LYS A 29 -7.72 -7.51 1.42
CA LYS A 29 -8.17 -8.90 1.35
C LYS A 29 -7.41 -9.77 2.35
N VAL A 30 -7.81 -11.03 2.45
CA VAL A 30 -7.16 -11.97 3.37
C VAL A 30 -6.90 -13.31 2.69
N VAL A 31 -5.75 -13.90 2.97
CA VAL A 31 -5.38 -15.18 2.39
C VAL A 31 -5.22 -16.25 3.47
N LYS A 32 -6.02 -17.31 3.36
CA LYS A 32 -5.98 -18.40 4.33
C LYS A 32 -4.61 -19.05 4.34
N GLY A 33 -3.91 -18.93 5.46
CA GLY A 33 -2.58 -19.52 5.59
C GLY A 33 -1.50 -18.47 5.73
N ASN A 34 -1.73 -17.29 5.18
CA ASN A 34 -0.77 -16.21 5.24
C ASN A 34 -0.96 -15.38 6.51
N PRO A 35 0.13 -15.08 7.24
CA PRO A 35 0.07 -14.29 8.47
C PRO A 35 -0.12 -12.81 8.19
N TYR A 36 0.33 -12.36 7.03
CA TYR A 36 0.20 -10.95 6.64
C TYR A 36 -0.87 -10.77 5.56
N PRO A 37 -2.08 -10.33 5.96
CA PRO A 37 -3.19 -10.12 5.02
C PRO A 37 -2.76 -9.27 3.82
N ARG A 38 -3.66 -9.15 2.85
CA ARG A 38 -3.39 -8.37 1.65
C ARG A 38 -3.58 -6.87 1.91
N SER A 39 -2.79 -6.05 1.25
CA SER A 39 -2.87 -4.60 1.40
C SER A 39 -2.93 -3.92 0.05
N TYR A 40 -4.00 -3.16 -0.18
CA TYR A 40 -4.18 -2.44 -1.44
C TYR A 40 -4.37 -0.95 -1.19
N TYR A 41 -3.37 -0.16 -1.58
CA TYR A 41 -3.43 1.28 -1.41
C TYR A 41 -3.64 1.99 -2.74
N LYS A 42 -3.61 3.32 -2.72
CA LYS A 42 -3.80 4.10 -3.94
C LYS A 42 -3.48 5.57 -3.69
N CYS A 43 -2.74 6.18 -4.61
CA CYS A 43 -2.38 7.58 -4.49
C CYS A 43 -3.58 8.48 -4.80
N THR A 44 -4.31 8.84 -3.75
CA THR A 44 -5.48 9.69 -3.91
C THR A 44 -5.13 11.16 -3.72
N THR A 45 -4.41 11.73 -4.69
CA THR A 45 -4.01 13.12 -4.62
C THR A 45 -4.92 13.99 -5.49
N PRO A 46 -4.93 15.32 -5.26
CA PRO A 46 -5.77 16.25 -6.02
C PRO A 46 -5.58 16.08 -7.53
N GLY A 47 -6.39 15.22 -8.14
CA GLY A 47 -6.30 14.98 -9.57
C GLY A 47 -5.59 13.68 -9.90
N CYS A 48 -4.75 13.22 -8.98
CA CYS A 48 -4.01 11.97 -9.19
C CYS A 48 -4.82 10.77 -8.70
N GLY A 49 -4.87 9.72 -9.51
CA GLY A 49 -5.60 8.53 -9.15
C GLY A 49 -4.83 7.26 -9.47
N VAL A 50 -3.68 7.09 -8.82
CA VAL A 50 -2.85 5.91 -9.04
C VAL A 50 -3.16 4.83 -8.02
N ARG A 51 -2.81 3.58 -8.36
CA ARG A 51 -3.05 2.46 -7.48
C ARG A 51 -1.81 1.57 -7.39
N LYS A 52 -1.64 0.92 -6.24
CA LYS A 52 -0.50 0.03 -6.04
C LYS A 52 -0.88 -1.13 -5.12
N HIS A 53 -0.52 -2.35 -5.55
CA HIS A 53 -0.82 -3.54 -4.78
C HIS A 53 0.39 -3.98 -3.95
N VAL A 54 0.22 -4.01 -2.63
CA VAL A 54 1.30 -4.41 -1.73
C VAL A 54 1.06 -5.81 -1.17
N GLU A 55 1.64 -6.80 -1.83
CA GLU A 55 1.50 -8.19 -1.40
C GLU A 55 2.77 -8.69 -0.73
N ARG A 56 2.61 -9.45 0.35
CA ARG A 56 3.76 -10.00 1.08
C ARG A 56 3.81 -11.52 0.94
N ALA A 57 4.90 -12.01 0.35
CA ALA A 57 5.09 -13.44 0.15
C ALA A 57 5.32 -14.15 1.48
N ALA A 58 4.40 -15.04 1.84
CA ALA A 58 4.51 -15.79 3.09
C ALA A 58 5.35 -17.05 2.91
N THR A 59 5.07 -17.78 1.82
CA THR A 59 5.80 -19.01 1.53
C THR A 59 7.30 -18.74 1.43
N ASP A 60 7.66 -17.59 0.86
CA ASP A 60 9.05 -17.21 0.70
C ASP A 60 9.62 -16.70 2.03
N PRO A 61 10.96 -16.75 2.17
CA PRO A 61 11.64 -16.29 3.40
C PRO A 61 11.51 -14.78 3.59
N LYS A 62 10.28 -14.32 3.82
CA LYS A 62 10.01 -12.90 4.02
C LYS A 62 10.25 -12.12 2.74
N ALA A 63 9.24 -12.05 1.89
CA ALA A 63 9.35 -11.33 0.63
C ALA A 63 8.22 -10.32 0.48
N VAL A 64 8.52 -9.20 -0.19
CA VAL A 64 7.53 -8.16 -0.40
C VAL A 64 7.45 -7.77 -1.87
N VAL A 65 6.41 -8.23 -2.55
CA VAL A 65 6.21 -7.93 -3.96
C VAL A 65 5.20 -6.80 -4.15
N THR A 66 5.68 -5.66 -4.64
CA THR A 66 4.81 -4.51 -4.85
C THR A 66 4.55 -4.29 -6.34
N THR A 67 3.36 -3.78 -6.66
CA THR A 67 2.99 -3.54 -8.05
C THR A 67 2.44 -2.13 -8.22
N TYR A 68 2.98 -1.40 -9.20
CA TYR A 68 2.54 -0.03 -9.47
C TYR A 68 1.79 0.04 -10.79
N GLU A 69 0.57 0.59 -10.75
CA GLU A 69 -0.25 0.72 -11.94
C GLU A 69 -0.67 2.17 -12.16
N GLY A 70 -0.17 2.77 -13.23
CA GLY A 70 -0.50 4.15 -13.53
C GLY A 70 0.66 5.10 -13.28
N LYS A 71 0.47 6.37 -13.63
CA LYS A 71 1.51 7.37 -13.44
C LYS A 71 1.01 8.51 -12.56
N HIS A 72 1.94 9.32 -12.06
CA HIS A 72 1.58 10.45 -11.21
C HIS A 72 1.43 11.73 -12.03
N ASN A 73 0.24 12.33 -11.97
CA ASN A 73 -0.04 13.55 -12.71
C ASN A 73 0.51 14.77 -11.98
N HIS A 74 0.63 14.66 -10.66
CA HIS A 74 1.14 15.75 -9.84
C HIS A 74 2.66 15.65 -9.68
N ASP A 75 3.28 16.74 -9.25
CA ASP A 75 4.72 16.78 -9.06
C ASP A 75 5.09 16.27 -7.66
N LEU A 76 6.38 16.36 -7.33
CA LEU A 76 6.86 15.90 -6.04
C LEU A 76 6.62 16.97 -4.96
N PRO A 77 5.74 16.68 -3.98
CA PRO A 77 5.43 17.63 -2.91
C PRO A 77 6.68 18.11 -2.19
N ALA A 78 6.50 18.94 -1.17
CA ALA A 78 7.61 19.48 -0.40
C ALA A 78 8.03 18.51 0.70
N VAL A 8 6.88 -2.68 19.32
CA VAL A 8 5.92 -2.38 20.42
C VAL A 8 4.49 -2.67 20.00
N GLN A 9 3.97 -3.84 20.41
CA GLN A 9 2.62 -4.24 20.06
C GLN A 9 1.71 -4.18 21.29
N THR A 10 1.13 -3.02 21.56
CA THR A 10 0.24 -2.84 22.69
C THR A 10 -1.22 -3.07 22.30
N THR A 11 -1.55 -2.71 21.07
CA THR A 11 -2.90 -2.86 20.56
C THR A 11 -2.92 -2.96 19.04
N SER A 12 -2.69 -1.84 18.37
CA SER A 12 -2.67 -1.80 16.92
C SER A 12 -1.53 -0.94 16.40
N GLU A 13 -0.47 -1.59 15.94
CA GLU A 13 0.70 -0.87 15.42
C GLU A 13 0.64 -0.77 13.90
N VAL A 14 -0.55 -0.52 13.37
CA VAL A 14 -0.74 -0.38 11.93
C VAL A 14 -0.61 1.06 11.49
N ASP A 15 0.62 1.51 11.31
CA ASP A 15 0.90 2.89 10.88
C ASP A 15 1.26 2.93 9.40
N LEU A 16 0.61 3.82 8.67
CA LEU A 16 0.87 3.98 7.24
C LEU A 16 2.21 4.65 7.00
N LEU A 17 3.10 3.96 6.28
CA LEU A 17 4.42 4.50 5.98
C LEU A 17 4.36 5.45 4.80
N ASP A 18 3.92 6.68 5.06
CA ASP A 18 3.81 7.70 4.02
C ASP A 18 5.12 8.45 3.86
N ASP A 19 5.44 8.83 2.62
CA ASP A 19 6.66 9.56 2.34
C ASP A 19 6.62 10.16 0.94
N GLY A 20 6.07 11.36 0.83
CA GLY A 20 5.97 12.03 -0.46
C GLY A 20 4.56 12.03 -1.01
N TYR A 21 4.21 10.98 -1.75
CA TYR A 21 2.89 10.87 -2.34
C TYR A 21 1.85 10.56 -1.27
N ARG A 22 0.61 11.00 -1.50
CA ARG A 22 -0.48 10.77 -0.56
C ARG A 22 -1.29 9.54 -0.97
N TRP A 23 -1.21 8.49 -0.17
CA TRP A 23 -1.94 7.27 -0.44
C TRP A 23 -3.11 7.09 0.53
N ARG A 24 -4.06 6.25 0.16
CA ARG A 24 -5.23 6.00 1.00
C ARG A 24 -5.72 4.56 0.84
N LYS A 25 -6.15 3.96 1.95
CA LYS A 25 -6.64 2.59 1.93
C LYS A 25 -8.07 2.53 1.44
N TYR A 26 -8.36 1.56 0.57
CA TYR A 26 -9.70 1.39 0.02
C TYR A 26 -10.16 -0.05 0.16
N GLY A 27 -9.29 -0.99 -0.19
CA GLY A 27 -9.63 -2.39 -0.10
C GLY A 27 -8.51 -3.23 0.50
N GLN A 28 -8.80 -4.49 0.78
CA GLN A 28 -7.81 -5.39 1.36
C GLN A 28 -8.28 -6.84 1.30
N LYS A 29 -7.41 -7.72 0.83
CA LYS A 29 -7.74 -9.14 0.72
C LYS A 29 -7.05 -9.94 1.81
N VAL A 30 -7.60 -11.12 2.11
CA VAL A 30 -7.05 -11.98 3.14
C VAL A 30 -6.82 -13.40 2.61
N VAL A 31 -5.65 -13.96 2.91
CA VAL A 31 -5.31 -15.30 2.46
C VAL A 31 -5.14 -16.25 3.64
N LYS A 32 -5.88 -17.36 3.62
CA LYS A 32 -5.81 -18.35 4.69
C LYS A 32 -4.41 -18.93 4.81
N GLY A 33 -3.87 -18.89 6.03
CA GLY A 33 -2.53 -19.41 6.25
C GLY A 33 -1.48 -18.32 6.29
N ASN A 34 -1.73 -17.23 5.59
CA ASN A 34 -0.80 -16.10 5.55
C ASN A 34 -1.01 -15.18 6.75
N PRO A 35 -0.04 -15.13 7.68
CA PRO A 35 -0.14 -14.29 8.87
C PRO A 35 -0.08 -12.80 8.54
N TYR A 36 0.33 -12.49 7.31
CA TYR A 36 0.42 -11.10 6.87
C TYR A 36 -0.65 -10.78 5.82
N PRO A 37 -1.80 -10.25 6.24
CA PRO A 37 -2.89 -9.91 5.33
C PRO A 37 -2.42 -9.08 4.14
N ARG A 38 -3.30 -8.91 3.16
CA ARG A 38 -2.98 -8.13 1.97
C ARG A 38 -3.66 -6.77 1.99
N SER A 39 -2.85 -5.71 1.97
CA SER A 39 -3.38 -4.35 1.99
C SER A 39 -3.29 -3.71 0.61
N TYR A 40 -4.26 -2.86 0.29
CA TYR A 40 -4.29 -2.19 -1.01
C TYR A 40 -4.50 -0.69 -0.83
N TYR A 41 -3.50 0.09 -1.23
CA TYR A 41 -3.58 1.55 -1.12
C TYR A 41 -3.76 2.19 -2.50
N LYS A 42 -3.96 3.50 -2.51
CA LYS A 42 -4.14 4.22 -3.77
C LYS A 42 -3.81 5.70 -3.60
N CYS A 43 -2.92 6.21 -4.47
CA CYS A 43 -2.53 7.61 -4.42
C CYS A 43 -3.66 8.51 -4.87
N THR A 44 -4.39 9.05 -3.90
CA THR A 44 -5.51 9.94 -4.20
C THR A 44 -5.09 11.40 -4.14
N THR A 45 -4.30 11.82 -5.12
CA THR A 45 -3.83 13.20 -5.20
C THR A 45 -4.66 14.00 -6.20
N PRO A 46 -4.70 15.33 -6.05
CA PRO A 46 -5.47 16.21 -6.95
C PRO A 46 -5.16 15.94 -8.42
N GLY A 47 -6.02 15.16 -9.06
CA GLY A 47 -5.83 14.84 -10.46
C GLY A 47 -5.16 13.48 -10.66
N CYS A 48 -4.40 13.06 -9.65
CA CYS A 48 -3.70 11.78 -9.72
C CYS A 48 -4.54 10.66 -9.11
N GLY A 49 -4.59 9.53 -9.81
CA GLY A 49 -5.35 8.39 -9.32
C GLY A 49 -4.60 7.09 -9.49
N VAL A 50 -3.46 6.97 -8.82
CA VAL A 50 -2.64 5.77 -8.90
C VAL A 50 -3.07 4.74 -7.86
N ARG A 51 -2.72 3.49 -8.10
CA ARG A 51 -3.06 2.40 -7.19
C ARG A 51 -1.91 1.41 -7.05
N LYS A 52 -1.72 0.90 -5.84
CA LYS A 52 -0.64 -0.05 -5.58
C LYS A 52 -1.10 -1.13 -4.60
N HIS A 53 -0.64 -2.36 -4.83
CA HIS A 53 -1.00 -3.48 -3.97
C HIS A 53 0.22 -4.00 -3.22
N VAL A 54 0.19 -3.90 -1.89
CA VAL A 54 1.30 -4.36 -1.06
C VAL A 54 1.03 -5.77 -0.55
N GLU A 55 1.75 -6.75 -1.13
CA GLU A 55 1.59 -8.13 -0.72
C GLU A 55 2.92 -8.71 -0.23
N ARG A 56 2.88 -9.42 0.89
CA ARG A 56 4.07 -10.03 1.46
C ARG A 56 4.18 -11.50 1.08
N ALA A 57 5.30 -11.87 0.47
CA ALA A 57 5.52 -13.25 0.04
C ALA A 57 5.73 -14.16 1.25
N ALA A 58 4.74 -15.00 1.53
CA ALA A 58 4.82 -15.92 2.65
C ALA A 58 5.64 -17.15 2.29
N THR A 59 5.25 -17.83 1.21
CA THR A 59 5.95 -19.03 0.77
C THR A 59 7.43 -18.74 0.55
N ASP A 60 7.73 -17.63 -0.12
CA ASP A 60 9.11 -17.25 -0.40
C ASP A 60 9.85 -16.95 0.91
N PRO A 61 11.19 -17.01 0.88
CA PRO A 61 12.02 -16.75 2.08
C PRO A 61 11.94 -15.30 2.52
N LYS A 62 10.76 -14.89 2.98
CA LYS A 62 10.55 -13.52 3.44
C LYS A 62 10.77 -12.53 2.30
N ALA A 63 9.76 -12.35 1.46
CA ALA A 63 9.85 -11.43 0.34
C ALA A 63 8.72 -10.41 0.36
N VAL A 64 8.90 -9.30 -0.35
CA VAL A 64 7.89 -8.26 -0.41
C VAL A 64 7.58 -7.87 -1.85
N VAL A 65 6.46 -8.36 -2.36
CA VAL A 65 6.05 -8.07 -3.73
C VAL A 65 5.08 -6.88 -3.77
N THR A 66 5.15 -6.11 -4.85
CA THR A 66 4.28 -4.95 -5.01
C THR A 66 3.89 -4.76 -6.47
N THR A 67 2.68 -4.24 -6.69
CA THR A 67 2.19 -4.01 -8.04
C THR A 67 1.64 -2.59 -8.19
N TYR A 68 2.33 -1.77 -8.98
CA TYR A 68 1.91 -0.40 -9.21
C TYR A 68 1.07 -0.29 -10.47
N GLU A 69 0.09 0.61 -10.45
CA GLU A 69 -0.79 0.82 -11.59
C GLU A 69 -1.12 2.30 -11.77
N GLY A 70 -0.63 2.90 -12.84
CA GLY A 70 -0.89 4.31 -13.09
C GLY A 70 0.32 5.18 -12.78
N LYS A 71 0.34 6.37 -13.37
CA LYS A 71 1.44 7.31 -13.15
C LYS A 71 0.99 8.47 -12.27
N HIS A 72 1.95 9.23 -11.77
CA HIS A 72 1.66 10.37 -10.91
C HIS A 72 1.46 11.63 -11.74
N ASN A 73 0.48 12.44 -11.35
CA ASN A 73 0.19 13.68 -12.06
C ASN A 73 0.47 14.89 -11.19
N HIS A 74 1.49 14.78 -10.34
CA HIS A 74 1.87 15.86 -9.44
C HIS A 74 3.34 15.79 -9.07
N ASP A 75 3.94 16.92 -8.75
CA ASP A 75 5.34 16.98 -8.38
C ASP A 75 5.54 16.45 -6.96
N LEU A 76 6.77 16.04 -6.65
CA LEU A 76 7.11 15.52 -5.33
C LEU A 76 6.83 16.56 -4.25
N PRO A 77 5.80 16.33 -3.42
CA PRO A 77 5.43 17.26 -2.34
C PRO A 77 6.60 17.54 -1.40
N ALA A 78 6.32 18.21 -0.30
CA ALA A 78 7.34 18.55 0.69
C ALA A 78 6.74 18.77 2.06
N VAL A 8 -10.16 15.39 18.46
CA VAL A 8 -9.73 14.41 19.48
C VAL A 8 -8.47 13.67 19.06
N GLN A 9 -7.35 13.99 19.70
CA GLN A 9 -6.08 13.36 19.38
C GLN A 9 -5.66 12.40 20.49
N THR A 10 -5.34 11.16 20.10
CA THR A 10 -4.92 10.15 21.05
C THR A 10 -3.61 9.50 20.63
N THR A 11 -3.67 8.71 19.56
CA THR A 11 -2.49 8.03 19.05
C THR A 11 -2.78 7.38 17.69
N SER A 12 -2.44 8.09 16.62
CA SER A 12 -2.66 7.60 15.27
C SER A 12 -1.44 6.84 14.77
N GLU A 13 -1.60 5.54 14.56
CA GLU A 13 -0.52 4.69 14.09
C GLU A 13 -0.27 4.92 12.59
N VAL A 14 0.44 6.00 12.28
CA VAL A 14 0.75 6.32 10.89
C VAL A 14 1.78 5.36 10.31
N ASP A 15 1.30 4.27 9.72
CA ASP A 15 2.17 3.27 9.13
C ASP A 15 2.74 3.76 7.80
N LEU A 16 1.96 4.58 7.10
CA LEU A 16 2.39 5.12 5.82
C LEU A 16 3.50 6.14 6.00
N LEU A 17 4.64 5.89 5.36
CA LEU A 17 5.79 6.78 5.44
C LEU A 17 5.69 7.89 4.39
N ASP A 18 5.82 9.14 4.84
CA ASP A 18 5.75 10.28 3.94
C ASP A 18 7.06 10.47 3.20
N ASP A 19 7.09 10.08 1.94
CA ASP A 19 8.30 10.21 1.12
C ASP A 19 8.13 11.31 0.08
N GLY A 20 6.91 11.49 -0.40
CA GLY A 20 6.64 12.53 -1.39
C GLY A 20 5.18 12.58 -1.80
N TYR A 21 4.68 11.48 -2.36
CA TYR A 21 3.29 11.41 -2.79
C TYR A 21 2.37 11.15 -1.60
N ARG A 22 1.07 11.11 -1.87
CA ARG A 22 0.08 10.87 -0.83
C ARG A 22 -0.76 9.64 -1.16
N TRP A 23 -0.50 8.54 -0.46
CA TRP A 23 -1.24 7.30 -0.68
C TRP A 23 -2.27 7.08 0.41
N ARG A 24 -3.23 6.20 0.15
CA ARG A 24 -4.28 5.89 1.12
C ARG A 24 -4.87 4.51 0.86
N LYS A 25 -5.13 3.77 1.94
CA LYS A 25 -5.69 2.44 1.83
C LYS A 25 -7.12 2.49 1.32
N TYR A 26 -7.52 1.48 0.56
CA TYR A 26 -8.88 1.41 0.01
C TYR A 26 -9.43 -0.01 0.10
N GLY A 27 -8.62 -0.98 -0.31
CA GLY A 27 -9.05 -2.37 -0.27
C GLY A 27 -7.99 -3.29 0.30
N GLN A 28 -8.42 -4.23 1.13
CA GLN A 28 -7.50 -5.17 1.75
C GLN A 28 -8.13 -6.57 1.86
N LYS A 29 -7.63 -7.50 1.06
CA LYS A 29 -8.14 -8.86 1.07
C LYS A 29 -7.28 -9.77 1.94
N VAL A 30 -7.78 -10.98 2.19
CA VAL A 30 -7.06 -11.94 3.02
C VAL A 30 -6.89 -13.27 2.29
N VAL A 31 -5.79 -13.96 2.58
CA VAL A 31 -5.52 -15.25 1.94
C VAL A 31 -5.74 -16.39 2.92
N LYS A 32 -6.34 -17.47 2.43
CA LYS A 32 -6.62 -18.65 3.26
C LYS A 32 -5.35 -19.47 3.46
N GLY A 33 -4.66 -19.23 4.56
CA GLY A 33 -3.45 -19.97 4.86
C GLY A 33 -2.32 -19.06 5.33
N ASN A 34 -2.08 -17.98 4.60
CA ASN A 34 -1.03 -17.04 4.95
C ASN A 34 -1.46 -16.16 6.14
N PRO A 35 -0.57 -15.98 7.13
CA PRO A 35 -0.86 -15.17 8.31
C PRO A 35 -0.83 -13.67 8.00
N TYR A 36 -0.01 -13.28 7.03
CA TYR A 36 0.11 -11.89 6.64
C TYR A 36 -1.01 -11.49 5.68
N PRO A 37 -1.82 -10.47 6.04
CA PRO A 37 -2.92 -10.01 5.19
C PRO A 37 -2.42 -9.26 3.95
N ARG A 38 -3.34 -8.99 3.03
CA ARG A 38 -3.00 -8.29 1.80
C ARG A 38 -3.57 -6.88 1.80
N SER A 39 -2.70 -5.89 2.03
CA SER A 39 -3.11 -4.50 2.05
C SER A 39 -2.83 -3.82 0.72
N TYR A 40 -3.70 -2.91 0.32
CA TYR A 40 -3.54 -2.18 -0.94
C TYR A 40 -3.75 -0.69 -0.73
N TYR A 41 -2.87 0.11 -1.32
CA TYR A 41 -2.96 1.56 -1.21
C TYR A 41 -3.20 2.19 -2.57
N LYS A 42 -3.32 3.52 -2.60
CA LYS A 42 -3.54 4.24 -3.85
C LYS A 42 -3.31 5.73 -3.67
N CYS A 43 -2.53 6.32 -4.58
CA CYS A 43 -2.23 7.74 -4.53
C CYS A 43 -3.49 8.57 -4.79
N THR A 44 -4.10 9.04 -3.72
CA THR A 44 -5.31 9.84 -3.82
C THR A 44 -4.99 11.34 -3.80
N THR A 45 -4.36 11.82 -4.86
CA THR A 45 -4.00 13.22 -4.97
C THR A 45 -5.00 13.98 -5.85
N PRO A 46 -5.07 15.32 -5.69
CA PRO A 46 -5.99 16.15 -6.48
C PRO A 46 -5.85 15.91 -7.98
N GLY A 47 -6.61 14.95 -8.49
CA GLY A 47 -6.56 14.64 -9.91
C GLY A 47 -5.82 13.34 -10.19
N CYS A 48 -4.90 12.98 -9.29
CA CYS A 48 -4.12 11.76 -9.45
C CYS A 48 -4.86 10.56 -8.86
N GLY A 49 -5.00 9.51 -9.65
CA GLY A 49 -5.70 8.31 -9.20
C GLY A 49 -4.88 7.05 -9.40
N VAL A 50 -3.73 6.97 -8.75
CA VAL A 50 -2.87 5.81 -8.87
C VAL A 50 -3.18 4.77 -7.79
N ARG A 51 -3.11 3.49 -8.17
CA ARG A 51 -3.38 2.41 -7.24
C ARG A 51 -2.22 1.43 -7.18
N LYS A 52 -1.81 1.08 -5.97
CA LYS A 52 -0.71 0.15 -5.77
C LYS A 52 -1.10 -0.96 -4.80
N HIS A 53 -0.40 -2.09 -4.89
CA HIS A 53 -0.68 -3.23 -4.03
C HIS A 53 0.58 -3.68 -3.29
N VAL A 54 0.42 -4.10 -2.04
CA VAL A 54 1.54 -4.56 -1.23
C VAL A 54 1.30 -5.96 -0.70
N GLU A 55 1.62 -6.96 -1.51
CA GLU A 55 1.44 -8.35 -1.12
C GLU A 55 2.64 -8.86 -0.32
N ARG A 56 2.40 -9.84 0.54
CA ARG A 56 3.46 -10.42 1.37
C ARG A 56 3.50 -11.94 1.22
N ALA A 57 4.38 -12.42 0.37
CA ALA A 57 4.51 -13.86 0.14
C ALA A 57 5.07 -14.56 1.38
N ALA A 58 4.41 -15.64 1.78
CA ALA A 58 4.83 -16.41 2.94
C ALA A 58 5.82 -17.51 2.56
N THR A 59 5.82 -17.88 1.29
CA THR A 59 6.72 -18.93 0.80
C THR A 59 8.17 -18.64 1.19
N ASP A 60 8.55 -17.36 1.17
CA ASP A 60 9.90 -16.95 1.53
C ASP A 60 9.94 -16.42 2.96
N PRO A 61 11.15 -16.31 3.54
CA PRO A 61 11.32 -15.82 4.91
C PRO A 61 10.61 -14.49 5.14
N LYS A 62 10.47 -13.70 4.07
CA LYS A 62 9.81 -12.41 4.15
C LYS A 62 9.75 -11.74 2.78
N ALA A 63 8.84 -12.21 1.94
CA ALA A 63 8.68 -11.66 0.60
C ALA A 63 7.66 -10.53 0.59
N VAL A 64 8.07 -9.38 0.07
CA VAL A 64 7.18 -8.22 -0.01
C VAL A 64 7.13 -7.65 -1.42
N VAL A 65 6.26 -8.23 -2.25
CA VAL A 65 6.11 -7.78 -3.63
C VAL A 65 5.17 -6.58 -3.72
N THR A 66 5.50 -5.64 -4.59
CA THR A 66 4.69 -4.44 -4.78
C THR A 66 4.36 -4.23 -6.24
N THR A 67 3.18 -3.68 -6.50
CA THR A 67 2.73 -3.42 -7.87
C THR A 67 2.20 -2.00 -8.02
N TYR A 68 2.64 -1.30 -9.05
CA TYR A 68 2.21 0.06 -9.29
C TYR A 68 1.44 0.16 -10.61
N GLU A 69 0.21 0.66 -10.53
CA GLU A 69 -0.63 0.81 -11.70
C GLU A 69 -1.08 2.25 -11.89
N GLY A 70 -0.71 2.85 -13.02
CA GLY A 70 -1.08 4.23 -13.29
C GLY A 70 0.08 5.18 -13.15
N LYS A 71 -0.08 6.39 -13.66
CA LYS A 71 0.97 7.40 -13.59
C LYS A 71 0.54 8.58 -12.73
N HIS A 72 1.51 9.33 -12.22
CA HIS A 72 1.23 10.48 -11.38
C HIS A 72 0.90 11.70 -12.24
N ASN A 73 -0.05 12.52 -11.75
CA ASN A 73 -0.47 13.71 -12.47
C ASN A 73 -0.15 14.96 -11.66
N HIS A 74 0.92 14.90 -10.89
CA HIS A 74 1.34 16.04 -10.06
C HIS A 74 2.83 15.99 -9.79
N ASP A 75 3.46 17.17 -9.75
CA ASP A 75 4.89 17.26 -9.49
C ASP A 75 5.23 16.72 -8.11
N LEU A 76 6.50 16.36 -7.91
CA LEU A 76 6.96 15.84 -6.63
C LEU A 76 6.91 16.93 -5.55
N PRO A 77 6.02 16.78 -4.56
CA PRO A 77 5.89 17.75 -3.46
C PRO A 77 7.21 18.00 -2.74
N ALA A 78 7.17 18.82 -1.71
CA ALA A 78 8.37 19.14 -0.94
C ALA A 78 8.00 19.70 0.43
N VAL A 8 -17.67 13.14 8.37
CA VAL A 8 -16.51 13.33 9.28
C VAL A 8 -15.73 12.05 9.45
N GLN A 9 -14.46 12.08 9.01
CA GLN A 9 -13.60 10.90 9.12
C GLN A 9 -12.51 11.14 10.16
N THR A 10 -11.98 10.04 10.71
CA THR A 10 -10.93 10.12 11.72
C THR A 10 -10.00 8.92 11.64
N THR A 11 -8.89 9.08 10.91
CA THR A 11 -7.93 8.01 10.76
C THR A 11 -6.53 8.48 11.14
N SER A 12 -6.17 8.30 12.41
CA SER A 12 -4.86 8.70 12.90
C SER A 12 -3.91 7.50 12.98
N GLU A 13 -4.11 6.55 12.08
CA GLU A 13 -3.27 5.35 12.05
C GLU A 13 -1.95 5.62 11.34
N VAL A 14 -0.90 5.85 12.11
CA VAL A 14 0.42 6.12 11.54
C VAL A 14 1.00 4.86 10.89
N ASP A 15 0.40 4.43 9.79
CA ASP A 15 0.86 3.24 9.08
C ASP A 15 1.55 3.63 7.78
N LEU A 16 1.09 4.73 7.17
CA LEU A 16 1.66 5.20 5.91
C LEU A 16 2.77 6.21 6.17
N LEU A 17 3.98 5.87 5.76
CA LEU A 17 5.13 6.75 5.94
C LEU A 17 5.24 7.75 4.80
N ASP A 18 4.69 8.95 5.01
CA ASP A 18 4.72 10.00 4.00
C ASP A 18 6.16 10.36 3.63
N ASP A 19 6.54 10.07 2.39
CA ASP A 19 7.88 10.35 1.91
C ASP A 19 7.84 11.20 0.65
N GLY A 20 6.95 10.85 -0.27
CA GLY A 20 6.83 11.59 -1.51
C GLY A 20 5.38 11.80 -1.91
N TYR A 21 4.72 10.71 -2.28
CA TYR A 21 3.32 10.77 -2.70
C TYR A 21 2.39 10.57 -1.51
N ARG A 22 1.09 10.73 -1.75
CA ARG A 22 0.09 10.55 -0.70
C ARG A 22 -0.89 9.45 -1.05
N TRP A 23 -0.76 8.31 -0.39
CA TRP A 23 -1.64 7.17 -0.63
C TRP A 23 -2.67 7.03 0.48
N ARG A 24 -3.77 6.34 0.18
CA ARG A 24 -4.83 6.13 1.17
C ARG A 24 -5.41 4.73 1.04
N LYS A 25 -5.84 4.17 2.18
CA LYS A 25 -6.41 2.83 2.20
C LYS A 25 -7.91 2.88 1.90
N TYR A 26 -8.39 1.90 1.15
CA TYR A 26 -9.79 1.82 0.79
C TYR A 26 -10.38 0.46 1.14
N GLY A 27 -9.66 -0.61 0.78
CA GLY A 27 -10.13 -1.95 1.07
C GLY A 27 -8.98 -2.89 1.40
N GLN A 28 -9.33 -4.13 1.76
CA GLN A 28 -8.32 -5.13 2.10
C GLN A 28 -8.74 -6.50 1.58
N LYS A 29 -7.75 -7.27 1.12
CA LYS A 29 -8.01 -8.61 0.59
C LYS A 29 -7.40 -9.67 1.49
N VAL A 30 -7.75 -10.93 1.25
CA VAL A 30 -7.23 -12.04 2.04
C VAL A 30 -6.69 -13.14 1.14
N VAL A 31 -5.63 -13.82 1.60
CA VAL A 31 -5.02 -14.89 0.84
C VAL A 31 -4.95 -16.18 1.65
N LYS A 32 -5.63 -17.22 1.17
CA LYS A 32 -5.65 -18.50 1.86
C LYS A 32 -4.26 -19.14 1.86
N GLY A 33 -3.68 -19.29 3.04
CA GLY A 33 -2.35 -19.88 3.15
C GLY A 33 -1.36 -18.95 3.81
N ASN A 34 -1.31 -17.71 3.32
CA ASN A 34 -0.39 -16.71 3.86
C ASN A 34 -0.97 -16.06 5.11
N PRO A 35 -0.18 -15.99 6.20
CA PRO A 35 -0.64 -15.37 7.45
C PRO A 35 -0.71 -13.86 7.37
N TYR A 36 0.15 -13.28 6.54
CA TYR A 36 0.19 -11.83 6.36
C TYR A 36 -0.97 -11.36 5.50
N PRO A 37 -1.81 -10.44 6.01
CA PRO A 37 -2.95 -9.91 5.26
C PRO A 37 -2.52 -9.02 4.10
N ARG A 38 -3.43 -8.78 3.17
CA ARG A 38 -3.15 -7.94 2.02
C ARG A 38 -3.71 -6.53 2.22
N SER A 39 -2.82 -5.53 2.14
CA SER A 39 -3.22 -4.15 2.31
C SER A 39 -3.20 -3.40 0.97
N TYR A 40 -4.31 -2.75 0.65
CA TYR A 40 -4.42 -2.01 -0.61
C TYR A 40 -4.29 -0.51 -0.36
N TYR A 41 -3.68 0.19 -1.31
CA TYR A 41 -3.49 1.63 -1.20
C TYR A 41 -3.69 2.30 -2.55
N LYS A 42 -3.76 3.63 -2.55
CA LYS A 42 -3.96 4.39 -3.78
C LYS A 42 -3.60 5.86 -3.59
N CYS A 43 -2.84 6.39 -4.53
CA CYS A 43 -2.42 7.80 -4.47
C CYS A 43 -3.59 8.71 -4.84
N THR A 44 -4.26 9.25 -3.82
CA THR A 44 -5.39 10.15 -4.04
C THR A 44 -4.96 11.61 -4.03
N THR A 45 -4.24 12.02 -5.07
CA THR A 45 -3.77 13.40 -5.18
C THR A 45 -4.66 14.20 -6.12
N PRO A 46 -4.59 15.55 -6.06
CA PRO A 46 -5.39 16.42 -6.91
C PRO A 46 -5.26 16.07 -8.40
N GLY A 47 -6.12 15.18 -8.86
CA GLY A 47 -6.08 14.78 -10.26
C GLY A 47 -5.45 13.41 -10.45
N CYS A 48 -4.55 13.04 -9.55
CA CYS A 48 -3.87 11.76 -9.62
C CYS A 48 -4.71 10.66 -8.96
N GLY A 49 -4.82 9.53 -9.64
CA GLY A 49 -5.59 8.41 -9.11
C GLY A 49 -4.90 7.08 -9.30
N VAL A 50 -3.74 6.94 -8.67
CA VAL A 50 -2.97 5.69 -8.77
C VAL A 50 -3.42 4.68 -7.71
N ARG A 51 -3.18 3.40 -8.00
CA ARG A 51 -3.57 2.33 -7.08
C ARG A 51 -2.50 1.24 -7.04
N LYS A 52 -1.95 1.00 -5.86
CA LYS A 52 -0.91 -0.02 -5.70
C LYS A 52 -1.38 -1.12 -4.75
N HIS A 53 -0.74 -2.27 -4.82
CA HIS A 53 -1.09 -3.41 -3.97
C HIS A 53 0.12 -3.87 -3.15
N VAL A 54 -0.04 -3.90 -1.84
CA VAL A 54 1.04 -4.33 -0.95
C VAL A 54 0.77 -5.72 -0.38
N GLU A 55 1.58 -6.69 -0.79
CA GLU A 55 1.44 -8.06 -0.33
C GLU A 55 2.79 -8.64 0.09
N ARG A 56 2.78 -9.43 1.17
CA ARG A 56 4.00 -10.04 1.66
C ARG A 56 4.05 -11.52 1.30
N ALA A 57 5.10 -11.91 0.58
CA ALA A 57 5.26 -13.30 0.17
C ALA A 57 5.74 -14.17 1.33
N ALA A 58 4.95 -15.17 1.68
CA ALA A 58 5.28 -16.07 2.77
C ALA A 58 6.15 -17.22 2.28
N THR A 59 6.01 -17.58 1.01
CA THR A 59 6.79 -18.67 0.43
C THR A 59 8.28 -18.47 0.67
N ASP A 60 8.71 -17.22 0.73
CA ASP A 60 10.11 -16.89 0.98
C ASP A 60 10.33 -16.51 2.44
N PRO A 61 11.58 -16.64 2.93
CA PRO A 61 11.91 -16.31 4.32
C PRO A 61 11.46 -14.90 4.70
N LYS A 62 11.32 -14.04 3.69
CA LYS A 62 10.89 -12.67 3.92
C LYS A 62 10.78 -11.90 2.60
N ALA A 63 9.69 -12.16 1.87
CA ALA A 63 9.46 -11.50 0.60
C ALA A 63 8.30 -10.52 0.68
N VAL A 64 8.44 -9.39 0.00
CA VAL A 64 7.41 -8.35 0.00
C VAL A 64 7.20 -7.78 -1.39
N VAL A 65 6.28 -8.38 -2.14
CA VAL A 65 5.98 -7.92 -3.50
C VAL A 65 5.03 -6.73 -3.48
N THR A 66 5.35 -5.72 -4.28
CA THR A 66 4.52 -4.52 -4.35
C THR A 66 4.22 -4.16 -5.80
N THR A 67 2.94 -4.11 -6.14
CA THR A 67 2.52 -3.78 -7.49
C THR A 67 2.18 -2.30 -7.62
N TYR A 68 2.34 -1.76 -8.82
CA TYR A 68 2.06 -0.34 -9.07
C TYR A 68 1.24 -0.17 -10.36
N GLU A 69 -0.03 0.16 -10.20
CA GLU A 69 -0.92 0.36 -11.35
C GLU A 69 -1.26 1.83 -11.52
N GLY A 70 -0.83 2.40 -12.64
CA GLY A 70 -1.11 3.81 -12.91
C GLY A 70 0.06 4.71 -12.57
N LYS A 71 0.33 5.70 -13.42
CA LYS A 71 1.42 6.63 -13.19
C LYS A 71 0.95 7.85 -12.41
N HIS A 72 1.89 8.71 -12.04
CA HIS A 72 1.57 9.92 -11.30
C HIS A 72 1.42 11.12 -12.23
N ASN A 73 0.36 11.90 -12.03
CA ASN A 73 0.12 13.07 -12.85
C ASN A 73 0.48 14.35 -12.11
N HIS A 74 1.47 14.26 -11.24
CA HIS A 74 1.92 15.41 -10.45
C HIS A 74 3.39 15.27 -10.08
N ASP A 75 4.03 16.40 -9.80
CA ASP A 75 5.44 16.41 -9.43
C ASP A 75 5.61 16.06 -7.95
N LEU A 76 6.85 15.73 -7.57
CA LEU A 76 7.14 15.37 -6.19
C LEU A 76 7.05 16.61 -5.28
N PRO A 77 6.21 16.55 -4.23
CA PRO A 77 6.06 17.68 -3.30
C PRO A 77 7.27 17.85 -2.39
N ALA A 78 7.30 18.97 -1.67
CA ALA A 78 8.41 19.25 -0.76
C ALA A 78 8.09 18.80 0.65
#